data_6EHG
#
_entry.id   6EHG
#
_cell.length_a   255.310
_cell.length_b   64.880
_cell.length_c   144.720
_cell.angle_alpha   90.00
_cell.angle_beta   90.00
_cell.angle_gamma   90.00
#
_symmetry.space_group_name_H-M   'P 21 21 2'
#
loop_
_entity.id
_entity.type
_entity.pdbx_description
1 polymer 'Complement C3'
2 polymer 'Complement C3'
3 polymer hC3Nb1
4 branched beta-D-mannopyranose-(1-4)-2-acetamido-2-deoxy-beta-D-glucopyranose-(1-4)-2-acetamido-2-deoxy-beta-D-glucopyranose
5 non-polymer 2-acetamido-2-deoxy-beta-D-glucopyranose
#
loop_
_entity_poly.entity_id
_entity_poly.type
_entity_poly.pdbx_seq_one_letter_code
_entity_poly.pdbx_strand_id
1 'polypeptide(L)'
;SPMYSIITPNILRLESEETMVLEAHDAQGDVPVTVTVHDFPGKKLVLSSEKTVLTPATNHMGNVTFTIPANREFKSEKGR
NKFVTVQATFGTQVVEKVVLVSLQSGYLFIQTDKTIYTPGSTVLYRIFTVNHKLLPVGRTVMVNIENPEGIPVKQDSLSS
QNQLGVLPLSWDIPELVNMGQWKIRAYYENSPQQVFSTEFEVKEYVLPSFEVIVEPTEKFYYIYNEKGLEVTITARFLYG
KKVEGTAFVIFGIQDGEQRISLPESLKRIPIEDGSGEVVLSRKVLLDGVQNPRAEDLVGKSLYVSATVILHSGSDMVQAE
RSGIPIVTSPYQIHFTKTPKYFKPGMPFDLMVFVTNPDGSPAYRVPVAVQGEETVQSLTQGDGVAKLSINTHPSQKPLSI
TVRTKKQEISEAEQATRTMQALPYSTVGNSNNYLHLSVLRTELRPGETLNVNFLLRMDRAHEAKIRYYTYLIMNKGRLLK
AGRQVREPGQDLVVLPLSITTDFIPSFRLVAYYTLIGASGQREVVADSVWVDVKDSCVGSLVVKSGQSEDRQPVPGQQMT
LKIEGDHGARVVLVAVDKGVFVLNKKNKLTQSKIWDVVEKADIGCTPGSGKDYAGVFSDAGLTFTSSSGQQTAQRAELQC
PQP
;
A
2 'polypeptide(L)'
;SNLDEDIIAEENIVSRSEFPESWLWNVEDLKEPPKNGISTKLMNIFLKDSITTWEILAVSMSDKKGICVADPFEVTVMQD
FFIDLRLPYSVVRNEQVEIRAVLYNYRQNQELKVRVELLHNPAFCSLATTKRRHQQTVTIPPKSSLSVPYVIVPLKTGLQ
EVEVKAAVYHHFISDGVRKSLKVVPEGIRMNKTVAVRTLDPERLGREGVQKEDIPPADLSDQVPDTESETRILLQGTPVA
QMTEDAVDAERLKHLIVTPSGCGEENMIGMTPTVIAVHYLDETEQWEKFGLEKRQGALELIKKGYTQQLAFRQPSSAFAA
FVKRAPSTWLTAYVVKVFSLAVNLIAIDSQVLCGAVKWLILEKQKPDGVFQEDAPVIHQEMIGGLRNNNEKDMALTAFVL
ISLQEAKDICEEQVNSLPGSITKAGDFLEANYMNLQRSYTVAIAGYALAQMGRLKGPLLNKFLTTAKDKNRWEDPGKQLY
NVEATSYALLALLQLKDFDFVPPVVRWLNEQRYYGGGYGSTQATFMVFQALAQYQKDAPDHQELNLDVSLQLPSRSSKIT
HRIHWESASLLRSEETKENEGFTVTAEGKGQGTLSVVTMYHAKAKDQLTCNKFDLKVTIKPAPETEKRPQDNKNTMILEI
CTRYRGDQDATMSILDISMMTGFAPDTDDLKQLANGVDRYISKYELDKAFSDRNTLIIYLDKVSHSEDDCLAFKVHQYFN
VELIQPGAVKVYAYYNLEESCTRFYHPEKEDGKLNKLCRDELCRCAEENCFIQKSDDKVTLEERLDKACEPGVDYVYKTR
LVKVQLSNDFDEYIMAIEQTIKSGSDEVQVGQQRTFISPIKCREALKLEEKKHYLMWGLSSDFWGEKPNLSYIIGKDTWV
EHWPEEDECQDEENQKQCQDLGAFTESMVVFGCPN
;
B
3 'polypeptide(L)'
;MQVQLVETGGGLVQAGGSLRLSCAASGSIFSLNAMGWFRQAPGKEREFVATINRSGGRTYYADSVKGRFTISRDNGKNMV
YLQMHSLKPEDTAIYYCAAGTGWSPQTDNEYNYWGQGTQVTVSSHHHHHH
;
C
#
# COMPACT_ATOMS: atom_id res chain seq x y z
N SER A 1 -44.73 34.88 20.44
CA SER A 1 -44.36 33.61 21.05
C SER A 1 -42.92 33.24 20.72
N PRO A 2 -42.22 32.66 21.69
CA PRO A 2 -40.82 32.29 21.45
C PRO A 2 -40.69 31.03 20.63
N MET A 3 -39.73 31.04 19.71
CA MET A 3 -39.39 29.88 18.91
C MET A 3 -38.00 29.40 19.31
N TYR A 4 -37.91 28.15 19.75
CA TYR A 4 -36.64 27.53 20.10
C TYR A 4 -36.15 26.71 18.91
N SER A 5 -34.89 26.95 18.51
CA SER A 5 -34.30 26.28 17.36
C SER A 5 -33.01 25.60 17.76
N ILE A 6 -32.76 24.44 17.17
CA ILE A 6 -31.52 23.69 17.36
C ILE A 6 -30.93 23.37 16.00
N ILE A 7 -29.60 23.35 15.95
CA ILE A 7 -28.87 23.07 14.71
C ILE A 7 -27.74 22.10 15.04
N THR A 8 -27.65 21.02 14.26
CA THR A 8 -26.60 20.03 14.35
C THR A 8 -26.16 19.69 12.93
N PRO A 9 -25.00 19.05 12.77
CA PRO A 9 -24.63 18.56 11.43
C PRO A 9 -25.61 17.51 10.94
N ASN A 10 -25.71 17.39 9.61
CA ASN A 10 -26.58 16.38 9.02
C ASN A 10 -26.17 14.98 9.43
N ILE A 11 -24.86 14.74 9.55
CA ILE A 11 -24.31 13.43 9.86
C ILE A 11 -23.44 13.55 11.10
N LEU A 12 -23.66 12.67 12.07
CA LEU A 12 -22.88 12.64 13.29
C LEU A 12 -21.87 11.48 13.24
N ARG A 13 -20.72 11.69 13.86
CA ARG A 13 -19.65 10.71 13.85
C ARG A 13 -19.46 10.12 15.24
N LEU A 14 -18.88 8.92 15.27
CA LEU A 14 -18.60 8.24 16.52
C LEU A 14 -17.27 8.72 17.09
N GLU A 15 -17.22 8.86 18.43
CA GLU A 15 -16.06 9.31 19.17
C GLU A 15 -15.57 10.69 18.75
N SER A 16 -16.33 11.39 17.93
CA SER A 16 -15.99 12.74 17.48
C SER A 16 -16.86 13.75 18.21
N GLU A 17 -16.24 14.85 18.62
CA GLU A 17 -16.95 15.91 19.35
C GLU A 17 -17.75 16.73 18.36
N GLU A 18 -19.06 16.52 18.34
CA GLU A 18 -19.96 17.32 17.53
C GLU A 18 -20.51 18.46 18.36
N THR A 19 -20.89 19.54 17.68
CA THR A 19 -21.39 20.74 18.33
C THR A 19 -22.86 20.93 18.01
N MET A 20 -23.64 21.37 19.01
CA MET A 20 -25.06 21.61 18.86
C MET A 20 -25.38 22.99 19.41
N VAL A 21 -25.77 23.91 18.54
CA VAL A 21 -26.06 25.29 18.93
C VAL A 21 -27.53 25.42 19.26
N LEU A 22 -27.82 26.04 20.40
CA LEU A 22 -29.18 26.19 20.92
C LEU A 22 -29.54 27.67 20.93
N GLU A 23 -30.72 27.99 20.38
CA GLU A 23 -31.18 29.37 20.32
C GLU A 23 -32.59 29.47 20.88
N ALA A 24 -32.88 30.64 21.45
CA ALA A 24 -34.19 30.96 22.02
C ALA A 24 -34.62 32.32 21.46
N HIS A 25 -35.29 32.29 20.31
CA HIS A 25 -35.68 33.52 19.63
C HIS A 25 -36.87 34.17 20.31
N ASP A 26 -36.82 35.51 20.43
CA ASP A 26 -37.93 36.31 20.93
C ASP A 26 -38.37 35.84 22.32
N ALA A 27 -37.43 35.83 23.26
CA ALA A 27 -37.69 35.38 24.61
C ALA A 27 -36.99 36.29 25.60
N GLN A 28 -37.57 36.39 26.79
CA GLN A 28 -36.99 37.13 27.91
C GLN A 28 -36.76 36.19 29.07
N GLY A 29 -35.72 36.48 29.85
CA GLY A 29 -35.36 35.65 30.98
C GLY A 29 -34.48 34.47 30.59
N ASP A 30 -34.01 33.76 31.60
CA ASP A 30 -33.13 32.62 31.39
C ASP A 30 -33.92 31.41 30.92
N VAL A 31 -33.31 30.62 30.04
CA VAL A 31 -33.93 29.44 29.45
C VAL A 31 -33.04 28.24 29.72
N PRO A 32 -33.41 27.38 30.66
CA PRO A 32 -32.61 26.17 30.92
C PRO A 32 -32.85 25.12 29.85
N VAL A 33 -31.76 24.55 29.34
CA VAL A 33 -31.80 23.58 28.24
C VAL A 33 -31.09 22.32 28.69
N THR A 34 -31.78 21.19 28.57
CA THR A 34 -31.21 19.87 28.84
C THR A 34 -31.17 19.10 27.52
N VAL A 35 -29.97 18.89 26.99
CA VAL A 35 -29.78 18.19 25.73
C VAL A 35 -29.47 16.73 26.04
N THR A 36 -30.21 15.82 25.39
CA THR A 36 -29.99 14.39 25.52
C THR A 36 -29.87 13.76 24.15
N VAL A 37 -29.05 12.72 24.05
CA VAL A 37 -28.85 11.97 22.82
C VAL A 37 -29.19 10.52 23.10
N HIS A 38 -30.26 10.03 22.49
CA HIS A 38 -30.70 8.65 22.63
C HIS A 38 -30.51 7.90 21.31
N ASP A 39 -30.72 6.59 21.37
CA ASP A 39 -30.59 5.74 20.20
C ASP A 39 -31.86 5.87 19.35
N PHE A 40 -32.06 4.94 18.42
CA PHE A 40 -33.19 4.96 17.49
C PHE A 40 -33.20 3.60 16.83
N PRO A 41 -34.36 2.98 16.61
CA PRO A 41 -35.73 3.48 16.85
C PRO A 41 -36.16 3.51 18.31
N GLY A 42 -35.29 3.09 19.22
CA GLY A 42 -35.59 3.13 20.63
C GLY A 42 -35.21 4.45 21.26
N LYS A 43 -35.43 4.52 22.58
CA LYS A 43 -34.99 5.66 23.38
C LYS A 43 -34.47 5.21 24.73
N LYS A 44 -34.12 3.93 24.88
CA LYS A 44 -33.74 3.41 26.19
C LYS A 44 -32.39 3.95 26.63
N LEU A 45 -31.42 4.00 25.72
CA LEU A 45 -30.06 4.38 26.07
C LEU A 45 -29.89 5.89 26.05
N VAL A 46 -29.09 6.39 26.99
CA VAL A 46 -28.73 7.80 27.07
C VAL A 46 -27.27 7.89 26.65
N LEU A 47 -27.02 8.29 25.41
CA LEU A 47 -25.66 8.35 24.89
C LEU A 47 -24.92 9.56 25.42
N SER A 48 -25.61 10.68 25.60
CA SER A 48 -25.00 11.88 26.16
C SER A 48 -26.09 12.74 26.77
N SER A 49 -25.72 13.50 27.80
CA SER A 49 -26.69 14.37 28.47
C SER A 49 -25.92 15.54 29.07
N GLU A 50 -25.97 16.69 28.39
CA GLU A 50 -25.35 17.92 28.86
C GLU A 50 -26.42 18.95 29.16
N LYS A 51 -26.11 19.87 30.08
CA LYS A 51 -27.03 20.92 30.47
C LYS A 51 -26.38 22.28 30.27
N THR A 52 -27.22 23.27 29.96
CA THR A 52 -26.77 24.64 29.79
C THR A 52 -27.96 25.56 29.97
N VAL A 53 -27.67 26.86 30.06
CA VAL A 53 -28.70 27.89 30.24
C VAL A 53 -28.43 29.00 29.22
N LEU A 54 -29.48 29.38 28.47
CA LEU A 54 -29.39 30.45 27.49
C LEU A 54 -29.75 31.76 28.19
N THR A 55 -28.74 32.51 28.61
CA THR A 55 -28.98 33.76 29.31
C THR A 55 -29.29 34.89 28.33
N PRO A 56 -30.12 35.86 28.73
CA PRO A 56 -30.35 37.03 27.86
C PRO A 56 -29.13 37.90 27.68
N ALA A 57 -28.09 37.74 28.51
CA ALA A 57 -26.87 38.50 28.31
C ALA A 57 -26.16 38.09 27.03
N THR A 58 -26.18 36.79 26.72
CA THR A 58 -25.64 36.29 25.46
C THR A 58 -26.66 36.28 24.34
N ASN A 59 -27.78 37.00 24.51
CA ASN A 59 -28.86 37.06 23.53
C ASN A 59 -29.42 35.68 23.21
N HIS A 60 -29.42 34.80 24.22
CA HIS A 60 -29.96 33.44 24.10
C HIS A 60 -29.25 32.67 22.98
N MET A 61 -27.93 32.60 23.09
CA MET A 61 -27.09 31.94 22.09
C MET A 61 -26.02 31.15 22.82
N GLY A 62 -26.12 29.82 22.77
CA GLY A 62 -25.15 28.96 23.40
C GLY A 62 -25.06 27.64 22.66
N ASN A 63 -24.02 26.87 22.99
CA ASN A 63 -23.78 25.59 22.34
C ASN A 63 -23.58 24.51 23.40
N VAL A 64 -23.68 23.26 22.93
CA VAL A 64 -23.47 22.08 23.77
C VAL A 64 -22.70 21.06 22.95
N THR A 65 -21.54 20.66 23.45
CA THR A 65 -20.67 19.71 22.76
C THR A 65 -20.86 18.32 23.36
N PHE A 66 -21.22 17.37 22.53
CA PHE A 66 -21.44 15.98 22.94
C PHE A 66 -20.53 15.08 22.12
N THR A 67 -20.55 13.79 22.45
CA THR A 67 -19.74 12.80 21.74
C THR A 67 -20.48 11.47 21.77
N ILE A 68 -20.80 10.95 20.59
CA ILE A 68 -21.48 9.66 20.48
C ILE A 68 -20.48 8.54 20.75
N PRO A 69 -20.68 7.73 21.79
CA PRO A 69 -19.75 6.64 22.06
C PRO A 69 -19.83 5.56 21.00
N ALA A 70 -18.74 4.81 20.88
CA ALA A 70 -18.62 3.81 19.82
C ALA A 70 -18.82 2.40 20.38
N ASN A 71 -19.98 2.22 21.02
CA ASN A 71 -20.34 0.88 21.51
C ASN A 71 -20.51 -0.10 20.36
N ARG A 72 -20.90 0.40 19.20
CA ARG A 72 -21.07 -0.44 18.01
C ARG A 72 -19.79 -0.52 17.19
N LYS A 78 -25.28 -3.57 10.44
CA LYS A 78 -25.21 -4.62 9.44
C LYS A 78 -24.81 -4.05 8.08
N GLY A 79 -25.81 -3.59 7.33
CA GLY A 79 -25.56 -2.98 6.03
C GLY A 79 -26.50 -1.83 5.75
N ARG A 80 -27.16 -1.33 6.80
CA ARG A 80 -28.14 -0.27 6.69
C ARG A 80 -27.78 0.87 7.64
N ASN A 81 -28.46 2.00 7.47
CA ASN A 81 -28.11 3.20 8.21
C ASN A 81 -28.52 3.08 9.68
N LYS A 82 -27.80 3.80 10.53
CA LYS A 82 -28.14 3.92 11.95
C LYS A 82 -28.40 5.38 12.27
N PHE A 83 -29.34 5.61 13.19
CA PHE A 83 -29.77 6.94 13.56
C PHE A 83 -29.74 7.10 15.07
N VAL A 84 -29.79 8.36 15.50
CA VAL A 84 -29.89 8.72 16.91
C VAL A 84 -30.96 9.78 17.07
N THR A 85 -31.45 9.93 18.30
CA THR A 85 -32.46 10.91 18.64
C THR A 85 -31.78 12.06 19.40
N VAL A 86 -31.62 13.19 18.73
CA VAL A 86 -31.09 14.40 19.36
C VAL A 86 -32.26 15.20 19.90
N GLN A 87 -32.25 15.47 21.20
CA GLN A 87 -33.41 16.04 21.88
C GLN A 87 -32.94 17.08 22.87
N ALA A 88 -33.40 18.32 22.69
CA ALA A 88 -33.10 19.42 23.60
C ALA A 88 -34.41 19.97 24.14
N THR A 89 -34.56 19.95 25.46
CA THR A 89 -35.78 20.37 26.13
C THR A 89 -35.57 21.77 26.69
N PHE A 90 -36.04 22.78 25.96
CA PHE A 90 -36.02 24.17 26.43
C PHE A 90 -37.15 24.38 27.42
N GLY A 91 -36.81 24.55 28.69
CA GLY A 91 -37.83 24.64 29.73
C GLY A 91 -38.71 23.41 29.73
N THR A 92 -39.93 23.54 29.24
CA THR A 92 -40.83 22.41 29.10
C THR A 92 -41.12 22.05 27.65
N GLN A 93 -40.65 22.84 26.69
CA GLN A 93 -40.84 22.56 25.27
C GLN A 93 -39.74 21.65 24.77
N VAL A 94 -40.12 20.56 24.13
CA VAL A 94 -39.19 19.58 23.60
C VAL A 94 -39.06 19.79 22.09
N VAL A 95 -37.82 19.89 21.62
CA VAL A 95 -37.52 20.02 20.19
C VAL A 95 -36.52 18.94 19.85
N GLU A 96 -36.94 17.97 19.04
CA GLU A 96 -36.12 16.79 18.73
C GLU A 96 -36.03 16.60 17.22
N LYS A 97 -34.97 15.89 16.81
CA LYS A 97 -34.70 15.63 15.40
C LYS A 97 -33.92 14.33 15.29
N VAL A 98 -34.39 13.45 14.40
CA VAL A 98 -33.68 12.20 14.13
C VAL A 98 -32.57 12.48 13.13
N VAL A 99 -31.34 12.12 13.48
CA VAL A 99 -30.15 12.52 12.72
C VAL A 99 -29.42 11.27 12.25
N LEU A 100 -29.01 11.29 10.98
CA LEU A 100 -28.23 10.19 10.42
C LEU A 100 -26.84 10.16 11.02
N VAL A 101 -26.32 8.96 11.25
CA VAL A 101 -25.02 8.75 11.88
C VAL A 101 -24.15 7.89 10.97
N SER A 102 -22.92 8.34 10.75
CA SER A 102 -21.94 7.58 9.97
C SER A 102 -20.96 6.90 10.91
N LEU A 103 -20.68 5.61 10.64
CA LEU A 103 -19.78 4.83 11.47
C LEU A 103 -18.34 5.07 10.99
N GLN A 104 -17.83 6.25 11.34
CA GLN A 104 -16.46 6.65 11.06
C GLN A 104 -15.83 7.20 12.32
N SER A 105 -14.63 6.72 12.65
CA SER A 105 -13.88 7.20 13.79
C SER A 105 -12.79 8.19 13.43
N GLY A 106 -12.48 8.33 12.15
CA GLY A 106 -11.44 9.23 11.69
C GLY A 106 -10.88 8.74 10.36
N TYR A 107 -9.61 9.05 10.14
CA TYR A 107 -8.90 8.66 8.93
C TYR A 107 -7.67 7.83 9.29
N LEU A 108 -7.24 7.01 8.33
CA LEU A 108 -6.02 6.25 8.44
C LEU A 108 -5.24 6.43 7.16
N PHE A 109 -3.98 6.88 7.28
CA PHE A 109 -3.10 7.06 6.14
C PHE A 109 -1.92 6.11 6.29
N ILE A 110 -1.60 5.38 5.23
CA ILE A 110 -0.59 4.34 5.26
C ILE A 110 0.57 4.76 4.37
N GLN A 111 1.77 4.76 4.93
CA GLN A 111 2.99 5.09 4.20
C GLN A 111 3.89 3.88 4.15
N THR A 112 4.35 3.51 2.95
CA THR A 112 5.36 2.50 2.79
C THR A 112 6.67 3.18 2.40
N ASP A 113 7.78 2.61 2.86
CA ASP A 113 9.08 3.20 2.57
C ASP A 113 9.35 3.23 1.06
N LYS A 114 8.96 2.17 0.35
CA LYS A 114 9.14 2.09 -1.09
C LYS A 114 7.81 1.77 -1.76
N THR A 115 7.77 1.98 -3.07
CA THR A 115 6.61 1.64 -3.88
C THR A 115 6.69 0.24 -4.48
N ILE A 116 7.87 -0.38 -4.49
CA ILE A 116 8.06 -1.69 -5.08
C ILE A 116 9.11 -2.43 -4.25
N TYR A 117 8.97 -3.76 -4.16
CA TYR A 117 9.83 -4.58 -3.33
C TYR A 117 10.14 -5.89 -4.04
N THR A 118 11.33 -6.44 -3.76
CA THR A 118 11.67 -7.77 -4.23
C THR A 118 11.33 -8.82 -3.17
N PRO A 119 11.11 -10.06 -3.59
CA PRO A 119 10.97 -11.15 -2.61
C PRO A 119 12.22 -11.27 -1.76
N GLY A 120 12.03 -11.40 -0.45
CA GLY A 120 13.11 -11.46 0.49
C GLY A 120 13.39 -10.16 1.21
N SER A 121 12.84 -9.04 0.74
CA SER A 121 13.07 -7.75 1.36
C SER A 121 12.00 -7.47 2.41
N THR A 122 12.18 -6.37 3.13
CA THR A 122 11.31 -5.98 4.23
C THR A 122 10.49 -4.76 3.84
N VAL A 123 9.20 -4.80 4.16
CA VAL A 123 8.30 -3.67 3.95
C VAL A 123 8.20 -2.90 5.26
N LEU A 124 8.82 -1.73 5.30
CA LEU A 124 8.66 -0.81 6.42
C LEU A 124 7.49 0.11 6.13
N TYR A 125 6.47 0.08 6.98
CA TYR A 125 5.29 0.90 6.75
C TYR A 125 4.79 1.51 8.05
N ARG A 126 4.32 2.75 7.96
CA ARG A 126 3.76 3.47 9.08
C ARG A 126 2.29 3.73 8.84
N ILE A 127 1.52 3.81 9.91
CA ILE A 127 0.09 4.11 9.85
C ILE A 127 -0.18 5.30 10.76
N PHE A 128 -0.75 6.36 10.19
CA PHE A 128 -1.05 7.59 10.91
C PHE A 128 -2.53 7.58 11.31
N THR A 129 -2.79 7.67 12.60
CA THR A 129 -4.14 7.60 13.14
C THR A 129 -4.58 9.01 13.54
N VAL A 130 -5.46 9.61 12.73
CA VAL A 130 -6.01 10.93 13.00
C VAL A 130 -7.52 10.84 12.98
N ASN A 131 -8.16 11.88 13.53
CA ASN A 131 -9.61 11.98 13.53
C ASN A 131 -10.05 12.86 12.35
N HIS A 132 -11.30 13.32 12.38
CA HIS A 132 -11.83 14.11 11.27
C HIS A 132 -11.25 15.51 11.22
N LYS A 133 -10.61 15.97 12.29
CA LYS A 133 -9.87 17.23 12.30
C LYS A 133 -8.41 17.06 11.95
N LEU A 134 -8.01 15.88 11.46
CA LEU A 134 -6.63 15.53 11.14
C LEU A 134 -5.70 15.61 12.34
N LEU A 135 -6.24 15.62 13.55
CA LEU A 135 -5.41 15.62 14.74
C LEU A 135 -5.17 14.18 15.21
N PRO A 136 -3.99 13.90 15.76
CA PRO A 136 -3.68 12.53 16.18
C PRO A 136 -4.56 12.08 17.33
N VAL A 137 -4.90 10.79 17.31
CA VAL A 137 -5.78 10.20 18.31
C VAL A 137 -5.18 8.88 18.79
N GLY A 138 -5.68 8.41 19.92
CA GLY A 138 -5.29 7.12 20.46
C GLY A 138 -6.42 6.12 20.34
N ARG A 139 -6.35 5.27 19.32
CA ARG A 139 -7.38 4.27 19.06
C ARG A 139 -6.73 2.93 18.79
N THR A 140 -7.54 1.87 18.87
CA THR A 140 -7.11 0.53 18.50
C THR A 140 -7.34 0.33 17.01
N VAL A 141 -6.27 -0.02 16.30
CA VAL A 141 -6.29 -0.12 14.84
C VAL A 141 -5.96 -1.54 14.44
N MET A 142 -6.74 -2.09 13.52
CA MET A 142 -6.49 -3.41 12.95
C MET A 142 -5.80 -3.24 11.61
N VAL A 143 -4.74 -4.02 11.39
CA VAL A 143 -3.91 -3.90 10.19
C VAL A 143 -3.80 -5.26 9.54
N ASN A 144 -3.91 -5.29 8.20
CA ASN A 144 -3.80 -6.51 7.43
C ASN A 144 -2.85 -6.30 6.26
N ILE A 145 -2.10 -7.35 5.93
CA ILE A 145 -1.29 -7.41 4.72
C ILE A 145 -1.77 -8.62 3.93
N GLU A 146 -2.32 -8.40 2.75
CA GLU A 146 -2.87 -9.47 1.94
C GLU A 146 -2.17 -9.53 0.59
N ASN A 147 -2.07 -10.75 0.07
CA ASN A 147 -1.42 -11.01 -1.21
C ASN A 147 -2.39 -10.67 -2.34
N PRO A 148 -1.93 -10.76 -3.61
CA PRO A 148 -2.84 -10.51 -4.74
C PRO A 148 -4.08 -11.39 -4.74
N GLU A 149 -4.00 -12.56 -4.10
CA GLU A 149 -5.13 -13.47 -4.01
C GLU A 149 -6.13 -13.08 -2.93
N GLY A 150 -5.87 -11.99 -2.20
CA GLY A 150 -6.75 -11.56 -1.13
C GLY A 150 -6.57 -12.29 0.19
N ILE A 151 -5.54 -13.12 0.31
CA ILE A 151 -5.30 -13.91 1.52
C ILE A 151 -4.45 -13.07 2.46
N PRO A 152 -4.95 -12.66 3.63
CA PRO A 152 -4.13 -11.89 4.57
C PRO A 152 -3.01 -12.74 5.14
N VAL A 153 -1.77 -12.34 4.87
CA VAL A 153 -0.61 -13.09 5.34
C VAL A 153 -0.09 -12.60 6.69
N LYS A 154 -0.42 -11.38 7.09
CA LYS A 154 -0.05 -10.87 8.41
C LYS A 154 -1.15 -9.96 8.92
N GLN A 155 -1.54 -10.17 10.18
CA GLN A 155 -2.58 -9.37 10.83
C GLN A 155 -2.05 -8.85 12.16
N ASP A 156 -2.20 -7.56 12.39
CA ASP A 156 -1.75 -6.90 13.61
C ASP A 156 -2.91 -6.17 14.27
N SER A 157 -2.70 -5.80 15.53
CA SER A 157 -3.70 -5.05 16.30
C SER A 157 -2.94 -4.19 17.30
N LEU A 158 -2.80 -2.91 16.98
CA LEU A 158 -1.96 -2.01 17.76
C LEU A 158 -2.82 -1.01 18.53
N SER A 159 -2.19 -0.37 19.52
CA SER A 159 -2.79 0.71 20.30
C SER A 159 -1.96 1.95 20.06
N SER A 160 -2.53 2.93 19.35
CA SER A 160 -1.85 4.19 19.08
C SER A 160 -1.88 5.15 20.25
N GLN A 161 -2.35 4.70 21.42
CA GLN A 161 -2.41 5.56 22.59
C GLN A 161 -1.00 5.95 23.04
N ASN A 162 -0.79 7.24 23.28
CA ASN A 162 0.51 7.80 23.65
C ASN A 162 1.58 7.53 22.61
N GLN A 163 1.18 7.27 21.36
CA GLN A 163 2.09 7.07 20.25
C GLN A 163 2.14 8.28 19.32
N LEU A 164 1.42 9.36 19.66
CA LEU A 164 1.32 10.55 18.82
C LEU A 164 0.80 10.19 17.42
N GLY A 165 -0.12 9.23 17.37
CA GLY A 165 -0.77 8.87 16.12
C GLY A 165 0.16 8.33 15.06
N VAL A 166 1.24 7.66 15.45
CA VAL A 166 2.19 7.07 14.51
C VAL A 166 2.42 5.61 14.92
N LEU A 167 2.00 4.69 14.06
CA LEU A 167 2.20 3.26 14.30
C LEU A 167 3.23 2.70 13.33
N PRO A 168 4.48 2.53 13.75
CA PRO A 168 5.48 1.92 12.86
C PRO A 168 5.35 0.41 12.85
N LEU A 169 5.48 -0.17 11.65
CA LEU A 169 5.31 -1.60 11.46
C LEU A 169 6.29 -2.08 10.39
N SER A 170 6.43 -3.40 10.29
CA SER A 170 7.32 -4.00 9.30
C SER A 170 6.88 -5.42 9.03
N TRP A 171 7.27 -5.93 7.86
CA TRP A 171 6.98 -7.31 7.47
C TRP A 171 8.04 -7.78 6.50
N ASP A 172 8.54 -8.99 6.73
CA ASP A 172 9.54 -9.61 5.86
C ASP A 172 8.84 -10.40 4.77
N ILE A 173 9.03 -9.99 3.52
CA ILE A 173 8.46 -10.72 2.39
C ILE A 173 9.21 -12.03 2.20
N PRO A 174 8.55 -13.18 2.26
CA PRO A 174 9.25 -14.45 2.07
C PRO A 174 9.78 -14.58 0.64
N GLU A 175 10.72 -15.51 0.47
CA GLU A 175 11.29 -15.76 -0.85
C GLU A 175 10.28 -16.44 -1.77
N LEU A 176 9.58 -17.45 -1.26
CA LEU A 176 8.51 -18.13 -2.00
C LEU A 176 7.24 -17.33 -1.82
N VAL A 177 6.89 -16.53 -2.83
CA VAL A 177 5.85 -15.52 -2.69
C VAL A 177 5.34 -15.16 -4.08
N ASN A 178 4.12 -14.63 -4.14
CA ASN A 178 3.48 -14.22 -5.38
C ASN A 178 3.95 -12.84 -5.82
N MET A 179 3.98 -12.62 -7.13
CA MET A 179 4.25 -11.32 -7.71
C MET A 179 2.94 -10.62 -8.02
N GLY A 180 2.96 -9.29 -7.98
CA GLY A 180 1.80 -8.51 -8.33
C GLY A 180 1.57 -7.42 -7.33
N GLN A 181 0.32 -6.97 -7.25
CA GLN A 181 -0.05 -5.84 -6.40
C GLN A 181 -0.49 -6.36 -5.04
N TRP A 182 0.29 -6.06 -4.02
CA TRP A 182 -0.05 -6.38 -2.64
C TRP A 182 -0.72 -5.19 -1.96
N LYS A 183 -1.56 -5.47 -0.98
CA LYS A 183 -2.34 -4.45 -0.31
C LYS A 183 -2.01 -4.41 1.18
N ILE A 184 -2.02 -3.22 1.75
CA ILE A 184 -1.99 -3.03 3.19
C ILE A 184 -3.32 -2.39 3.55
N ARG A 185 -4.14 -3.11 4.32
CA ARG A 185 -5.48 -2.66 4.67
C ARG A 185 -5.57 -2.44 6.17
N ALA A 186 -6.14 -1.31 6.56
CA ALA A 186 -6.27 -0.94 7.96
C ALA A 186 -7.65 -0.34 8.21
N TYR A 187 -8.13 -0.50 9.44
CA TYR A 187 -9.41 0.06 9.83
C TYR A 187 -9.45 0.19 11.34
N TYR A 188 -10.28 1.10 11.82
CA TYR A 188 -10.45 1.26 13.25
C TYR A 188 -11.29 0.13 13.82
N GLU A 189 -10.99 -0.24 15.07
CA GLU A 189 -11.78 -1.29 15.72
C GLU A 189 -13.21 -0.84 15.96
N ASN A 190 -13.40 0.43 16.32
CA ASN A 190 -14.73 0.95 16.62
C ASN A 190 -15.56 1.16 15.36
N SER A 191 -14.91 1.41 14.22
CA SER A 191 -15.59 1.60 12.93
C SER A 191 -14.95 0.67 11.91
N PRO A 192 -15.29 -0.62 11.95
CA PRO A 192 -14.66 -1.58 11.04
C PRO A 192 -15.21 -1.54 9.62
N GLN A 193 -16.24 -0.73 9.35
CA GLN A 193 -16.81 -0.64 8.02
C GLN A 193 -16.09 0.36 7.12
N GLN A 194 -15.18 1.16 7.67
CA GLN A 194 -14.40 2.12 6.91
C GLN A 194 -12.96 1.62 6.86
N VAL A 195 -12.55 1.11 5.70
CA VAL A 195 -11.24 0.50 5.50
C VAL A 195 -10.40 1.40 4.61
N PHE A 196 -9.14 1.61 5.01
CA PHE A 196 -8.18 2.38 4.24
C PHE A 196 -7.08 1.46 3.72
N SER A 197 -6.69 1.66 2.47
CA SER A 197 -5.80 0.72 1.80
C SER A 197 -4.73 1.47 1.01
N THR A 198 -3.60 0.79 0.82
CA THR A 198 -2.55 1.24 -0.09
C THR A 198 -1.92 0.01 -0.73
N GLU A 199 -1.30 0.21 -1.89
CA GLU A 199 -0.71 -0.87 -2.65
C GLU A 199 0.81 -0.74 -2.71
N PHE A 200 1.48 -1.87 -2.85
CA PHE A 200 2.90 -1.89 -3.17
C PHE A 200 3.15 -3.11 -4.05
N GLU A 201 3.94 -2.91 -5.11
CA GLU A 201 4.21 -3.97 -6.06
C GLU A 201 5.32 -4.86 -5.56
N VAL A 202 5.16 -6.17 -5.76
CA VAL A 202 6.21 -7.15 -5.49
C VAL A 202 6.68 -7.68 -6.83
N LYS A 203 7.97 -7.50 -7.12
CA LYS A 203 8.53 -7.82 -8.43
C LYS A 203 10.02 -8.09 -8.27
N GLU A 204 10.55 -8.88 -9.20
CA GLU A 204 11.99 -9.12 -9.26
C GLU A 204 12.61 -8.07 -10.19
N TYR A 205 13.56 -7.30 -9.65
CA TYR A 205 14.12 -6.18 -10.39
C TYR A 205 15.50 -5.84 -9.84
N VAL A 206 16.20 -4.99 -10.57
CA VAL A 206 17.35 -4.25 -10.06
C VAL A 206 17.13 -2.79 -10.41
N LEU A 207 17.68 -1.90 -9.60
CA LEU A 207 17.46 -0.48 -9.81
C LEU A 207 18.13 -0.02 -11.10
N PRO A 208 17.44 0.72 -11.96
CA PRO A 208 18.08 1.26 -13.16
C PRO A 208 19.04 2.39 -12.79
N SER A 209 19.88 2.77 -13.75
CA SER A 209 20.87 3.82 -13.56
C SER A 209 20.43 5.16 -14.12
N PHE A 210 19.34 5.21 -14.87
CA PHE A 210 18.85 6.47 -15.42
C PHE A 210 17.33 6.43 -15.50
N GLU A 211 16.72 7.61 -15.62
CA GLU A 211 15.28 7.75 -15.76
C GLU A 211 14.94 8.25 -17.15
N VAL A 212 13.71 7.96 -17.57
CA VAL A 212 13.19 8.35 -18.87
C VAL A 212 11.91 9.15 -18.66
N ILE A 213 11.83 10.30 -19.30
CA ILE A 213 10.67 11.18 -19.20
C ILE A 213 10.06 11.28 -20.59
N VAL A 214 8.79 10.93 -20.70
CA VAL A 214 8.05 10.99 -21.95
C VAL A 214 7.10 12.17 -21.85
N GLU A 215 7.45 13.27 -22.50
CA GLU A 215 6.73 14.53 -22.33
C GLU A 215 6.21 15.03 -23.68
N PRO A 216 4.90 15.02 -23.90
CA PRO A 216 4.36 15.62 -25.12
C PRO A 216 4.44 17.13 -25.08
N THR A 217 4.53 17.73 -26.26
CA THR A 217 4.65 19.19 -26.34
C THR A 217 3.42 19.88 -25.77
N GLU A 218 2.27 19.23 -25.82
CA GLU A 218 1.07 19.69 -25.14
C GLU A 218 0.47 18.53 -24.37
N LYS A 219 -0.20 18.84 -23.25
CA LYS A 219 -0.76 17.82 -22.39
C LYS A 219 -2.11 17.36 -22.90
N PHE A 220 -2.30 17.42 -24.21
CA PHE A 220 -3.51 16.92 -24.88
C PHE A 220 -3.17 16.79 -26.37
N TYR A 221 -4.16 16.34 -27.14
CA TYR A 221 -4.02 16.32 -28.59
C TYR A 221 -5.27 16.93 -29.23
N TYR A 222 -5.06 18.02 -29.98
CA TYR A 222 -6.15 18.65 -30.72
C TYR A 222 -6.46 17.81 -31.97
N ILE A 223 -7.70 17.33 -32.06
CA ILE A 223 -8.05 16.35 -33.08
C ILE A 223 -7.84 16.90 -34.49
N TYR A 224 -7.89 18.22 -34.66
CA TYR A 224 -7.68 18.82 -35.97
C TYR A 224 -6.26 19.34 -36.16
N ASN A 225 -5.34 18.98 -35.27
CA ASN A 225 -3.94 19.37 -35.42
C ASN A 225 -3.29 18.47 -36.46
N GLU A 226 -2.88 19.07 -37.58
CA GLU A 226 -2.27 18.28 -38.65
C GLU A 226 -0.84 17.86 -38.30
N LYS A 227 -0.20 18.53 -37.35
CA LYS A 227 1.15 18.16 -36.95
C LYS A 227 1.22 16.86 -36.19
N GLY A 228 0.08 16.31 -35.78
CA GLY A 228 0.09 15.11 -34.97
C GLY A 228 0.53 15.39 -33.54
N LEU A 229 0.70 14.31 -32.79
CA LEU A 229 1.12 14.39 -31.39
C LEU A 229 2.64 14.34 -31.34
N GLU A 230 3.25 15.48 -31.01
CA GLU A 230 4.69 15.58 -30.87
C GLU A 230 5.10 15.29 -29.44
N VAL A 231 6.12 14.43 -29.28
CA VAL A 231 6.57 13.98 -27.97
C VAL A 231 8.08 14.14 -27.91
N THR A 232 8.58 14.56 -26.74
CA THR A 232 10.00 14.69 -26.50
C THR A 232 10.41 13.64 -25.48
N ILE A 233 11.35 12.78 -25.85
CA ILE A 233 11.86 11.75 -24.95
C ILE A 233 13.11 12.30 -24.28
N THR A 234 13.12 12.30 -22.95
CA THR A 234 14.21 12.83 -22.17
C THR A 234 14.76 11.73 -21.26
N ALA A 235 16.05 11.49 -21.34
CA ALA A 235 16.71 10.46 -20.55
C ALA A 235 17.97 11.04 -19.92
N ARG A 236 18.10 10.88 -18.60
CA ARG A 236 19.28 11.33 -17.90
C ARG A 236 19.51 10.42 -16.70
N PHE A 237 20.77 10.34 -16.29
CA PHE A 237 21.13 9.48 -15.17
C PHE A 237 20.55 10.03 -13.87
N LEU A 238 20.45 9.13 -12.88
CA LEU A 238 19.86 9.51 -11.60
C LEU A 238 20.67 10.59 -10.89
N TYR A 239 21.97 10.65 -11.14
CA TYR A 239 22.83 11.63 -10.50
C TYR A 239 22.95 12.94 -11.27
N GLY A 240 22.24 13.06 -12.40
CA GLY A 240 22.15 14.33 -13.09
C GLY A 240 23.12 14.50 -14.24
N LYS A 241 23.15 13.51 -15.14
CA LYS A 241 23.99 13.57 -16.33
C LYS A 241 23.19 13.04 -17.50
N LYS A 242 23.44 13.61 -18.68
CA LYS A 242 22.66 13.27 -19.86
C LYS A 242 23.03 11.89 -20.38
N VAL A 243 22.05 11.24 -21.00
CA VAL A 243 22.15 9.86 -21.46
C VAL A 243 22.29 9.86 -22.97
N GLU A 244 23.16 8.99 -23.49
CA GLU A 244 23.27 8.72 -24.92
C GLU A 244 22.77 7.32 -25.19
N GLY A 245 21.85 7.18 -26.15
CA GLY A 245 21.35 5.88 -26.50
C GLY A 245 20.34 5.93 -27.62
N THR A 246 19.49 4.90 -27.66
CA THR A 246 18.46 4.75 -28.67
C THR A 246 17.12 4.55 -27.98
N ALA A 247 16.07 5.13 -28.55
CA ALA A 247 14.74 5.04 -27.98
C ALA A 247 13.81 4.33 -28.93
N PHE A 248 13.00 3.42 -28.39
CA PHE A 248 11.93 2.74 -29.13
C PHE A 248 10.61 3.27 -28.61
N VAL A 249 9.93 4.09 -29.42
CA VAL A 249 8.71 4.76 -29.02
C VAL A 249 7.56 4.22 -29.85
N ILE A 250 6.47 3.85 -29.18
CA ILE A 250 5.26 3.36 -29.83
C ILE A 250 4.06 4.02 -29.17
N PHE A 251 3.05 4.33 -29.98
CA PHE A 251 1.86 5.02 -29.52
C PHE A 251 0.67 4.07 -29.49
N GLY A 252 -0.38 4.52 -28.81
CA GLY A 252 -1.61 3.75 -28.73
C GLY A 252 -2.76 4.63 -28.29
N ILE A 253 -3.97 4.17 -28.59
CA ILE A 253 -5.19 4.88 -28.24
C ILE A 253 -5.93 4.08 -27.19
N GLN A 254 -6.54 4.77 -26.23
CA GLN A 254 -7.22 4.13 -25.11
C GLN A 254 -8.64 4.69 -25.01
N ASP A 255 -9.63 3.83 -25.24
CA ASP A 255 -11.04 4.19 -25.10
C ASP A 255 -11.54 3.53 -23.82
N GLY A 256 -11.72 4.33 -22.78
CA GLY A 256 -12.11 3.80 -21.49
C GLY A 256 -11.00 2.95 -20.86
N GLU A 257 -11.17 1.64 -20.88
CA GLU A 257 -10.17 0.72 -20.34
C GLU A 257 -9.69 -0.28 -21.39
N GLN A 258 -10.02 -0.06 -22.65
CA GLN A 258 -9.49 -0.87 -23.75
C GLN A 258 -8.33 -0.12 -24.39
N ARG A 259 -7.16 -0.74 -24.40
CA ARG A 259 -5.98 -0.15 -25.03
C ARG A 259 -5.76 -0.80 -26.39
N ILE A 260 -5.59 0.04 -27.42
CA ILE A 260 -5.37 -0.41 -28.78
C ILE A 260 -4.04 0.17 -29.24
N SER A 261 -3.02 -0.70 -29.34
CA SER A 261 -1.71 -0.24 -29.77
C SER A 261 -1.71 0.04 -31.26
N LEU A 262 -0.91 1.03 -31.67
CA LEU A 262 -0.75 1.41 -33.07
C LEU A 262 0.60 0.90 -33.56
N PRO A 263 0.67 -0.29 -34.16
CA PRO A 263 1.98 -0.82 -34.57
C PRO A 263 2.67 0.00 -35.65
N GLU A 264 1.91 0.73 -36.46
CA GLU A 264 2.52 1.59 -37.47
C GLU A 264 3.23 2.79 -36.86
N SER A 265 2.94 3.13 -35.61
CA SER A 265 3.55 4.28 -34.96
C SER A 265 4.89 3.96 -34.32
N LEU A 266 5.35 2.71 -34.40
CA LEU A 266 6.62 2.34 -33.80
C LEU A 266 7.77 3.06 -34.51
N LYS A 267 8.47 3.90 -33.77
CA LYS A 267 9.61 4.64 -34.29
C LYS A 267 10.84 4.34 -33.44
N ARG A 268 12.01 4.32 -34.07
CA ARG A 268 13.28 4.12 -33.39
C ARG A 268 14.09 5.40 -33.59
N ILE A 269 14.17 6.22 -32.54
CA ILE A 269 14.82 7.51 -32.63
C ILE A 269 16.11 7.49 -31.80
N PRO A 270 17.13 8.22 -32.20
CA PRO A 270 18.33 8.32 -31.36
C PRO A 270 18.13 9.32 -30.22
N ILE A 271 18.78 9.02 -29.10
CA ILE A 271 18.76 9.89 -27.93
C ILE A 271 20.13 10.55 -27.88
N GLU A 272 20.21 11.76 -28.45
CA GLU A 272 21.44 12.53 -28.49
C GLU A 272 21.37 13.65 -27.48
N ASP A 273 22.40 13.73 -26.63
CA ASP A 273 22.50 14.74 -25.57
C ASP A 273 21.31 14.66 -24.63
N GLY A 274 20.87 13.43 -24.33
CA GLY A 274 19.81 13.21 -23.37
C GLY A 274 18.41 13.48 -23.86
N SER A 275 18.24 13.85 -25.13
CA SER A 275 16.94 14.24 -25.65
C SER A 275 16.69 13.58 -27.01
N GLY A 276 15.42 13.40 -27.31
CA GLY A 276 15.00 12.91 -28.62
C GLY A 276 13.53 13.20 -28.83
N GLU A 277 13.15 13.40 -30.08
CA GLU A 277 11.78 13.75 -30.41
C GLU A 277 11.20 12.73 -31.38
N VAL A 278 9.87 12.57 -31.32
CA VAL A 278 9.17 11.59 -32.13
C VAL A 278 7.73 12.06 -32.26
N VAL A 279 7.12 11.82 -33.41
CA VAL A 279 5.79 12.31 -33.74
C VAL A 279 4.89 11.14 -34.08
N LEU A 280 3.66 11.17 -33.56
CA LEU A 280 2.58 10.31 -34.03
C LEU A 280 1.76 11.11 -35.04
N SER A 281 1.90 10.76 -36.31
CA SER A 281 1.22 11.52 -37.34
C SER A 281 -0.29 11.31 -37.27
N ARG A 282 -1.04 12.27 -37.79
CA ARG A 282 -2.49 12.20 -37.76
C ARG A 282 -3.00 11.08 -38.67
N LYS A 283 -2.28 10.78 -39.75
CA LYS A 283 -2.71 9.71 -40.64
C LYS A 283 -2.53 8.34 -40.01
N VAL A 284 -1.40 8.13 -39.31
CA VAL A 284 -1.17 6.85 -38.64
C VAL A 284 -2.22 6.61 -37.57
N LEU A 285 -2.57 7.66 -36.82
CA LEU A 285 -3.61 7.52 -35.80
C LEU A 285 -4.93 7.12 -36.42
N LEU A 286 -5.34 7.80 -37.50
CA LEU A 286 -6.62 7.49 -38.12
C LEU A 286 -6.60 6.13 -38.81
N ASP A 287 -5.48 5.80 -39.46
CA ASP A 287 -5.38 4.49 -40.11
C ASP A 287 -5.40 3.36 -39.10
N GLY A 288 -4.73 3.54 -37.96
CA GLY A 288 -4.66 2.50 -36.95
C GLY A 288 -5.96 2.24 -36.22
N VAL A 289 -6.87 3.22 -36.20
CA VAL A 289 -8.14 3.07 -35.50
C VAL A 289 -9.24 2.88 -36.54
N GLN A 290 -8.85 2.34 -37.71
CA GLN A 290 -9.79 1.84 -38.72
C GLN A 290 -10.55 2.97 -39.41
N ASN A 291 -9.84 4.07 -39.71
CA ASN A 291 -10.31 5.23 -40.48
C ASN A 291 -11.74 5.63 -40.16
N PRO A 292 -12.02 6.11 -38.95
CA PRO A 292 -13.38 6.61 -38.66
C PRO A 292 -13.46 8.10 -38.92
N ARG A 293 -14.64 8.69 -38.68
CA ARG A 293 -14.74 10.14 -38.68
C ARG A 293 -13.98 10.68 -37.47
N ALA A 294 -13.14 11.68 -37.69
CA ALA A 294 -12.22 12.15 -36.66
C ALA A 294 -12.94 12.59 -35.39
N GLU A 295 -14.21 12.96 -35.47
CA GLU A 295 -14.95 13.37 -34.29
C GLU A 295 -15.23 12.21 -33.34
N ASP A 296 -15.17 10.97 -33.83
CA ASP A 296 -15.40 9.82 -32.96
C ASP A 296 -14.25 9.62 -31.98
N LEU A 297 -13.04 10.07 -32.33
CA LEU A 297 -11.91 9.93 -31.43
C LEU A 297 -11.93 10.94 -30.29
N VAL A 298 -12.76 11.97 -30.39
CA VAL A 298 -12.86 12.95 -29.32
C VAL A 298 -13.45 12.30 -28.08
N GLY A 299 -12.77 12.47 -26.95
CA GLY A 299 -13.15 11.83 -25.69
C GLY A 299 -12.25 10.68 -25.32
N LYS A 300 -11.60 10.06 -26.30
CA LYS A 300 -10.62 9.04 -26.05
C LYS A 300 -9.26 9.67 -25.73
N SER A 301 -8.36 8.86 -25.20
CA SER A 301 -7.03 9.33 -24.81
C SER A 301 -5.97 8.60 -25.60
N LEU A 302 -4.76 9.18 -25.57
CA LEU A 302 -3.59 8.61 -26.22
C LEU A 302 -2.54 8.29 -25.18
N TYR A 303 -1.82 7.19 -25.35
CA TYR A 303 -0.71 6.84 -24.49
C TYR A 303 0.56 6.66 -25.32
N VAL A 304 1.70 6.93 -24.69
CA VAL A 304 3.00 6.85 -25.34
C VAL A 304 3.88 5.94 -24.51
N SER A 305 4.53 4.98 -25.15
CA SER A 305 5.44 4.06 -24.48
C SER A 305 6.80 4.17 -25.13
N ALA A 306 7.81 4.54 -24.33
CA ALA A 306 9.17 4.70 -24.81
C ALA A 306 10.10 3.74 -24.07
N THR A 307 11.04 3.16 -24.82
CA THR A 307 12.05 2.25 -24.27
C THR A 307 13.40 2.76 -24.72
N VAL A 308 14.22 3.21 -23.78
CA VAL A 308 15.52 3.80 -24.06
C VAL A 308 16.60 2.80 -23.66
N ILE A 309 17.53 2.54 -24.56
CA ILE A 309 18.62 1.61 -24.34
C ILE A 309 19.93 2.36 -24.51
N LEU A 310 20.81 2.23 -23.53
CA LEU A 310 22.15 2.81 -23.64
C LEU A 310 22.90 2.18 -24.79
N HIS A 311 23.78 2.98 -25.41
CA HIS A 311 24.57 2.48 -26.54
C HIS A 311 25.46 1.31 -26.12
N SER A 312 25.83 1.25 -24.85
CA SER A 312 26.58 0.11 -24.34
C SER A 312 25.71 -1.12 -24.14
N GLY A 313 24.39 -0.95 -24.07
CA GLY A 313 23.50 -2.06 -23.82
C GLY A 313 23.51 -2.58 -22.40
N SER A 314 24.23 -1.91 -21.50
CA SER A 314 24.34 -2.38 -20.12
C SER A 314 23.10 -2.09 -19.29
N ASP A 315 22.26 -1.15 -19.71
CA ASP A 315 21.06 -0.84 -18.97
C ASP A 315 20.02 -0.26 -19.92
N MET A 316 18.75 -0.49 -19.58
CA MET A 316 17.64 0.02 -20.36
C MET A 316 16.48 0.33 -19.42
N VAL A 317 15.62 1.26 -19.85
CA VAL A 317 14.52 1.76 -19.03
C VAL A 317 13.30 1.94 -19.91
N GLN A 318 12.16 1.49 -19.41
CA GLN A 318 10.87 1.70 -20.07
C GLN A 318 10.09 2.76 -19.32
N ALA A 319 9.47 3.67 -20.06
CA ALA A 319 8.64 4.71 -19.48
C ALA A 319 7.37 4.84 -20.31
N GLU A 320 6.30 5.30 -19.66
CA GLU A 320 5.02 5.44 -20.33
C GLU A 320 4.33 6.72 -19.86
N ARG A 321 3.81 7.49 -20.81
CA ARG A 321 2.95 8.64 -20.54
C ARG A 321 1.58 8.33 -21.13
N SER A 322 0.59 8.15 -20.28
CA SER A 322 -0.76 7.82 -20.70
C SER A 322 -1.72 8.95 -20.33
N GLY A 323 -2.97 8.81 -20.76
CA GLY A 323 -3.98 9.80 -20.43
C GLY A 323 -3.86 11.11 -21.16
N ILE A 324 -3.40 11.08 -22.41
CA ILE A 324 -3.32 12.29 -23.24
C ILE A 324 -4.64 12.41 -23.98
N PRO A 325 -5.55 13.27 -23.54
CA PRO A 325 -6.90 13.27 -24.11
C PRO A 325 -6.96 13.92 -25.48
N ILE A 326 -7.89 13.42 -26.28
CA ILE A 326 -8.16 13.95 -27.62
C ILE A 326 -9.33 14.92 -27.49
N VAL A 327 -9.09 16.20 -27.82
CA VAL A 327 -10.05 17.25 -27.54
C VAL A 327 -10.22 18.14 -28.76
N THR A 328 -11.38 18.81 -28.81
CA THR A 328 -11.63 19.87 -29.77
C THR A 328 -11.41 21.25 -29.19
N SER A 329 -11.01 21.32 -27.92
CA SER A 329 -10.80 22.56 -27.20
C SER A 329 -9.82 22.29 -26.07
N PRO A 330 -8.83 23.17 -25.88
CA PRO A 330 -7.86 22.98 -24.79
C PRO A 330 -8.38 23.34 -23.40
N TYR A 331 -9.67 23.62 -23.25
CA TYR A 331 -10.22 24.06 -21.97
C TYR A 331 -11.55 23.38 -21.70
N GLN A 332 -11.82 23.14 -20.42
CA GLN A 332 -13.10 22.64 -19.96
C GLN A 332 -13.67 23.62 -18.94
N ILE A 333 -14.98 23.88 -19.04
CA ILE A 333 -15.67 24.79 -18.13
C ILE A 333 -16.55 23.96 -17.21
N HIS A 334 -16.46 24.22 -15.91
CA HIS A 334 -17.22 23.49 -14.90
C HIS A 334 -17.93 24.49 -13.99
N PHE A 335 -19.19 24.20 -13.68
CA PHE A 335 -19.96 24.98 -12.71
C PHE A 335 -20.08 24.26 -11.37
N THR A 336 -19.15 23.35 -11.08
CA THR A 336 -19.23 22.56 -9.85
C THR A 336 -18.99 23.41 -8.60
N LYS A 337 -18.45 24.62 -8.75
CA LYS A 337 -18.24 25.52 -7.63
C LYS A 337 -19.25 26.66 -7.58
N THR A 338 -20.23 26.68 -8.50
CA THR A 338 -21.23 27.74 -8.57
C THR A 338 -22.53 27.28 -7.93
N PRO A 339 -23.17 28.11 -7.10
CA PRO A 339 -24.49 27.75 -6.58
C PRO A 339 -25.49 27.54 -7.69
N LYS A 340 -26.41 26.60 -7.48
CA LYS A 340 -27.44 26.29 -8.46
C LYS A 340 -28.77 26.95 -8.13
N TYR A 341 -28.81 27.82 -7.12
CA TYR A 341 -30.00 28.57 -6.77
C TYR A 341 -29.64 30.04 -6.64
N PHE A 342 -30.54 30.92 -7.07
CA PHE A 342 -30.32 32.36 -7.02
C PHE A 342 -31.49 33.03 -6.30
N LYS A 343 -31.30 34.29 -5.94
CA LYS A 343 -32.32 35.08 -5.29
C LYS A 343 -32.80 36.17 -6.24
N PRO A 344 -34.07 36.17 -6.64
CA PRO A 344 -34.55 37.13 -7.64
C PRO A 344 -34.39 38.56 -7.16
N GLY A 345 -33.82 39.40 -8.02
CA GLY A 345 -33.58 40.79 -7.71
C GLY A 345 -32.21 41.10 -7.14
N MET A 346 -31.46 40.08 -6.73
CA MET A 346 -30.15 40.27 -6.15
C MET A 346 -29.07 39.68 -7.06
N PRO A 347 -27.84 40.20 -7.01
CA PRO A 347 -26.80 39.72 -7.92
C PRO A 347 -26.44 38.27 -7.66
N PHE A 348 -26.15 37.55 -8.74
CA PHE A 348 -25.78 36.14 -8.71
C PHE A 348 -24.31 36.01 -9.08
N ASP A 349 -23.53 35.39 -8.21
CA ASP A 349 -22.08 35.28 -8.37
C ASP A 349 -21.75 33.93 -8.99
N LEU A 350 -21.35 33.94 -10.27
CA LEU A 350 -20.90 32.73 -10.94
C LEU A 350 -19.46 32.42 -10.55
N MET A 351 -19.20 31.14 -10.27
CA MET A 351 -17.86 30.65 -9.95
C MET A 351 -17.44 29.71 -11.08
N VAL A 352 -16.96 30.30 -12.17
CA VAL A 352 -16.58 29.52 -13.35
C VAL A 352 -15.21 28.90 -13.12
N PHE A 353 -15.14 27.58 -13.15
CA PHE A 353 -13.90 26.84 -12.96
C PHE A 353 -13.45 26.29 -14.31
N VAL A 354 -12.27 26.72 -14.76
CA VAL A 354 -11.72 26.34 -16.05
C VAL A 354 -10.50 25.45 -15.81
N THR A 355 -10.46 24.31 -16.49
CA THR A 355 -9.37 23.36 -16.36
C THR A 355 -8.75 23.07 -17.72
N ASN A 356 -7.48 22.65 -17.67
CA ASN A 356 -6.85 22.06 -18.84
C ASN A 356 -7.40 20.64 -19.03
N PRO A 357 -7.20 20.05 -20.21
CA PRO A 357 -7.77 18.71 -20.46
C PRO A 357 -7.30 17.63 -19.50
N ASP A 358 -6.17 17.82 -18.82
CA ASP A 358 -5.69 16.85 -17.84
C ASP A 358 -6.27 17.08 -16.45
N GLY A 359 -7.13 18.08 -16.28
CA GLY A 359 -7.76 18.35 -15.00
C GLY A 359 -7.10 19.44 -14.18
N SER A 360 -5.89 19.87 -14.54
CA SER A 360 -5.22 20.93 -13.81
C SER A 360 -5.90 22.26 -14.05
N PRO A 361 -5.89 23.17 -13.07
CA PRO A 361 -6.53 24.47 -13.27
C PRO A 361 -5.76 25.34 -14.26
N ALA A 362 -6.51 25.99 -15.13
CA ALA A 362 -5.94 26.86 -16.16
C ALA A 362 -5.82 28.29 -15.64
N TYR A 363 -4.70 28.94 -15.96
CA TYR A 363 -4.39 30.28 -15.47
C TYR A 363 -4.59 31.30 -16.58
N ARG A 364 -5.20 32.43 -16.22
CA ARG A 364 -5.37 33.58 -17.11
C ARG A 364 -6.14 33.20 -18.38
N VAL A 365 -7.32 32.62 -18.18
CA VAL A 365 -8.21 32.27 -19.28
C VAL A 365 -9.45 33.16 -19.18
N PRO A 366 -9.65 34.10 -20.11
CA PRO A 366 -10.82 34.98 -20.02
C PRO A 366 -12.10 34.22 -20.34
N VAL A 367 -13.13 34.43 -19.50
CA VAL A 367 -14.43 33.83 -19.69
C VAL A 367 -15.47 34.94 -19.68
N ALA A 368 -16.60 34.68 -20.35
CA ALA A 368 -17.65 35.67 -20.45
C ALA A 368 -18.99 34.98 -20.63
N VAL A 369 -20.05 35.64 -20.18
CA VAL A 369 -21.41 35.13 -20.31
C VAL A 369 -21.98 35.57 -21.66
N GLN A 370 -22.61 34.65 -22.37
CA GLN A 370 -23.22 35.01 -23.63
C GLN A 370 -24.45 35.89 -23.40
N GLY A 371 -24.73 36.75 -24.37
CA GLY A 371 -25.82 37.69 -24.29
C GLY A 371 -25.48 38.98 -23.57
N GLU A 372 -24.38 39.03 -22.83
CA GLU A 372 -23.96 40.23 -22.13
C GLU A 372 -22.80 40.93 -22.85
N GLU A 373 -21.69 40.21 -23.07
CA GLU A 373 -20.51 40.73 -23.75
C GLU A 373 -19.90 41.91 -23.01
N THR A 374 -20.45 42.24 -21.84
CA THR A 374 -19.93 43.32 -21.01
C THR A 374 -19.39 42.84 -19.67
N VAL A 375 -19.73 41.63 -19.25
CA VAL A 375 -19.21 41.03 -18.02
C VAL A 375 -18.22 39.95 -18.44
N GLN A 376 -16.93 40.25 -18.27
CA GLN A 376 -15.87 39.32 -18.66
C GLN A 376 -14.78 39.35 -17.58
N SER A 377 -14.48 38.19 -17.02
CA SER A 377 -13.50 38.05 -15.96
C SER A 377 -12.32 37.20 -16.43
N LEU A 378 -11.39 36.97 -15.52
CA LEU A 378 -10.17 36.23 -15.79
C LEU A 378 -9.95 35.23 -14.67
N THR A 379 -9.52 34.02 -15.03
CA THR A 379 -9.33 32.96 -14.04
C THR A 379 -8.05 33.20 -13.25
N GLN A 380 -8.13 33.01 -11.94
CA GLN A 380 -6.97 33.18 -11.07
C GLN A 380 -6.11 31.92 -11.11
N GLY A 381 -5.16 31.83 -10.17
CA GLY A 381 -4.32 30.65 -10.10
C GLY A 381 -5.06 29.38 -9.74
N ASP A 382 -6.18 29.49 -9.02
CA ASP A 382 -7.00 28.33 -8.67
C ASP A 382 -7.90 27.89 -9.82
N GLY A 383 -7.85 28.56 -10.97
CA GLY A 383 -8.68 28.24 -12.10
C GLY A 383 -10.08 28.80 -12.06
N VAL A 384 -10.41 29.59 -11.04
CA VAL A 384 -11.77 30.10 -10.85
C VAL A 384 -11.81 31.57 -11.24
N ALA A 385 -12.90 31.97 -11.89
CA ALA A 385 -13.17 33.35 -12.24
C ALA A 385 -14.57 33.71 -11.76
N LYS A 386 -14.69 34.84 -11.10
CA LYS A 386 -15.98 35.28 -10.56
C LYS A 386 -16.70 36.15 -11.59
N LEU A 387 -18.00 35.90 -11.74
CA LEU A 387 -18.83 36.64 -12.70
C LEU A 387 -20.14 37.01 -12.02
N SER A 388 -20.22 38.22 -11.49
CA SER A 388 -21.44 38.70 -10.85
C SER A 388 -22.36 39.29 -11.93
N ILE A 389 -23.57 38.74 -12.04
CA ILE A 389 -24.55 39.22 -12.99
C ILE A 389 -25.84 39.56 -12.25
N ASN A 390 -26.47 40.66 -12.64
CA ASN A 390 -27.70 41.09 -12.01
C ASN A 390 -28.88 40.28 -12.56
N THR A 391 -29.78 39.88 -11.66
CA THR A 391 -30.92 39.05 -11.99
C THR A 391 -32.21 39.82 -11.78
N HIS A 392 -33.20 39.56 -12.65
CA HIS A 392 -34.49 40.22 -12.51
C HIS A 392 -35.21 39.71 -11.28
N PRO A 393 -35.98 40.57 -10.61
CA PRO A 393 -36.86 40.08 -9.54
C PRO A 393 -38.02 39.27 -10.10
N SER A 394 -37.75 38.04 -10.51
CA SER A 394 -38.74 37.21 -11.18
C SER A 394 -38.50 35.76 -10.80
N GLN A 395 -39.56 34.96 -10.89
CA GLN A 395 -39.51 33.54 -10.57
C GLN A 395 -39.11 32.68 -11.76
N LYS A 396 -38.50 33.27 -12.79
CA LYS A 396 -38.09 32.51 -13.96
C LYS A 396 -36.77 31.80 -13.68
N PRO A 397 -36.54 30.65 -14.33
CA PRO A 397 -35.23 30.02 -14.24
C PRO A 397 -34.18 30.84 -14.96
N LEU A 398 -32.95 30.75 -14.46
CA LEU A 398 -31.82 31.55 -14.96
C LEU A 398 -30.88 30.62 -15.72
N SER A 399 -30.98 30.62 -17.04
CA SER A 399 -30.11 29.81 -17.89
C SER A 399 -28.87 30.63 -18.25
N ILE A 400 -27.69 30.10 -17.94
CA ILE A 400 -26.44 30.82 -18.11
C ILE A 400 -25.49 29.96 -18.95
N THR A 401 -24.95 30.55 -20.02
CA THR A 401 -23.95 29.90 -20.86
C THR A 401 -22.68 30.74 -20.83
N VAL A 402 -21.59 30.12 -20.37
CA VAL A 402 -20.30 30.78 -20.25
C VAL A 402 -19.36 30.19 -21.30
N ARG A 403 -18.64 31.07 -22.01
CA ARG A 403 -17.68 30.65 -23.02
C ARG A 403 -16.34 31.33 -22.77
N THR A 404 -15.27 30.66 -23.16
CA THR A 404 -13.94 31.25 -23.09
C THR A 404 -13.72 32.20 -24.26
N LYS A 405 -12.89 33.21 -24.03
CA LYS A 405 -12.59 34.25 -25.02
C LYS A 405 -11.08 34.38 -25.18
N LYS A 406 -10.39 33.26 -25.39
CA LYS A 406 -8.94 33.27 -25.54
C LYS A 406 -8.57 33.95 -26.85
N GLN A 407 -7.59 34.85 -26.79
CA GLN A 407 -7.23 35.64 -27.96
C GLN A 407 -6.60 34.78 -29.05
N GLU A 408 -5.57 34.01 -28.70
CA GLU A 408 -4.84 33.21 -29.68
C GLU A 408 -5.64 32.02 -30.20
N ILE A 409 -6.87 31.83 -29.73
CA ILE A 409 -7.68 30.66 -30.05
C ILE A 409 -8.85 31.09 -30.94
N SER A 410 -9.10 30.31 -31.99
CA SER A 410 -10.25 30.57 -32.85
C SER A 410 -11.54 30.17 -32.16
N GLU A 411 -12.66 30.69 -32.67
CA GLU A 411 -13.96 30.43 -32.06
C GLU A 411 -14.33 28.95 -32.04
N ALA A 412 -13.78 28.16 -32.96
CA ALA A 412 -14.09 26.73 -32.97
C ALA A 412 -13.48 26.03 -31.76
N GLU A 413 -12.27 26.43 -31.37
CA GLU A 413 -11.54 25.78 -30.29
C GLU A 413 -11.88 26.34 -28.92
N GLN A 414 -12.87 27.22 -28.82
CA GLN A 414 -13.27 27.76 -27.52
C GLN A 414 -14.09 26.74 -26.76
N ALA A 415 -14.14 26.91 -25.44
CA ALA A 415 -14.91 26.04 -24.56
C ALA A 415 -16.22 26.70 -24.16
N THR A 416 -17.21 25.88 -23.84
CA THR A 416 -18.52 26.37 -23.45
C THR A 416 -19.17 25.37 -22.51
N ARG A 417 -20.12 25.87 -21.72
CA ARG A 417 -20.87 25.04 -20.78
C ARG A 417 -22.07 25.86 -20.31
N THR A 418 -23.20 25.18 -20.11
CA THR A 418 -24.44 25.84 -19.73
C THR A 418 -24.92 25.29 -18.39
N MET A 419 -25.34 26.19 -17.51
CA MET A 419 -25.97 25.81 -16.25
C MET A 419 -27.28 26.58 -16.08
N GLN A 420 -28.15 26.04 -15.24
CA GLN A 420 -29.42 26.68 -14.90
C GLN A 420 -29.51 26.85 -13.39
N ALA A 421 -29.96 28.04 -12.97
CA ALA A 421 -30.16 28.35 -11.56
C ALA A 421 -31.64 28.57 -11.31
N LEU A 422 -32.16 27.93 -10.24
CA LEU A 422 -33.58 28.04 -9.91
C LEU A 422 -33.80 29.12 -8.86
N PRO A 423 -34.96 29.80 -8.91
CA PRO A 423 -35.21 30.86 -7.94
C PRO A 423 -35.46 30.30 -6.54
N TYR A 424 -34.83 30.95 -5.56
CA TYR A 424 -35.04 30.59 -4.16
C TYR A 424 -36.49 30.84 -3.76
N SER A 425 -37.16 29.78 -3.30
CA SER A 425 -38.55 29.88 -2.90
C SER A 425 -38.65 30.41 -1.47
N THR A 426 -39.48 31.44 -1.29
CA THR A 426 -39.67 32.07 0.02
C THR A 426 -41.00 31.63 0.62
N VAL A 427 -41.13 31.85 1.93
CA VAL A 427 -42.31 31.41 2.68
C VAL A 427 -43.47 32.34 2.37
N GLY A 428 -44.57 31.76 1.87
CA GLY A 428 -45.76 32.54 1.57
C GLY A 428 -45.62 33.55 0.46
N ASN A 429 -44.57 33.45 -0.36
CA ASN A 429 -44.29 34.41 -1.42
C ASN A 429 -44.20 35.82 -0.87
N SER A 430 -43.53 35.96 0.28
CA SER A 430 -43.31 37.26 0.89
C SER A 430 -42.15 38.01 0.24
N ASN A 431 -41.38 37.36 -0.63
CA ASN A 431 -40.23 37.98 -1.30
C ASN A 431 -39.23 38.52 -0.29
N ASN A 432 -39.01 37.77 0.78
CA ASN A 432 -37.99 38.09 1.78
C ASN A 432 -36.79 37.17 1.56
N TYR A 433 -35.66 37.77 1.19
CA TYR A 433 -34.44 37.03 0.89
C TYR A 433 -33.31 37.50 1.79
N LEU A 434 -32.21 36.75 1.74
CA LEU A 434 -30.97 37.10 2.44
C LEU A 434 -29.82 36.74 1.52
N HIS A 435 -28.97 37.72 1.20
CA HIS A 435 -27.85 37.51 0.29
C HIS A 435 -26.54 37.63 1.05
N LEU A 436 -25.66 36.65 0.87
CA LEU A 436 -24.31 36.67 1.41
C LEU A 436 -23.35 36.82 0.24
N SER A 437 -22.66 37.96 0.19
CA SER A 437 -21.69 38.24 -0.86
C SER A 437 -20.30 38.35 -0.26
N VAL A 438 -19.31 37.83 -0.98
CA VAL A 438 -17.93 37.80 -0.53
C VAL A 438 -17.05 37.69 -1.75
N LEU A 439 -15.92 38.41 -1.74
CA LEU A 439 -15.04 38.38 -2.89
C LEU A 439 -14.34 37.03 -2.99
N ARG A 440 -14.17 36.55 -4.22
CA ARG A 440 -13.58 35.26 -4.51
C ARG A 440 -12.17 35.45 -5.09
N THR A 441 -11.17 35.37 -4.22
CA THR A 441 -9.77 35.23 -4.60
C THR A 441 -9.15 34.24 -3.63
N GLU A 442 -7.93 33.81 -3.92
CA GLU A 442 -7.25 32.85 -3.05
C GLU A 442 -7.10 33.43 -1.65
N LEU A 443 -7.85 32.88 -0.70
CA LEU A 443 -7.84 33.34 0.67
C LEU A 443 -6.86 32.50 1.49
N ARG A 444 -6.09 33.17 2.34
CA ARG A 444 -5.06 32.52 3.12
C ARG A 444 -5.21 32.87 4.59
N PRO A 445 -4.78 32.00 5.50
CA PRO A 445 -4.85 32.32 6.92
C PRO A 445 -4.09 33.58 7.25
N GLY A 446 -4.54 34.27 8.30
CA GLY A 446 -4.03 35.57 8.65
C GLY A 446 -4.79 36.72 8.04
N GLU A 447 -5.54 36.49 6.96
CA GLU A 447 -6.35 37.54 6.37
C GLU A 447 -7.70 37.63 7.07
N THR A 448 -8.36 38.77 6.89
CA THR A 448 -9.71 38.98 7.37
C THR A 448 -10.66 38.98 6.17
N LEU A 449 -11.78 38.29 6.30
CA LEU A 449 -12.78 38.19 5.26
C LEU A 449 -13.98 39.05 5.63
N ASN A 450 -14.28 40.05 4.79
CA ASN A 450 -15.43 40.92 4.99
C ASN A 450 -16.64 40.27 4.33
N VAL A 451 -17.52 39.71 5.16
CA VAL A 451 -18.73 39.03 4.69
C VAL A 451 -19.89 40.01 4.75
N ASN A 452 -20.50 40.28 3.61
CA ASN A 452 -21.57 41.25 3.49
C ASN A 452 -22.93 40.57 3.66
N PHE A 453 -23.74 41.08 4.58
CA PHE A 453 -25.08 40.56 4.86
C PHE A 453 -26.10 41.53 4.28
N LEU A 454 -26.54 41.25 3.05
CA LEU A 454 -27.53 42.10 2.40
C LEU A 454 -28.93 41.56 2.64
N LEU A 455 -29.86 42.46 2.95
CA LEU A 455 -31.23 42.11 3.30
C LEU A 455 -32.19 42.75 2.31
N ARG A 456 -32.86 41.94 1.51
CA ARG A 456 -33.94 42.38 0.63
C ARG A 456 -35.24 41.83 1.21
N MET A 457 -36.05 42.73 1.77
CA MET A 457 -37.33 42.34 2.35
C MET A 457 -38.24 43.56 2.40
N ASP A 458 -39.45 43.36 2.91
CA ASP A 458 -40.41 44.44 3.02
C ASP A 458 -40.02 45.36 4.17
N ARG A 459 -40.25 46.66 3.98
CA ARG A 459 -39.88 47.66 4.98
C ARG A 459 -40.87 47.73 6.13
N ALA A 460 -42.03 47.08 6.02
CA ALA A 460 -42.99 47.06 7.12
C ALA A 460 -42.65 46.02 8.19
N HIS A 461 -41.56 45.27 8.00
CA HIS A 461 -41.15 44.28 8.99
C HIS A 461 -39.64 44.23 9.21
N GLU A 462 -38.86 45.04 8.51
CA GLU A 462 -37.40 44.99 8.66
C GLU A 462 -36.95 45.43 10.05
N ALA A 463 -37.74 46.24 10.76
CA ALA A 463 -37.38 46.64 12.12
C ALA A 463 -37.43 45.48 13.11
N LYS A 464 -38.03 44.35 12.73
CA LYS A 464 -38.10 43.19 13.60
C LYS A 464 -36.84 42.35 13.55
N ILE A 465 -36.08 42.43 12.47
CA ILE A 465 -34.83 41.68 12.32
C ILE A 465 -33.72 42.51 12.97
N ARG A 466 -33.16 42.00 14.07
CA ARG A 466 -32.11 42.69 14.80
C ARG A 466 -30.82 41.90 14.92
N TYR A 467 -30.78 40.66 14.42
CA TYR A 467 -29.56 39.87 14.44
C TYR A 467 -29.65 38.77 13.40
N TYR A 468 -28.50 38.44 12.82
CA TYR A 468 -28.36 37.26 11.99
C TYR A 468 -27.57 36.21 12.76
N THR A 469 -27.87 34.94 12.50
CA THR A 469 -27.18 33.82 13.15
C THR A 469 -26.38 33.09 12.07
N TYR A 470 -25.05 33.23 12.13
CA TYR A 470 -24.18 32.60 11.15
C TYR A 470 -23.50 31.39 11.75
N LEU A 471 -23.32 30.36 10.92
CA LEU A 471 -22.62 29.13 11.31
C LEU A 471 -21.55 28.83 10.29
N ILE A 472 -20.42 28.29 10.77
CA ILE A 472 -19.26 28.02 9.93
C ILE A 472 -19.03 26.51 9.92
N MET A 473 -19.05 25.93 8.72
CA MET A 473 -18.87 24.49 8.54
C MET A 473 -17.49 24.25 7.94
N ASN A 474 -16.64 23.52 8.68
CA ASN A 474 -15.29 23.19 8.23
C ASN A 474 -15.02 21.72 8.48
N LYS A 475 -14.72 20.99 7.41
CA LYS A 475 -14.36 19.56 7.49
C LYS A 475 -15.49 18.74 8.11
N GLY A 476 -16.73 19.08 7.75
CA GLY A 476 -17.90 18.36 8.22
C GLY A 476 -18.26 18.56 9.68
N ARG A 477 -17.76 19.61 10.32
CA ARG A 477 -18.07 19.88 11.72
C ARG A 477 -18.39 21.35 11.89
N LEU A 478 -19.03 21.69 13.01
CA LEU A 478 -19.32 23.08 13.34
C LEU A 478 -18.10 23.69 14.00
N LEU A 479 -17.41 24.58 13.30
CA LEU A 479 -16.22 25.22 13.83
C LEU A 479 -16.55 26.43 14.70
N LYS A 480 -17.31 27.39 14.18
CA LYS A 480 -17.72 28.56 14.93
C LYS A 480 -19.15 28.93 14.55
N ALA A 481 -19.97 29.18 15.57
CA ALA A 481 -21.33 29.68 15.39
C ALA A 481 -21.49 30.94 16.20
N GLY A 482 -21.94 32.02 15.55
CA GLY A 482 -22.06 33.29 16.24
C GLY A 482 -23.26 34.12 15.83
N ARG A 483 -23.26 35.39 16.23
CA ARG A 483 -24.36 36.31 15.93
C ARG A 483 -23.80 37.58 15.31
N GLN A 484 -24.46 38.06 14.26
CA GLN A 484 -24.13 39.32 13.61
C GLN A 484 -25.26 40.30 13.91
N VAL A 485 -25.00 41.27 14.79
CA VAL A 485 -26.04 42.19 15.24
C VAL A 485 -26.43 43.12 14.10
N ARG A 486 -27.72 43.40 14.00
CA ARG A 486 -28.25 44.32 13.00
C ARG A 486 -29.08 45.38 13.69
N GLU A 487 -28.94 46.62 13.24
CA GLU A 487 -29.78 47.69 13.76
C GLU A 487 -30.86 48.04 12.74
N PRO A 488 -32.02 48.51 13.21
CA PRO A 488 -33.08 48.88 12.27
C PRO A 488 -32.60 49.94 11.28
N GLY A 489 -32.76 49.63 9.99
CA GLY A 489 -32.31 50.47 8.92
C GLY A 489 -31.02 50.01 8.26
N GLN A 490 -30.27 49.12 8.91
CA GLN A 490 -29.03 48.59 8.35
C GLN A 490 -29.37 47.42 7.43
N ASP A 491 -29.68 47.74 6.17
CA ASP A 491 -29.92 46.69 5.19
C ASP A 491 -28.66 45.90 4.86
N LEU A 492 -27.48 46.46 5.16
CA LEU A 492 -26.21 45.77 4.94
C LEU A 492 -25.36 45.90 6.18
N VAL A 493 -24.86 44.77 6.69
CA VAL A 493 -23.87 44.76 7.75
C VAL A 493 -22.72 43.86 7.31
N VAL A 494 -21.51 44.23 7.73
CA VAL A 494 -20.29 43.52 7.35
C VAL A 494 -19.78 42.76 8.55
N LEU A 495 -19.59 41.45 8.40
CA LEU A 495 -19.02 40.62 9.43
C LEU A 495 -17.55 40.39 9.12
N PRO A 496 -16.61 41.02 9.82
CA PRO A 496 -15.18 40.74 9.62
C PRO A 496 -14.82 39.42 10.27
N LEU A 497 -14.56 38.41 9.44
CA LEU A 497 -14.25 37.07 9.92
C LEU A 497 -12.75 36.84 9.89
N SER A 498 -12.20 36.44 11.03
CA SER A 498 -10.77 36.12 11.12
C SER A 498 -10.53 34.74 10.52
N ILE A 499 -9.71 34.68 9.47
CA ILE A 499 -9.40 33.43 8.79
C ILE A 499 -8.11 32.89 9.41
N THR A 500 -8.26 31.87 10.26
CA THR A 500 -7.13 31.21 10.89
C THR A 500 -6.83 29.89 10.16
N THR A 501 -5.85 29.15 10.68
CA THR A 501 -5.48 27.88 10.07
C THR A 501 -6.54 26.80 10.27
N ASP A 502 -7.53 27.04 11.12
CA ASP A 502 -8.62 26.09 11.32
C ASP A 502 -9.63 26.07 10.18
N PHE A 503 -9.51 27.01 9.24
CA PHE A 503 -10.41 27.08 8.09
C PHE A 503 -9.89 26.32 6.88
N ILE A 504 -8.64 25.86 6.92
CA ILE A 504 -8.10 25.03 5.84
C ILE A 504 -8.89 23.73 5.77
N PRO A 505 -9.22 23.21 4.58
CA PRO A 505 -8.92 23.71 3.23
C PRO A 505 -10.01 24.59 2.65
N SER A 506 -11.16 24.64 3.31
CA SER A 506 -12.29 25.43 2.88
C SER A 506 -13.31 25.42 4.00
N PHE A 507 -14.36 26.21 3.82
CA PHE A 507 -15.42 26.26 4.82
C PHE A 507 -16.68 26.83 4.18
N ARG A 508 -17.80 26.56 4.84
CA ARG A 508 -19.09 27.10 4.44
C ARG A 508 -19.58 28.07 5.51
N LEU A 509 -20.16 29.18 5.06
CA LEU A 509 -20.76 30.16 5.96
C LEU A 509 -22.25 30.21 5.64
N VAL A 510 -23.07 29.67 6.54
CA VAL A 510 -24.52 29.70 6.40
C VAL A 510 -25.08 30.60 7.48
N ALA A 511 -25.94 31.52 7.08
CA ALA A 511 -26.57 32.46 8.00
C ALA A 511 -28.06 32.50 7.75
N TYR A 512 -28.81 32.90 8.79
CA TYR A 512 -30.26 32.97 8.68
C TYR A 512 -30.80 33.97 9.68
N TYR A 513 -31.90 34.61 9.31
CA TYR A 513 -32.68 35.44 10.21
C TYR A 513 -34.12 34.90 10.26
N THR A 514 -34.80 35.17 11.37
CA THR A 514 -36.15 34.69 11.57
C THR A 514 -37.02 35.82 12.13
N LEU A 515 -38.31 35.75 11.83
CA LEU A 515 -39.25 36.76 12.28
C LEU A 515 -40.66 36.23 12.13
N ILE A 516 -41.60 37.00 12.66
CA ILE A 516 -43.04 36.79 12.45
C ILE A 516 -43.53 37.99 11.66
N GLY A 517 -43.86 37.79 10.39
CA GLY A 517 -44.08 38.92 9.51
C GLY A 517 -45.45 39.01 8.86
N ALA A 518 -45.58 38.49 7.65
CA ALA A 518 -46.78 38.76 6.85
C ALA A 518 -48.19 38.41 7.31
N SER A 519 -48.43 37.17 7.70
CA SER A 519 -49.76 36.79 8.16
C SER A 519 -49.60 36.27 9.56
N GLY A 520 -48.61 36.79 10.28
CA GLY A 520 -48.35 36.22 11.59
C GLY A 520 -47.66 34.87 11.52
N GLN A 521 -47.13 34.52 10.35
CA GLN A 521 -46.49 33.22 10.14
C GLN A 521 -45.02 33.32 10.48
N ARG A 522 -44.53 32.35 11.25
CA ARG A 522 -43.11 32.29 11.57
C ARG A 522 -42.31 31.99 10.30
N GLU A 523 -41.45 32.93 9.91
CA GLU A 523 -40.70 32.80 8.66
C GLU A 523 -39.22 32.73 8.97
N VAL A 524 -38.53 31.78 8.36
CA VAL A 524 -37.09 31.60 8.49
C VAL A 524 -36.48 31.75 7.10
N VAL A 525 -35.52 32.65 6.96
CA VAL A 525 -34.86 32.93 5.70
C VAL A 525 -33.37 32.70 5.90
N ALA A 526 -32.76 31.91 5.00
CA ALA A 526 -31.37 31.50 5.15
C ALA A 526 -30.64 31.64 3.83
N ASP A 527 -29.31 31.56 3.90
CA ASP A 527 -28.44 31.57 2.73
C ASP A 527 -27.08 31.06 3.15
N SER A 528 -26.35 30.50 2.18
CA SER A 528 -25.03 29.93 2.45
C SER A 528 -24.12 30.21 1.26
N VAL A 529 -22.81 30.18 1.54
CA VAL A 529 -21.80 30.39 0.51
C VAL A 529 -20.57 29.56 0.87
N TRP A 530 -19.94 28.98 -0.15
CA TRP A 530 -18.78 28.13 0.02
C TRP A 530 -17.52 28.94 -0.29
N VAL A 531 -16.64 29.07 0.70
CA VAL A 531 -15.44 29.89 0.60
C VAL A 531 -14.23 28.96 0.60
N ASP A 532 -13.43 29.04 -0.45
CA ASP A 532 -12.24 28.21 -0.61
C ASP A 532 -11.02 28.97 -0.11
N VAL A 533 -10.20 28.31 0.70
CA VAL A 533 -8.94 28.89 1.15
C VAL A 533 -7.80 28.09 0.52
N LYS A 534 -6.63 28.73 0.44
CA LYS A 534 -5.49 28.14 -0.24
C LYS A 534 -5.00 26.91 0.51
N ASP A 535 -4.91 25.79 -0.21
CA ASP A 535 -4.51 24.54 0.40
C ASP A 535 -3.04 24.59 0.84
N SER A 536 -2.77 24.05 2.01
CA SER A 536 -1.43 23.96 2.59
C SER A 536 -1.54 23.08 3.82
N CYS A 537 -0.44 22.98 4.58
CA CYS A 537 -0.50 22.34 5.88
C CYS A 537 -1.07 23.32 6.91
N VAL A 538 -1.75 22.76 7.92
CA VAL A 538 -2.19 23.57 9.06
C VAL A 538 -0.97 24.16 9.75
N GLY A 539 0.04 23.34 9.98
CA GLY A 539 1.33 23.83 10.44
C GLY A 539 2.28 24.00 9.27
N SER A 540 3.48 23.46 9.39
CA SER A 540 4.45 23.52 8.30
C SER A 540 5.55 22.50 8.56
N LEU A 541 6.18 22.05 7.48
CA LEU A 541 7.28 21.10 7.57
C LEU A 541 8.16 21.27 6.33
N VAL A 542 9.44 21.52 6.54
CA VAL A 542 10.39 21.71 5.45
C VAL A 542 11.66 20.94 5.78
N VAL A 543 12.20 20.23 4.79
CA VAL A 543 13.48 19.54 4.91
C VAL A 543 14.40 20.12 3.85
N LYS A 544 15.57 20.60 4.27
CA LYS A 544 16.55 21.13 3.34
C LYS A 544 17.95 20.85 3.88
N SER A 545 18.96 21.37 3.20
CA SER A 545 20.35 21.13 3.58
C SER A 545 20.73 22.06 4.73
N GLY A 546 21.41 21.49 5.73
CA GLY A 546 21.94 22.25 6.84
C GLY A 546 23.38 22.67 6.69
N GLN A 547 23.96 22.51 5.50
CA GLN A 547 25.34 22.90 5.24
C GLN A 547 25.38 23.80 4.00
N SER A 548 26.54 24.40 3.77
CA SER A 548 26.70 25.28 2.62
C SER A 548 26.43 24.53 1.31
N GLU A 549 27.07 23.37 1.15
CA GLU A 549 26.86 22.49 0.00
C GLU A 549 27.13 23.22 -1.32
N ASP A 550 28.18 24.05 -1.34
CA ASP A 550 28.79 24.40 -2.62
C ASP A 550 29.47 23.18 -3.22
N ARG A 551 29.73 22.16 -2.40
CA ARG A 551 30.30 20.89 -2.81
C ARG A 551 29.20 19.92 -3.20
N GLN A 552 29.52 19.01 -4.11
CA GLN A 552 28.59 17.91 -4.33
C GLN A 552 29.00 16.74 -3.44
N PRO A 553 28.07 16.17 -2.66
CA PRO A 553 28.46 15.14 -1.69
C PRO A 553 28.96 13.88 -2.37
N VAL A 554 29.75 13.12 -1.60
CA VAL A 554 30.50 11.96 -2.06
C VAL A 554 29.96 10.73 -1.32
N PRO A 555 29.98 9.54 -1.92
CA PRO A 555 29.49 8.35 -1.20
C PRO A 555 30.17 8.20 0.16
N GLY A 556 29.35 8.06 1.20
CA GLY A 556 29.84 7.91 2.55
C GLY A 556 30.10 9.21 3.29
N GLN A 557 29.82 10.36 2.68
CA GLN A 557 30.15 11.64 3.28
C GLN A 557 29.09 12.04 4.30
N GLN A 558 29.54 12.65 5.40
CA GLN A 558 28.63 13.18 6.39
C GLN A 558 27.91 14.41 5.86
N MET A 559 26.63 14.52 6.17
CA MET A 559 25.80 15.61 5.68
C MET A 559 24.90 16.11 6.81
N THR A 560 24.81 17.42 6.94
CA THR A 560 23.90 18.03 7.90
C THR A 560 22.55 18.28 7.26
N LEU A 561 21.50 17.77 7.88
CA LEU A 561 20.14 17.90 7.40
C LEU A 561 19.38 18.87 8.31
N LYS A 562 18.65 19.80 7.71
CA LYS A 562 17.88 20.79 8.46
C LYS A 562 16.40 20.48 8.36
N ILE A 563 15.74 20.38 9.51
CA ILE A 563 14.31 20.11 9.58
C ILE A 563 13.66 21.26 10.34
N GLU A 564 12.75 21.96 9.66
CA GLU A 564 12.02 23.07 10.25
C GLU A 564 10.55 22.70 10.32
N GLY A 565 9.98 22.75 11.52
CA GLY A 565 8.59 22.42 11.69
C GLY A 565 8.00 22.99 12.97
N ASP A 566 6.83 22.46 13.33
CA ASP A 566 6.13 22.92 14.51
C ASP A 566 6.80 22.42 15.78
N HIS A 567 6.70 23.21 16.85
CA HIS A 567 7.25 22.79 18.13
C HIS A 567 6.45 21.62 18.70
N GLY A 568 7.16 20.63 19.22
CA GLY A 568 6.53 19.45 19.78
C GLY A 568 6.03 18.45 18.77
N ALA A 569 6.35 18.61 17.49
CA ALA A 569 5.91 17.69 16.46
C ALA A 569 6.93 16.57 16.30
N ARG A 570 6.42 15.36 16.06
CA ARG A 570 7.24 14.19 15.81
C ARG A 570 7.38 14.00 14.31
N VAL A 571 8.60 14.13 13.81
CA VAL A 571 8.89 14.00 12.38
C VAL A 571 9.45 12.61 12.12
N VAL A 572 8.85 11.92 11.15
CA VAL A 572 9.33 10.62 10.69
C VAL A 572 9.91 10.80 9.30
N LEU A 573 11.03 10.14 9.04
CA LEU A 573 11.79 10.36 7.82
C LEU A 573 11.91 9.06 7.01
N VAL A 574 12.34 9.23 5.76
CA VAL A 574 12.70 8.12 4.90
C VAL A 574 13.52 8.68 3.74
N ALA A 575 14.52 7.93 3.31
CA ALA A 575 15.36 8.29 2.18
C ALA A 575 15.32 7.16 1.17
N VAL A 576 14.90 7.48 -0.05
CA VAL A 576 14.66 6.49 -1.09
C VAL A 576 15.54 6.78 -2.29
N ASP A 577 16.15 5.74 -2.85
CA ASP A 577 16.85 5.86 -4.12
C ASP A 577 15.86 6.15 -5.23
N LYS A 578 16.06 7.25 -5.95
CA LYS A 578 15.11 7.64 -6.98
C LYS A 578 15.04 6.65 -8.13
N GLY A 579 15.92 5.66 -8.18
CA GLY A 579 15.77 4.58 -9.13
C GLY A 579 14.54 3.73 -8.85
N VAL A 580 14.12 3.66 -7.59
CA VAL A 580 12.90 2.95 -7.24
C VAL A 580 11.70 3.53 -7.98
N PHE A 581 11.62 4.87 -8.02
CA PHE A 581 10.48 5.53 -8.63
C PHE A 581 10.47 5.39 -10.15
N VAL A 582 11.63 5.10 -10.76
CA VAL A 582 11.65 4.81 -12.18
C VAL A 582 10.87 3.53 -12.49
N LEU A 583 10.82 2.60 -11.54
CA LEU A 583 10.10 1.35 -11.70
C LEU A 583 8.64 1.45 -11.27
N ASN A 584 8.35 2.16 -10.18
CA ASN A 584 6.98 2.35 -9.74
C ASN A 584 6.91 3.62 -8.91
N LYS A 585 5.94 4.47 -9.21
CA LYS A 585 5.78 5.73 -8.49
C LYS A 585 4.34 5.93 -8.01
N LYS A 586 3.58 4.86 -7.86
CA LYS A 586 2.20 4.93 -7.45
C LYS A 586 2.08 4.73 -5.95
N ASN A 587 0.94 5.20 -5.40
CA ASN A 587 0.60 5.03 -3.99
C ASN A 587 1.63 5.66 -3.07
N LYS A 588 2.00 6.90 -3.37
CA LYS A 588 2.90 7.68 -2.54
C LYS A 588 2.09 8.69 -1.75
N LEU A 589 2.36 8.79 -0.44
CA LEU A 589 1.61 9.68 0.43
C LEU A 589 2.03 11.12 0.19
N THR A 590 1.06 11.98 -0.11
CA THR A 590 1.30 13.40 -0.32
C THR A 590 0.23 14.19 0.43
N GLN A 591 0.54 15.46 0.71
CA GLN A 591 -0.43 16.31 1.38
C GLN A 591 -1.67 16.52 0.54
N SER A 592 -1.51 16.55 -0.79
CA SER A 592 -2.66 16.72 -1.67
C SER A 592 -3.62 15.55 -1.58
N LYS A 593 -3.10 14.34 -1.39
CA LYS A 593 -3.97 13.18 -1.25
C LYS A 593 -4.70 13.19 0.10
N ILE A 594 -4.11 13.80 1.12
CA ILE A 594 -4.78 13.91 2.41
C ILE A 594 -5.98 14.85 2.30
N TRP A 595 -5.81 15.98 1.60
CA TRP A 595 -6.94 16.89 1.42
C TRP A 595 -7.99 16.33 0.47
N ASP A 596 -7.62 15.39 -0.39
CA ASP A 596 -8.62 14.72 -1.20
C ASP A 596 -9.53 13.84 -0.34
N VAL A 597 -8.97 13.18 0.67
CA VAL A 597 -9.77 12.34 1.55
C VAL A 597 -10.71 13.18 2.39
N VAL A 598 -10.25 14.36 2.83
CA VAL A 598 -11.07 15.21 3.68
C VAL A 598 -12.27 15.76 2.91
N GLU A 599 -12.04 16.22 1.68
CA GLU A 599 -13.13 16.82 0.91
C GLU A 599 -14.12 15.77 0.43
N LYS A 600 -13.67 14.55 0.16
CA LYS A 600 -14.59 13.50 -0.20
C LYS A 600 -15.46 13.07 0.98
N ALA A 601 -15.01 13.30 2.21
CA ALA A 601 -15.76 13.00 3.41
C ALA A 601 -16.62 14.17 3.87
N ASP A 602 -16.67 15.24 3.09
CA ASP A 602 -17.45 16.41 3.48
C ASP A 602 -18.93 16.10 3.39
N ILE A 603 -19.68 16.46 4.44
CA ILE A 603 -21.11 16.18 4.50
C ILE A 603 -21.92 17.29 3.86
N GLY A 604 -21.26 18.29 3.28
CA GLY A 604 -21.95 19.31 2.50
C GLY A 604 -21.82 18.96 1.03
N CYS A 605 -22.91 19.16 0.29
CA CYS A 605 -23.03 18.67 -1.08
C CYS A 605 -23.10 19.76 -2.14
N THR A 606 -23.23 21.00 -1.73
CA THR A 606 -23.54 22.06 -2.67
C THR A 606 -22.79 23.32 -2.32
N PRO A 607 -22.34 24.08 -3.32
CA PRO A 607 -21.54 25.28 -3.03
C PRO A 607 -22.35 26.51 -2.64
N GLY A 608 -23.68 26.44 -2.64
CA GLY A 608 -24.51 27.60 -2.43
C GLY A 608 -25.75 27.31 -1.63
N SER A 609 -26.78 28.10 -1.86
CA SER A 609 -28.04 27.99 -1.11
C SER A 609 -28.85 26.81 -1.62
N GLY A 610 -30.10 26.71 -1.18
CA GLY A 610 -30.98 25.64 -1.61
C GLY A 610 -32.26 26.16 -2.20
N LYS A 611 -33.24 25.28 -2.42
CA LYS A 611 -34.51 25.72 -2.99
C LYS A 611 -35.30 26.57 -2.00
N ASP A 612 -35.11 26.36 -0.71
CA ASP A 612 -35.77 27.13 0.33
C ASP A 612 -34.82 27.23 1.53
N TYR A 613 -35.34 27.71 2.66
CA TYR A 613 -34.51 27.82 3.85
C TYR A 613 -34.07 26.44 4.34
N ALA A 614 -34.92 25.43 4.20
CA ALA A 614 -34.54 24.09 4.63
C ALA A 614 -33.44 23.51 3.74
N GLY A 615 -33.51 23.80 2.44
CA GLY A 615 -32.46 23.32 1.54
C GLY A 615 -31.12 23.96 1.80
N VAL A 616 -31.11 25.18 2.34
CA VAL A 616 -29.84 25.85 2.64
C VAL A 616 -29.09 25.12 3.73
N PHE A 617 -29.80 24.73 4.80
CA PHE A 617 -29.14 24.02 5.91
C PHE A 617 -28.68 22.64 5.48
N SER A 618 -29.54 21.89 4.79
CA SER A 618 -29.21 20.53 4.42
C SER A 618 -28.04 20.48 3.44
N ASP A 619 -28.04 21.36 2.44
CA ASP A 619 -26.97 21.35 1.45
C ASP A 619 -25.62 21.67 2.09
N ALA A 620 -25.62 22.50 3.13
CA ALA A 620 -24.41 22.79 3.86
C ALA A 620 -24.08 21.73 4.90
N GLY A 621 -24.91 20.69 5.03
CA GLY A 621 -24.66 19.65 6.00
C GLY A 621 -25.16 19.97 7.39
N LEU A 622 -26.30 20.64 7.51
CA LEU A 622 -26.84 21.03 8.80
C LEU A 622 -28.31 20.65 8.89
N THR A 623 -28.75 20.41 10.13
CA THR A 623 -30.16 20.20 10.43
C THR A 623 -30.71 21.41 11.15
N PHE A 624 -32.00 21.67 10.94
CA PHE A 624 -32.71 22.74 11.62
C PHE A 624 -34.03 22.19 12.12
N THR A 625 -34.38 22.54 13.36
CA THR A 625 -35.62 22.09 13.96
C THR A 625 -36.08 23.14 14.95
N SER A 626 -37.37 23.45 14.94
CA SER A 626 -37.92 24.49 15.80
C SER A 626 -39.23 24.00 16.42
N SER A 627 -39.63 24.68 17.49
CA SER A 627 -40.92 24.40 18.12
C SER A 627 -42.09 24.95 17.30
N SER A 628 -41.83 25.80 16.32
CA SER A 628 -42.86 26.38 15.47
C SER A 628 -43.08 25.57 14.19
N GLY A 629 -42.51 24.37 14.09
CA GLY A 629 -42.68 23.51 12.94
C GLY A 629 -41.63 23.68 11.86
N GLN A 630 -40.87 24.77 11.86
CA GLN A 630 -39.86 24.99 10.85
C GLN A 630 -38.71 24.00 11.04
N GLN A 631 -38.50 23.14 10.05
CA GLN A 631 -37.43 22.14 10.14
C GLN A 631 -36.97 21.75 8.74
N THR A 632 -35.85 21.05 8.70
CA THR A 632 -35.27 20.56 7.45
C THR A 632 -35.79 19.17 7.13
N ALA A 633 -35.64 18.79 5.85
CA ALA A 633 -36.04 17.46 5.43
C ALA A 633 -35.07 16.41 5.96
N GLN A 634 -35.60 15.21 6.15
CA GLN A 634 -34.81 14.13 6.71
C GLN A 634 -33.77 13.65 5.70
N ARG A 635 -32.57 13.37 6.20
CA ARG A 635 -31.47 12.87 5.37
C ARG A 635 -31.14 11.45 5.80
N ALA A 636 -31.24 10.50 4.87
CA ALA A 636 -30.99 9.09 5.18
C ALA A 636 -29.91 8.45 4.33
N GLU A 637 -29.25 9.18 3.44
CA GLU A 637 -28.18 8.66 2.60
C GLU A 637 -26.85 9.26 3.04
N LEU A 638 -25.84 8.41 3.21
CA LEU A 638 -24.53 8.90 3.67
C LEU A 638 -23.85 9.73 2.60
N GLN A 639 -23.96 9.32 1.34
CA GLN A 639 -23.33 10.02 0.24
C GLN A 639 -24.24 11.15 -0.27
N CYS A 640 -23.63 12.04 -1.06
CA CYS A 640 -24.33 13.18 -1.62
C CYS A 640 -25.14 12.75 -2.84
N PRO A 641 -26.17 13.52 -3.21
CA PRO A 641 -26.90 13.24 -4.44
C PRO A 641 -25.96 13.26 -5.65
N GLN A 642 -26.28 12.44 -6.64
CA GLN A 642 -25.38 12.28 -7.77
C GLN A 642 -25.93 12.96 -9.00
N PRO A 643 -25.20 13.94 -9.57
CA PRO A 643 -25.50 14.61 -10.83
C PRO A 643 -24.71 14.03 -12.02
N GLU B 5 56.67 -5.09 -11.82
CA GLU B 5 55.65 -4.22 -12.38
C GLU B 5 54.74 -3.70 -11.26
N ASP B 6 53.97 -2.65 -11.54
CA ASP B 6 53.16 -1.98 -10.54
C ASP B 6 51.70 -2.41 -10.69
N ILE B 7 51.15 -2.98 -9.63
CA ILE B 7 49.72 -3.24 -9.55
C ILE B 7 49.08 -1.98 -8.96
N ILE B 8 48.33 -1.25 -9.81
CA ILE B 8 47.75 0.01 -9.37
C ILE B 8 46.70 -0.22 -8.29
N ALA B 9 46.07 -1.40 -8.27
CA ALA B 9 45.07 -1.70 -7.25
C ALA B 9 45.67 -1.85 -5.86
N GLU B 10 46.97 -1.62 -5.69
CA GLU B 10 47.62 -1.57 -4.38
C GLU B 10 47.13 -0.40 -3.52
N GLU B 11 46.10 0.32 -3.96
CA GLU B 11 45.67 1.58 -3.35
C GLU B 11 44.91 1.27 -2.06
N ASN B 12 44.85 -0.02 -1.73
CA ASN B 12 44.09 -0.49 -0.57
C ASN B 12 42.63 -0.05 -0.67
N ILE B 13 41.99 -0.47 -1.76
CA ILE B 13 40.63 -0.07 -2.05
C ILE B 13 39.67 -0.85 -1.16
N VAL B 14 38.85 -0.14 -0.40
CA VAL B 14 37.75 -0.74 0.35
C VAL B 14 36.49 -0.50 -0.48
N SER B 15 36.03 -1.55 -1.17
CA SER B 15 34.96 -1.40 -2.14
C SER B 15 33.67 -0.91 -1.48
N ARG B 16 32.90 -0.16 -2.26
CA ARG B 16 31.60 0.30 -1.77
C ARG B 16 30.61 -0.86 -1.72
N SER B 17 29.92 -0.99 -0.59
CA SER B 17 29.01 -2.11 -0.38
C SER B 17 27.61 -1.72 0.07
N GLU B 18 27.40 -0.54 0.64
CA GLU B 18 26.09 -0.13 1.15
C GLU B 18 25.30 0.50 0.00
N PHE B 19 24.41 -0.27 -0.60
CA PHE B 19 23.52 0.20 -1.65
C PHE B 19 22.07 -0.12 -1.30
N PRO B 20 21.53 0.48 -0.25
CA PRO B 20 20.13 0.25 0.09
C PRO B 20 19.21 1.01 -0.85
N GLU B 21 18.05 0.41 -1.11
CA GLU B 21 17.05 1.11 -1.90
C GLU B 21 16.31 2.16 -1.08
N SER B 22 16.22 1.95 0.23
CA SER B 22 15.65 2.94 1.13
C SER B 22 16.36 2.85 2.47
N TRP B 23 16.49 4.00 3.12
CA TRP B 23 17.13 4.09 4.43
C TRP B 23 16.57 5.32 5.14
N LEU B 24 17.26 5.73 6.22
CA LEU B 24 16.87 6.89 7.01
C LEU B 24 15.44 6.73 7.55
N TRP B 25 15.09 5.52 7.96
CA TRP B 25 13.78 5.23 8.54
C TRP B 25 13.82 5.61 10.02
N ASN B 26 13.84 6.92 10.25
CA ASN B 26 14.10 7.49 11.56
C ASN B 26 12.89 8.27 12.07
N VAL B 27 12.92 8.56 13.38
CA VAL B 27 11.88 9.30 14.06
C VAL B 27 12.55 10.38 14.90
N GLU B 28 12.27 11.65 14.57
CA GLU B 28 12.85 12.79 15.27
C GLU B 28 11.75 13.63 15.89
N ASP B 29 12.09 14.31 16.98
CA ASP B 29 11.16 15.17 17.71
C ASP B 29 11.74 16.56 17.80
N LEU B 30 10.95 17.55 17.36
CA LEU B 30 11.38 18.94 17.32
C LEU B 30 11.20 19.56 18.71
N LYS B 31 12.18 19.29 19.56
CA LYS B 31 12.17 19.80 20.94
C LYS B 31 12.85 21.14 21.09
N GLU B 32 13.55 21.62 20.05
CA GLU B 32 14.28 22.87 20.16
C GLU B 32 13.32 24.04 20.34
N PRO B 33 13.75 25.10 21.03
CA PRO B 33 12.86 26.25 21.25
C PRO B 33 12.51 26.92 19.94
N PRO B 34 11.23 27.20 19.71
CA PRO B 34 10.81 27.75 18.42
C PRO B 34 11.14 29.22 18.26
N LYS B 35 11.47 29.59 17.03
CA LYS B 35 11.68 30.99 16.65
C LYS B 35 10.58 31.35 15.66
N ASN B 36 9.66 32.22 16.11
CA ASN B 36 8.46 32.57 15.33
C ASN B 36 7.60 31.34 15.04
N GLY B 37 7.49 30.45 16.02
CA GLY B 37 6.68 29.25 15.89
C GLY B 37 7.29 28.15 15.05
N ILE B 38 8.57 28.24 14.70
CA ILE B 38 9.23 27.25 13.87
C ILE B 38 10.47 26.74 14.62
N SER B 39 10.46 25.45 14.94
CA SER B 39 11.62 24.80 15.53
C SER B 39 12.50 24.22 14.44
N THR B 40 13.81 24.41 14.56
CA THR B 40 14.78 23.95 13.57
C THR B 40 15.70 22.93 14.23
N LYS B 41 15.67 21.70 13.74
CA LYS B 41 16.52 20.63 14.25
C LYS B 41 17.57 20.29 13.20
N LEU B 42 18.83 20.38 13.59
CA LEU B 42 19.94 19.99 12.73
C LEU B 42 20.28 18.53 12.98
N MET B 43 20.46 17.77 11.90
CA MET B 43 20.57 16.32 12.00
C MET B 43 21.74 15.86 11.13
N ASN B 44 22.70 15.17 11.74
CA ASN B 44 23.85 14.64 11.02
C ASN B 44 23.51 13.23 10.51
N ILE B 45 23.59 13.05 9.20
CA ILE B 45 23.35 11.76 8.57
C ILE B 45 24.60 11.38 7.79
N PHE B 46 24.81 10.08 7.63
CA PHE B 46 25.91 9.55 6.84
C PHE B 46 25.34 8.97 5.56
N LEU B 47 25.68 9.59 4.43
CA LEU B 47 25.17 9.15 3.14
C LEU B 47 25.69 7.74 2.82
N LYS B 48 24.88 6.98 2.11
CA LYS B 48 25.24 5.62 1.74
C LYS B 48 26.15 5.65 0.50
N ASP B 49 26.64 4.46 0.12
CA ASP B 49 27.64 4.35 -0.94
C ASP B 49 27.06 4.51 -2.33
N SER B 50 25.73 4.54 -2.49
CA SER B 50 25.13 4.61 -3.81
C SER B 50 25.46 5.92 -4.49
N ILE B 51 25.62 5.86 -5.81
CA ILE B 51 25.90 7.04 -6.64
C ILE B 51 24.62 7.29 -7.42
N THR B 52 23.76 8.12 -6.85
CA THR B 52 22.42 8.31 -7.37
C THR B 52 21.87 9.60 -6.77
N THR B 53 20.56 9.77 -6.81
CA THR B 53 19.87 10.85 -6.13
C THR B 53 18.91 10.26 -5.13
N TRP B 54 19.02 10.70 -3.88
CA TRP B 54 18.11 10.27 -2.82
C TRP B 54 16.95 11.25 -2.71
N GLU B 55 15.75 10.70 -2.54
CA GLU B 55 14.56 11.51 -2.26
C GLU B 55 14.20 11.29 -0.80
N ILE B 56 14.33 12.34 0.01
CA ILE B 56 14.04 12.29 1.43
C ILE B 56 12.65 12.84 1.65
N LEU B 57 11.77 12.02 2.24
CA LEU B 57 10.40 12.42 2.53
C LEU B 57 10.23 12.48 4.04
N ALA B 58 9.65 13.58 4.52
CA ALA B 58 9.38 13.77 5.93
C ALA B 58 7.88 14.02 6.14
N VAL B 59 7.33 13.38 7.17
CA VAL B 59 5.95 13.58 7.59
C VAL B 59 5.96 13.90 9.06
N SER B 60 5.24 14.95 9.44
CA SER B 60 5.16 15.36 10.83
C SER B 60 3.75 15.18 11.36
N MET B 61 3.67 14.87 12.65
CA MET B 61 2.41 14.76 13.37
C MET B 61 2.50 15.64 14.61
N SER B 62 1.51 16.51 14.80
CA SER B 62 1.52 17.49 15.88
C SER B 62 0.21 17.42 16.65
N ASP B 63 0.30 17.59 17.97
CA ASP B 63 -0.89 17.57 18.80
C ASP B 63 -1.84 18.71 18.46
N LYS B 64 -1.29 19.88 18.12
CA LYS B 64 -2.10 21.06 17.86
C LYS B 64 -2.16 21.46 16.40
N LYS B 65 -1.36 20.83 15.53
CA LYS B 65 -1.35 21.17 14.12
C LYS B 65 -1.77 20.03 13.19
N GLY B 66 -1.72 18.78 13.66
CA GLY B 66 -2.13 17.67 12.83
C GLY B 66 -1.01 17.07 11.99
N ILE B 67 -1.37 16.48 10.86
CA ILE B 67 -0.44 15.76 10.00
C ILE B 67 -0.03 16.66 8.85
N CYS B 68 1.26 16.65 8.51
CA CYS B 68 1.78 17.47 7.43
C CYS B 68 2.84 16.69 6.68
N VAL B 69 2.69 16.61 5.37
CA VAL B 69 3.65 15.92 4.50
C VAL B 69 4.52 16.98 3.83
N ALA B 70 5.81 16.95 4.12
CA ALA B 70 6.74 17.90 3.55
C ALA B 70 6.96 17.62 2.06
N ASP B 71 7.40 18.65 1.35
CA ASP B 71 7.81 18.45 -0.03
C ASP B 71 9.11 17.63 -0.05
N PRO B 72 9.29 16.76 -1.04
CA PRO B 72 10.48 15.91 -1.07
C PRO B 72 11.75 16.74 -1.26
N PHE B 73 12.81 16.34 -0.56
CA PHE B 73 14.12 16.97 -0.65
C PHE B 73 15.10 15.99 -1.27
N GLU B 74 15.79 16.42 -2.32
CA GLU B 74 16.67 15.55 -3.08
C GLU B 74 18.13 15.83 -2.77
N VAL B 75 18.94 14.75 -2.73
CA VAL B 75 20.37 14.82 -2.50
C VAL B 75 21.05 13.96 -3.56
N THR B 76 21.91 14.58 -4.36
CA THR B 76 22.63 13.88 -5.43
C THR B 76 24.05 13.57 -4.98
N VAL B 77 24.44 12.31 -5.13
CA VAL B 77 25.75 11.81 -4.70
C VAL B 77 26.49 11.32 -5.94
N MET B 78 27.68 11.87 -6.19
CA MET B 78 28.38 11.56 -7.43
C MET B 78 29.89 11.67 -7.23
N GLN B 79 30.62 11.07 -8.17
CA GLN B 79 32.07 11.15 -8.26
C GLN B 79 32.45 11.36 -9.72
N ASP B 80 33.70 11.75 -9.94
CA ASP B 80 34.19 11.92 -11.30
C ASP B 80 34.55 10.58 -11.95
N PHE B 81 34.93 9.60 -11.15
CA PHE B 81 35.25 8.27 -11.66
C PHE B 81 34.66 7.24 -10.71
N PHE B 82 33.92 6.28 -11.25
CA PHE B 82 33.29 5.27 -10.42
C PHE B 82 32.85 4.09 -11.27
N ILE B 83 32.64 2.97 -10.60
CA ILE B 83 32.18 1.74 -11.22
C ILE B 83 30.69 1.60 -10.97
N ASP B 84 29.95 1.17 -11.99
CA ASP B 84 28.55 0.79 -11.86
C ASP B 84 28.45 -0.68 -12.23
N LEU B 85 28.33 -1.54 -11.23
CA LEU B 85 28.25 -2.98 -11.44
C LEU B 85 26.82 -3.34 -11.79
N ARG B 86 26.53 -3.49 -13.09
CA ARG B 86 25.19 -3.82 -13.56
C ARG B 86 24.97 -5.32 -13.35
N LEU B 87 24.45 -5.66 -12.19
CA LEU B 87 24.24 -7.03 -11.75
C LEU B 87 22.78 -7.40 -11.89
N PRO B 88 22.45 -8.56 -12.47
CA PRO B 88 21.05 -8.97 -12.56
C PRO B 88 20.50 -9.34 -11.19
N TYR B 89 19.16 -9.42 -11.12
CA TYR B 89 18.52 -9.75 -9.86
C TYR B 89 18.87 -11.15 -9.40
N SER B 90 18.74 -12.13 -10.29
CA SER B 90 19.03 -13.51 -9.96
C SER B 90 19.77 -14.17 -11.11
N VAL B 91 20.49 -15.25 -10.79
CA VAL B 91 21.18 -16.07 -11.79
C VAL B 91 20.94 -17.53 -11.45
N VAL B 92 20.66 -18.34 -12.48
CA VAL B 92 20.45 -19.77 -12.27
C VAL B 92 21.78 -20.46 -11.99
N ARG B 93 21.77 -21.39 -11.03
CA ARG B 93 22.98 -22.13 -10.67
C ARG B 93 23.56 -22.87 -11.87
N ASN B 94 24.87 -22.72 -12.06
CA ASN B 94 25.69 -23.41 -13.06
C ASN B 94 25.43 -22.90 -14.48
N GLU B 95 24.68 -21.81 -14.65
CA GLU B 95 24.46 -21.21 -15.95
C GLU B 95 25.46 -20.08 -16.15
N GLN B 96 26.08 -20.04 -17.32
CA GLN B 96 27.10 -19.04 -17.61
C GLN B 96 26.44 -17.75 -18.06
N VAL B 97 26.80 -16.64 -17.42
CA VAL B 97 26.25 -15.32 -17.73
C VAL B 97 27.40 -14.34 -17.88
N GLU B 98 27.07 -13.19 -18.49
CA GLU B 98 28.01 -12.08 -18.65
C GLU B 98 27.44 -10.88 -17.92
N ILE B 99 28.12 -10.45 -16.86
CA ILE B 99 27.75 -9.22 -16.16
C ILE B 99 28.51 -8.06 -16.80
N ARG B 100 28.13 -6.84 -16.44
CA ARG B 100 28.74 -5.64 -17.00
C ARG B 100 29.16 -4.71 -15.86
N ALA B 101 30.45 -4.43 -15.78
CA ALA B 101 30.96 -3.40 -14.87
C ALA B 101 31.22 -2.16 -15.72
N VAL B 102 30.33 -1.18 -15.60
CA VAL B 102 30.44 0.06 -16.38
C VAL B 102 31.28 1.06 -15.60
N LEU B 103 32.35 1.53 -16.21
CA LEU B 103 33.24 2.51 -15.60
C LEU B 103 32.98 3.88 -16.22
N TYR B 104 32.71 4.88 -15.38
CA TYR B 104 32.35 6.21 -15.85
C TYR B 104 33.50 7.19 -15.62
N ASN B 105 33.75 8.02 -16.63
CA ASN B 105 34.77 9.07 -16.58
C ASN B 105 34.11 10.39 -16.92
N TYR B 106 33.81 11.19 -15.90
CA TYR B 106 33.21 12.51 -16.08
C TYR B 106 34.23 13.64 -15.99
N ARG B 107 35.51 13.32 -16.14
CA ARG B 107 36.50 14.37 -16.33
C ARG B 107 36.21 15.13 -17.61
N GLN B 108 36.52 16.43 -17.61
CA GLN B 108 36.10 17.28 -18.72
C GLN B 108 36.94 17.02 -19.96
N ASN B 109 38.27 16.91 -19.82
CA ASN B 109 39.14 16.74 -20.98
C ASN B 109 40.36 15.88 -20.64
N GLN B 110 40.17 14.88 -19.79
CA GLN B 110 41.24 13.96 -19.40
C GLN B 110 40.83 12.55 -19.75
N GLU B 111 41.66 11.88 -20.55
CA GLU B 111 41.42 10.50 -20.94
C GLU B 111 42.11 9.58 -19.93
N LEU B 112 41.33 8.69 -19.31
CA LEU B 112 41.83 7.88 -18.21
C LEU B 112 42.34 6.53 -18.68
N LYS B 113 43.42 6.08 -18.05
CA LYS B 113 43.97 4.73 -18.23
C LYS B 113 43.78 4.00 -16.92
N VAL B 114 42.85 3.04 -16.90
CA VAL B 114 42.39 2.39 -15.68
C VAL B 114 42.81 0.93 -15.70
N ARG B 115 43.22 0.44 -14.53
CA ARG B 115 43.47 -0.98 -14.31
C ARG B 115 42.30 -1.54 -13.49
N VAL B 116 41.50 -2.40 -14.12
CA VAL B 116 40.28 -2.94 -13.51
C VAL B 116 40.45 -4.44 -13.33
N GLU B 117 39.97 -4.96 -12.20
CA GLU B 117 40.18 -6.34 -11.82
C GLU B 117 38.89 -6.93 -11.25
N LEU B 118 38.57 -8.15 -11.68
CA LEU B 118 37.48 -8.91 -11.10
C LEU B 118 38.05 -9.85 -10.04
N LEU B 119 37.63 -9.67 -8.79
CA LEU B 119 38.19 -10.43 -7.69
C LEU B 119 37.65 -11.86 -7.68
N HIS B 120 38.51 -12.79 -7.25
CA HIS B 120 38.14 -14.19 -7.27
C HIS B 120 37.15 -14.50 -6.14
N ASN B 121 36.21 -15.39 -6.44
CA ASN B 121 35.24 -15.88 -5.47
C ASN B 121 35.04 -17.38 -5.68
N PRO B 122 35.31 -18.21 -4.67
CA PRO B 122 35.13 -19.66 -4.85
C PRO B 122 33.70 -20.06 -5.19
N ALA B 123 32.71 -19.21 -4.95
CA ALA B 123 31.33 -19.49 -5.33
C ALA B 123 31.08 -19.30 -6.82
N PHE B 124 32.02 -18.73 -7.56
CA PHE B 124 31.87 -18.49 -8.98
C PHE B 124 33.01 -19.15 -9.74
N CYS B 125 32.76 -19.40 -11.03
CA CYS B 125 33.76 -19.94 -11.93
C CYS B 125 34.03 -18.85 -12.97
N SER B 126 35.24 -18.29 -12.92
CA SER B 126 35.62 -17.20 -13.81
C SER B 126 37.09 -17.40 -14.17
N LEU B 127 37.66 -16.41 -14.87
CA LEU B 127 39.08 -16.44 -15.17
C LEU B 127 39.93 -16.15 -13.95
N ALA B 128 39.36 -15.56 -12.90
CA ALA B 128 40.08 -15.31 -11.67
C ALA B 128 40.06 -16.56 -10.80
N THR B 129 41.24 -17.07 -10.47
CA THR B 129 41.40 -18.21 -9.58
C THR B 129 42.14 -17.78 -8.32
N THR B 130 42.48 -18.76 -7.48
CA THR B 130 43.19 -18.47 -6.24
C THR B 130 44.64 -18.08 -6.50
N LYS B 131 45.21 -18.47 -7.65
CA LYS B 131 46.60 -18.15 -7.98
C LYS B 131 46.71 -17.25 -9.20
N ARG B 132 45.60 -16.77 -9.75
CA ARG B 132 45.63 -15.93 -10.94
C ARG B 132 44.58 -14.85 -10.83
N ARG B 133 44.97 -13.62 -11.17
CA ARG B 133 44.08 -12.47 -11.12
C ARG B 133 43.58 -12.12 -12.52
N HIS B 134 42.33 -11.66 -12.60
CA HIS B 134 41.74 -11.22 -13.86
C HIS B 134 41.84 -9.70 -13.93
N GLN B 135 43.05 -9.23 -14.23
CA GLN B 135 43.34 -7.81 -14.38
C GLN B 135 43.48 -7.44 -15.84
N GLN B 136 43.06 -6.21 -16.17
CA GLN B 136 43.19 -5.69 -17.52
C GLN B 136 43.21 -4.17 -17.45
N THR B 137 43.85 -3.57 -18.46
CA THR B 137 43.96 -2.13 -18.56
C THR B 137 43.06 -1.63 -19.69
N VAL B 138 42.22 -0.64 -19.38
CA VAL B 138 41.30 -0.08 -20.36
C VAL B 138 41.51 1.43 -20.45
N THR B 139 40.98 2.01 -21.52
CA THR B 139 41.06 3.44 -21.78
C THR B 139 39.65 4.00 -21.85
N ILE B 140 39.40 5.07 -21.09
CA ILE B 140 38.10 5.72 -21.08
C ILE B 140 38.25 7.17 -21.55
N PRO B 141 37.74 7.53 -22.72
CA PRO B 141 37.80 8.92 -23.16
C PRO B 141 37.02 9.82 -22.21
N PRO B 142 37.29 11.12 -22.22
CA PRO B 142 36.59 12.02 -21.29
C PRO B 142 35.11 12.11 -21.61
N LYS B 143 34.32 12.29 -20.54
CA LYS B 143 32.86 12.41 -20.63
C LYS B 143 32.23 11.21 -21.33
N SER B 144 32.83 10.03 -21.14
CA SER B 144 32.35 8.80 -21.76
C SER B 144 32.37 7.69 -20.72
N SER B 145 31.91 6.52 -21.12
CA SER B 145 31.97 5.34 -20.27
C SER B 145 32.39 4.14 -21.10
N LEU B 146 32.86 3.11 -20.42
CA LEU B 146 33.24 1.86 -21.07
C LEU B 146 32.69 0.69 -20.26
N SER B 147 32.02 -0.23 -20.94
CA SER B 147 31.48 -1.42 -20.30
C SER B 147 32.52 -2.53 -20.34
N VAL B 148 32.90 -3.04 -19.18
CA VAL B 148 33.89 -4.11 -19.07
C VAL B 148 33.14 -5.42 -18.86
N PRO B 149 33.06 -6.30 -19.85
CA PRO B 149 32.32 -7.55 -19.68
C PRO B 149 33.08 -8.55 -18.83
N TYR B 150 32.35 -9.26 -17.97
CA TYR B 150 32.92 -10.33 -17.14
C TYR B 150 32.05 -11.57 -17.27
N VAL B 151 32.65 -12.70 -17.60
CA VAL B 151 31.96 -13.96 -17.77
C VAL B 151 32.17 -14.80 -16.52
N ILE B 152 31.06 -15.20 -15.87
CA ILE B 152 31.10 -15.95 -14.63
C ILE B 152 30.09 -17.08 -14.69
N VAL B 153 30.28 -18.06 -13.81
CA VAL B 153 29.34 -19.16 -13.63
C VAL B 153 29.12 -19.37 -12.14
N PRO B 154 27.92 -19.11 -11.62
CA PRO B 154 27.68 -19.35 -10.19
C PRO B 154 27.65 -20.85 -9.90
N LEU B 155 28.29 -21.22 -8.79
CA LEU B 155 28.48 -22.62 -8.44
C LEU B 155 27.70 -23.07 -7.21
N LYS B 156 27.19 -22.14 -6.40
CA LYS B 156 26.42 -22.50 -5.22
C LYS B 156 25.26 -21.53 -5.04
N THR B 157 24.12 -22.06 -4.61
CA THR B 157 22.93 -21.24 -4.45
C THR B 157 23.07 -20.32 -3.24
N GLY B 158 22.17 -19.36 -3.17
CA GLY B 158 22.13 -18.40 -2.09
C GLY B 158 22.58 -17.03 -2.55
N LEU B 159 22.69 -16.13 -1.59
CA LEU B 159 23.14 -14.77 -1.86
C LEU B 159 24.66 -14.79 -2.04
N GLN B 160 25.11 -14.65 -3.29
CA GLN B 160 26.54 -14.66 -3.60
C GLN B 160 26.98 -13.27 -4.04
N GLU B 161 28.27 -13.01 -3.90
CA GLU B 161 28.82 -11.67 -3.93
C GLU B 161 29.82 -11.51 -5.08
N VAL B 162 29.74 -10.38 -5.78
CA VAL B 162 30.64 -10.05 -6.87
C VAL B 162 31.29 -8.70 -6.56
N GLU B 163 32.62 -8.66 -6.62
CA GLU B 163 33.38 -7.45 -6.28
C GLU B 163 34.31 -7.10 -7.42
N VAL B 164 34.28 -5.83 -7.83
CA VAL B 164 35.13 -5.33 -8.92
C VAL B 164 35.85 -4.09 -8.42
N LYS B 165 37.17 -4.10 -8.51
CA LYS B 165 38.00 -2.98 -8.10
C LYS B 165 38.67 -2.34 -9.30
N ALA B 166 38.94 -1.04 -9.20
CA ALA B 166 39.57 -0.31 -10.28
C ALA B 166 40.38 0.84 -9.70
N ALA B 167 41.53 1.12 -10.33
CA ALA B 167 42.39 2.23 -9.95
C ALA B 167 43.01 2.80 -11.21
N VAL B 168 43.02 4.12 -11.30
CA VAL B 168 43.48 4.80 -12.50
C VAL B 168 44.99 5.02 -12.44
N TYR B 169 45.63 4.93 -13.60
CA TYR B 169 47.05 5.22 -13.69
C TYR B 169 47.30 6.71 -13.59
N HIS B 170 48.39 7.08 -12.92
CA HIS B 170 48.92 8.45 -12.86
C HIS B 170 48.00 9.42 -12.14
N HIS B 171 46.94 8.93 -11.50
CA HIS B 171 46.12 9.74 -10.61
C HIS B 171 45.80 8.91 -9.38
N PHE B 172 45.75 9.56 -8.22
CA PHE B 172 45.43 8.88 -6.97
C PHE B 172 43.91 8.77 -6.79
N ILE B 173 43.27 8.08 -7.75
CA ILE B 173 41.83 7.89 -7.78
C ILE B 173 41.55 6.40 -7.90
N SER B 174 40.69 5.88 -7.02
CA SER B 174 40.34 4.47 -7.03
C SER B 174 38.87 4.31 -6.66
N ASP B 175 38.34 3.13 -6.94
CA ASP B 175 36.95 2.84 -6.64
C ASP B 175 36.74 1.33 -6.63
N GLY B 176 35.74 0.89 -5.87
CA GLY B 176 35.38 -0.51 -5.80
C GLY B 176 33.91 -0.72 -5.52
N VAL B 177 33.29 -1.70 -6.18
CA VAL B 177 31.88 -2.01 -6.01
C VAL B 177 31.76 -3.47 -5.62
N ARG B 178 30.96 -3.73 -4.59
CA ARG B 178 30.76 -5.08 -4.05
C ARG B 178 29.27 -5.30 -3.86
N LYS B 179 28.58 -5.75 -4.91
CA LYS B 179 27.17 -6.06 -4.85
C LYS B 179 26.96 -7.58 -4.80
N SER B 180 25.71 -7.98 -4.60
CA SER B 180 25.36 -9.38 -4.46
C SER B 180 24.11 -9.69 -5.27
N LEU B 181 24.07 -10.89 -5.84
CA LEU B 181 22.90 -11.40 -6.53
C LEU B 181 22.45 -12.72 -5.91
N LYS B 182 21.24 -13.13 -6.27
CA LYS B 182 20.66 -14.38 -5.78
C LYS B 182 20.93 -15.49 -6.78
N VAL B 183 21.46 -16.62 -6.29
CA VAL B 183 21.68 -17.80 -7.12
C VAL B 183 20.54 -18.77 -6.84
N VAL B 184 19.67 -18.95 -7.81
CA VAL B 184 18.48 -19.79 -7.67
C VAL B 184 18.73 -21.12 -8.37
N PRO B 185 18.27 -22.24 -7.81
CA PRO B 185 18.45 -23.54 -8.46
C PRO B 185 17.72 -23.61 -9.80
N GLU B 186 17.99 -24.70 -10.52
CA GLU B 186 17.55 -24.86 -11.90
C GLU B 186 16.07 -25.21 -12.04
N GLY B 187 15.36 -25.42 -10.93
CA GLY B 187 13.97 -25.82 -10.98
C GLY B 187 13.03 -24.66 -11.25
N ILE B 188 11.74 -24.96 -11.14
CA ILE B 188 10.67 -23.98 -11.31
C ILE B 188 9.77 -24.04 -10.08
N ARG B 189 9.33 -22.88 -9.62
CA ARG B 189 8.43 -22.83 -8.47
C ARG B 189 7.14 -23.59 -8.76
N MET B 190 6.70 -24.37 -7.78
CA MET B 190 5.52 -25.20 -7.92
C MET B 190 4.87 -25.34 -6.55
N ASN B 191 3.55 -25.43 -6.54
CA ASN B 191 2.80 -25.57 -5.30
C ASN B 191 1.97 -26.84 -5.32
N LYS B 192 1.93 -27.52 -4.18
CA LYS B 192 1.17 -28.75 -3.99
C LYS B 192 0.32 -28.64 -2.73
N THR B 193 -0.80 -29.35 -2.74
CA THR B 193 -1.73 -29.33 -1.61
C THR B 193 -1.36 -30.46 -0.65
N VAL B 194 -1.09 -30.10 0.61
CA VAL B 194 -0.68 -31.10 1.60
C VAL B 194 -1.90 -31.77 2.22
N ALA B 195 -2.93 -31.01 2.58
CA ALA B 195 -4.09 -31.59 3.24
C ALA B 195 -5.26 -30.61 3.16
N VAL B 196 -6.47 -31.18 3.09
CA VAL B 196 -7.72 -30.43 3.18
C VAL B 196 -8.59 -31.20 4.17
N ARG B 197 -8.63 -30.75 5.43
CA ARG B 197 -9.38 -31.41 6.48
C ARG B 197 -10.48 -30.46 6.96
N THR B 198 -11.73 -30.94 6.92
CA THR B 198 -12.86 -30.14 7.40
C THR B 198 -12.98 -30.27 8.91
N LEU B 199 -13.14 -29.13 9.58
CA LEU B 199 -13.23 -29.08 11.04
C LEU B 199 -14.69 -29.05 11.46
N ASP B 200 -15.06 -30.00 12.32
CA ASP B 200 -16.41 -30.07 12.89
C ASP B 200 -16.32 -30.79 14.22
N PRO B 201 -16.01 -30.05 15.29
CA PRO B 201 -15.75 -30.71 16.58
C PRO B 201 -16.94 -31.43 17.17
N GLU B 202 -18.16 -31.07 16.80
CA GLU B 202 -19.35 -31.71 17.32
C GLU B 202 -19.83 -32.85 16.44
N ARG B 203 -19.02 -33.28 15.47
CA ARG B 203 -19.36 -34.40 14.59
C ARG B 203 -18.16 -35.33 14.46
N LEU B 204 -16.96 -34.75 14.52
CA LEU B 204 -15.71 -35.50 14.53
C LEU B 204 -15.03 -35.34 15.88
N GLY B 205 -14.02 -36.15 16.12
CA GLY B 205 -13.33 -36.11 17.39
C GLY B 205 -14.20 -36.66 18.52
N ARG B 206 -13.72 -36.44 19.74
CA ARG B 206 -14.38 -36.94 20.93
C ARG B 206 -14.38 -35.87 22.02
N GLU B 207 -15.27 -36.05 23.00
CA GLU B 207 -15.40 -35.19 24.18
C GLU B 207 -15.42 -33.70 23.82
N GLY B 208 -15.87 -33.36 22.62
CA GLY B 208 -15.99 -31.99 22.19
C GLY B 208 -14.77 -31.37 21.55
N VAL B 209 -13.65 -32.10 21.48
CA VAL B 209 -12.44 -31.61 20.83
C VAL B 209 -12.15 -32.48 19.62
N GLN B 210 -11.44 -31.89 18.66
CA GLN B 210 -11.05 -32.59 17.43
C GLN B 210 -9.57 -32.33 17.18
N LYS B 211 -8.76 -33.39 17.27
CA LYS B 211 -7.33 -33.30 17.03
C LYS B 211 -7.03 -33.79 15.62
N GLU B 212 -6.31 -32.98 14.85
CA GLU B 212 -5.96 -33.30 13.47
C GLU B 212 -4.46 -33.17 13.29
N ASP B 213 -3.77 -34.29 13.19
CA ASP B 213 -2.32 -34.29 12.98
C ASP B 213 -2.03 -34.11 11.49
N ILE B 214 -1.27 -33.07 11.16
CA ILE B 214 -0.95 -32.77 9.77
C ILE B 214 0.38 -33.42 9.42
N PRO B 215 0.47 -34.15 8.31
CA PRO B 215 1.76 -34.69 7.89
C PRO B 215 2.62 -33.60 7.28
N PRO B 216 3.94 -33.70 7.40
CA PRO B 216 4.82 -32.72 6.75
C PRO B 216 4.69 -32.79 5.23
N ALA B 217 5.29 -31.80 4.56
CA ALA B 217 5.17 -31.69 3.12
C ALA B 217 5.71 -32.96 2.44
N ASP B 218 4.86 -33.58 1.62
CA ASP B 218 5.17 -34.87 0.99
C ASP B 218 5.82 -34.71 -0.36
N LEU B 219 6.68 -33.71 -0.54
CA LEU B 219 7.30 -33.48 -1.84
C LEU B 219 8.27 -34.60 -2.18
N SER B 220 8.30 -34.97 -3.46
CA SER B 220 9.28 -35.90 -3.97
C SER B 220 9.95 -35.38 -5.24
N ASP B 221 9.60 -34.18 -5.69
CA ASP B 221 10.21 -33.54 -6.85
C ASP B 221 11.10 -32.37 -6.46
N GLN B 222 11.34 -32.18 -5.16
CA GLN B 222 12.05 -31.01 -4.70
C GLN B 222 13.52 -31.05 -5.08
N VAL B 223 14.03 -29.90 -5.51
CA VAL B 223 15.49 -29.77 -5.72
C VAL B 223 16.18 -29.91 -4.37
N PRO B 224 17.23 -30.73 -4.26
CA PRO B 224 17.87 -30.94 -2.96
C PRO B 224 18.44 -29.65 -2.38
N ASP B 225 18.26 -29.49 -1.07
CA ASP B 225 18.77 -28.34 -0.33
C ASP B 225 18.16 -27.03 -0.84
N THR B 226 16.84 -26.99 -0.88
CA THR B 226 16.10 -25.78 -1.23
C THR B 226 15.04 -25.51 -0.18
N GLU B 227 14.67 -24.24 -0.05
CA GLU B 227 13.71 -23.82 0.96
C GLU B 227 12.28 -24.11 0.51
N SER B 228 11.43 -24.48 1.46
CA SER B 228 10.01 -24.66 1.24
C SER B 228 9.24 -23.92 2.32
N GLU B 229 8.11 -23.33 1.94
CA GLU B 229 7.26 -22.60 2.87
C GLU B 229 5.88 -23.25 2.91
N THR B 230 5.43 -23.59 4.11
CA THR B 230 4.13 -24.22 4.32
C THR B 230 3.16 -23.18 4.87
N ARG B 231 2.05 -22.98 4.17
CA ARG B 231 1.05 -21.97 4.52
C ARG B 231 -0.16 -22.66 5.12
N ILE B 232 -0.45 -22.35 6.37
CA ILE B 232 -1.59 -22.92 7.09
C ILE B 232 -2.74 -21.92 7.02
N LEU B 233 -3.85 -22.33 6.42
CA LEU B 233 -5.00 -21.45 6.21
C LEU B 233 -6.18 -21.97 7.03
N LEU B 234 -6.41 -21.35 8.19
CA LEU B 234 -7.61 -21.59 8.98
C LEU B 234 -8.70 -20.64 8.50
N GLN B 235 -9.83 -21.19 8.06
CA GLN B 235 -10.91 -20.38 7.53
C GLN B 235 -12.24 -20.96 8.00
N GLY B 236 -13.05 -20.11 8.63
CA GLY B 236 -14.37 -20.55 9.07
C GLY B 236 -15.34 -20.60 7.90
N THR B 237 -16.22 -21.60 7.92
CA THR B 237 -17.21 -21.76 6.86
C THR B 237 -18.53 -21.19 7.34
N PRO B 238 -18.95 -20.03 6.86
CA PRO B 238 -20.23 -19.47 7.31
C PRO B 238 -21.41 -20.21 6.70
N VAL B 239 -22.46 -20.38 7.52
CA VAL B 239 -23.68 -21.02 7.08
C VAL B 239 -24.85 -20.11 7.45
N ALA B 240 -25.92 -20.20 6.67
CA ALA B 240 -27.10 -19.35 6.85
C ALA B 240 -28.35 -20.20 6.89
N GLN B 241 -29.37 -19.68 7.56
CA GLN B 241 -30.69 -20.30 7.62
C GLN B 241 -31.73 -19.37 7.00
N MET B 242 -32.72 -19.97 6.37
CA MET B 242 -33.79 -19.19 5.75
C MET B 242 -34.73 -18.65 6.82
N THR B 243 -35.13 -17.39 6.66
CA THR B 243 -36.11 -16.77 7.54
C THR B 243 -37.16 -16.06 6.70
N GLU B 244 -38.40 -16.04 7.19
CA GLU B 244 -39.50 -15.44 6.47
C GLU B 244 -39.45 -13.92 6.57
N ASP B 245 -39.73 -13.25 5.46
CA ASP B 245 -39.63 -11.80 5.40
C ASP B 245 -40.66 -11.14 6.31
N ALA B 246 -40.34 -9.93 6.76
CA ALA B 246 -41.27 -9.13 7.52
C ALA B 246 -42.33 -8.51 6.62
N VAL B 247 -43.47 -8.17 7.22
CA VAL B 247 -44.55 -7.55 6.46
C VAL B 247 -44.13 -6.16 6.03
N ASP B 248 -44.41 -5.84 4.75
CA ASP B 248 -44.06 -4.52 4.22
C ASP B 248 -44.80 -3.43 4.97
N ALA B 249 -44.05 -2.44 5.45
CA ALA B 249 -44.64 -1.37 6.25
C ALA B 249 -45.62 -0.51 5.46
N GLU B 250 -45.62 -0.60 4.13
CA GLU B 250 -46.59 0.16 3.34
C GLU B 250 -48.01 -0.33 3.57
N ARG B 251 -48.16 -1.63 3.88
CA ARG B 251 -49.47 -2.18 4.18
C ARG B 251 -49.93 -1.86 5.59
N LEU B 252 -49.06 -1.30 6.43
CA LEU B 252 -49.38 -1.03 7.82
C LEU B 252 -49.52 0.46 8.11
N LYS B 253 -49.65 1.29 7.07
CA LYS B 253 -49.75 2.73 7.28
C LYS B 253 -51.06 3.13 7.94
N HIS B 254 -52.08 2.29 7.89
CA HIS B 254 -53.39 2.62 8.42
C HIS B 254 -53.55 2.30 9.90
N LEU B 255 -52.50 1.82 10.56
CA LEU B 255 -52.56 1.47 11.97
C LEU B 255 -52.25 2.64 12.89
N ILE B 256 -51.95 3.83 12.34
CA ILE B 256 -51.68 5.01 13.15
C ILE B 256 -53.02 5.68 13.40
N VAL B 257 -53.53 5.55 14.62
CA VAL B 257 -54.88 5.97 14.96
C VAL B 257 -54.82 6.91 16.17
N THR B 258 -55.61 7.98 16.12
CA THR B 258 -55.78 8.89 17.24
C THR B 258 -56.80 8.30 18.22
N PRO B 259 -56.36 7.85 19.39
CA PRO B 259 -57.30 7.19 20.32
C PRO B 259 -58.27 8.18 20.94
N SER B 260 -59.55 7.80 20.96
CA SER B 260 -60.60 8.63 21.53
C SER B 260 -61.69 7.72 22.10
N GLY B 261 -62.68 8.33 22.72
CA GLY B 261 -63.79 7.59 23.29
C GLY B 261 -63.63 7.32 24.77
N CYS B 262 -64.47 6.41 25.27
CA CYS B 262 -64.51 6.08 26.68
C CYS B 262 -63.51 4.98 27.00
N GLY B 263 -63.72 4.26 28.10
CA GLY B 263 -62.69 3.34 28.60
C GLY B 263 -62.43 2.19 27.65
N GLU B 264 -63.48 1.74 26.96
CA GLU B 264 -63.32 0.67 25.98
C GLU B 264 -62.99 1.21 24.59
N GLU B 265 -63.52 2.38 24.23
CA GLU B 265 -63.26 2.93 22.91
C GLU B 265 -61.85 3.51 22.79
N ASN B 266 -61.27 3.96 23.91
CA ASN B 266 -59.92 4.51 23.88
C ASN B 266 -58.90 3.41 23.63
N MET B 267 -59.10 2.23 24.21
CA MET B 267 -58.20 1.10 23.99
C MET B 267 -58.31 0.56 22.57
N ILE B 268 -59.43 0.78 21.89
CA ILE B 268 -59.57 0.30 20.52
C ILE B 268 -58.70 1.12 19.58
N GLY B 269 -58.61 2.43 19.81
CA GLY B 269 -57.74 3.27 19.01
C GLY B 269 -56.29 3.24 19.45
N MET B 270 -56.03 2.89 20.71
CA MET B 270 -54.67 2.80 21.21
C MET B 270 -53.97 1.51 20.77
N THR B 271 -54.74 0.45 20.50
CA THR B 271 -54.12 -0.83 20.18
C THR B 271 -53.35 -0.81 18.87
N PRO B 272 -53.91 -0.36 17.73
CA PRO B 272 -53.15 -0.45 16.47
C PRO B 272 -51.94 0.46 16.43
N THR B 273 -51.89 1.50 17.26
CA THR B 273 -50.77 2.43 17.26
C THR B 273 -49.61 1.94 18.12
N VAL B 274 -49.90 1.31 19.25
CA VAL B 274 -48.84 0.76 20.10
C VAL B 274 -48.22 -0.45 19.43
N ILE B 275 -49.04 -1.32 18.83
CA ILE B 275 -48.51 -2.53 18.21
C ILE B 275 -47.80 -2.23 16.90
N ALA B 276 -48.14 -1.12 16.24
CA ALA B 276 -47.45 -0.76 15.00
C ALA B 276 -46.06 -0.23 15.30
N VAL B 277 -45.95 0.68 16.28
CA VAL B 277 -44.65 1.18 16.70
C VAL B 277 -43.78 0.04 17.22
N HIS B 278 -44.38 -0.88 17.98
CA HIS B 278 -43.62 -2.01 18.51
C HIS B 278 -43.09 -2.90 17.38
N TYR B 279 -43.91 -3.14 16.36
CA TYR B 279 -43.46 -4.00 15.26
C TYR B 279 -42.48 -3.28 14.35
N LEU B 280 -42.69 -1.98 14.13
CA LEU B 280 -41.78 -1.23 13.28
C LEU B 280 -40.44 -0.94 13.98
N ASP B 281 -40.44 -0.85 15.32
CA ASP B 281 -39.18 -0.68 16.03
C ASP B 281 -38.34 -1.95 15.98
N GLU B 282 -38.99 -3.11 16.06
CA GLU B 282 -38.26 -4.37 16.04
C GLU B 282 -37.70 -4.68 14.65
N THR B 283 -38.51 -4.45 13.61
CA THR B 283 -38.07 -4.72 12.25
C THR B 283 -37.25 -3.58 11.66
N GLU B 284 -37.28 -2.40 12.27
CA GLU B 284 -36.50 -1.24 11.83
C GLU B 284 -36.82 -0.89 10.38
N GLN B 285 -38.12 -0.81 10.07
CA GLN B 285 -38.59 -0.40 8.76
C GLN B 285 -38.94 1.09 8.70
N TRP B 286 -38.50 1.87 9.70
CA TRP B 286 -38.83 3.29 9.71
C TRP B 286 -38.15 4.04 8.57
N GLU B 287 -36.99 3.56 8.11
CA GLU B 287 -36.33 4.21 6.99
C GLU B 287 -37.15 4.13 5.72
N LYS B 288 -37.75 2.96 5.45
CA LYS B 288 -38.59 2.77 4.28
C LYS B 288 -40.03 3.19 4.51
N PHE B 289 -40.35 3.70 5.71
CA PHE B 289 -41.70 4.13 6.05
C PHE B 289 -41.82 5.61 6.33
N GLY B 290 -40.75 6.27 6.75
CA GLY B 290 -40.80 7.67 7.10
C GLY B 290 -40.36 7.90 8.53
N LEU B 291 -39.09 8.30 8.70
CA LEU B 291 -38.55 8.49 10.05
C LEU B 291 -39.28 9.59 10.80
N GLU B 292 -39.83 10.57 10.08
CA GLU B 292 -40.53 11.67 10.74
C GLU B 292 -41.81 11.21 11.41
N LYS B 293 -42.45 10.16 10.88
CA LYS B 293 -43.73 9.72 11.40
C LYS B 293 -43.63 9.03 12.75
N ARG B 294 -42.42 8.64 13.17
CA ARG B 294 -42.26 7.87 14.40
C ARG B 294 -42.63 8.69 15.62
N GLN B 295 -42.28 9.99 15.62
CA GLN B 295 -42.57 10.81 16.80
C GLN B 295 -44.05 11.15 16.90
N GLY B 296 -44.73 11.33 15.76
CA GLY B 296 -46.15 11.66 15.81
C GLY B 296 -46.99 10.54 16.42
N ALA B 297 -46.72 9.30 16.01
CA ALA B 297 -47.41 8.16 16.61
C ALA B 297 -47.01 7.97 18.07
N LEU B 298 -45.76 8.29 18.41
CA LEU B 298 -45.33 8.20 19.80
C LEU B 298 -46.14 9.14 20.69
N GLU B 299 -46.60 10.26 20.15
CA GLU B 299 -47.46 11.16 20.93
C GLU B 299 -48.88 10.65 20.99
N LEU B 300 -49.32 9.90 19.98
CA LEU B 300 -50.65 9.28 20.04
C LEU B 300 -50.68 8.14 21.03
N ILE B 301 -49.54 7.48 21.26
CA ILE B 301 -49.46 6.46 22.30
C ILE B 301 -49.53 7.12 23.68
N LYS B 302 -48.85 8.24 23.85
CA LYS B 302 -48.98 9.01 25.09
C LYS B 302 -50.41 9.51 25.27
N LYS B 303 -51.05 9.93 24.16
CA LYS B 303 -52.42 10.39 24.24
C LYS B 303 -53.37 9.27 24.64
N GLY B 304 -53.07 8.03 24.26
CA GLY B 304 -53.89 6.91 24.67
C GLY B 304 -53.73 6.57 26.14
N TYR B 305 -52.48 6.54 26.62
CA TYR B 305 -52.24 6.28 28.03
C TYR B 305 -52.77 7.41 28.92
N THR B 306 -52.78 8.64 28.41
CA THR B 306 -53.28 9.76 29.20
C THR B 306 -54.78 9.69 29.39
N GLN B 307 -55.51 9.35 28.34
CA GLN B 307 -56.96 9.30 28.38
C GLN B 307 -57.52 8.00 28.93
N GLN B 308 -56.68 6.96 29.08
CA GLN B 308 -57.13 5.72 29.68
C GLN B 308 -57.14 5.79 31.20
N LEU B 309 -56.30 6.64 31.79
CA LEU B 309 -56.30 6.84 33.24
C LEU B 309 -57.55 7.58 33.71
N ALA B 310 -58.22 8.31 32.81
CA ALA B 310 -59.48 8.95 33.16
C ALA B 310 -60.57 7.93 33.45
N PHE B 311 -60.42 6.70 32.99
CA PHE B 311 -61.38 5.63 33.24
C PHE B 311 -60.79 4.53 34.11
N ARG B 312 -59.62 4.76 34.72
CA ARG B 312 -59.08 3.85 35.72
C ARG B 312 -59.80 4.09 37.03
N GLN B 313 -60.57 3.11 37.48
CA GLN B 313 -61.33 3.26 38.71
C GLN B 313 -60.39 3.36 39.90
N PRO B 314 -60.83 4.03 40.98
CA PRO B 314 -59.96 4.15 42.17
C PRO B 314 -59.58 2.82 42.79
N SER B 315 -60.26 1.74 42.44
CA SER B 315 -59.92 0.40 42.92
C SER B 315 -58.85 -0.27 42.06
N SER B 316 -58.09 0.52 41.28
CA SER B 316 -57.05 0.01 40.38
C SER B 316 -57.61 -1.01 39.39
N ALA B 317 -58.85 -0.82 38.97
CA ALA B 317 -59.49 -1.65 37.96
C ALA B 317 -59.92 -0.79 36.77
N PHE B 318 -60.37 -1.45 35.71
CA PHE B 318 -60.73 -0.76 34.49
C PHE B 318 -62.14 -1.13 34.06
N ALA B 319 -62.94 -0.12 33.72
CA ALA B 319 -64.29 -0.31 33.21
C ALA B 319 -64.54 0.71 32.11
N ALA B 320 -65.66 0.54 31.41
CA ALA B 320 -65.99 1.46 30.32
C ALA B 320 -66.26 2.87 30.83
N PHE B 321 -66.95 2.99 31.95
CA PHE B 321 -67.23 4.27 32.57
C PHE B 321 -66.74 4.25 34.02
N VAL B 322 -66.67 5.44 34.62
CA VAL B 322 -66.32 5.53 36.03
C VAL B 322 -67.42 4.99 36.91
N LYS B 323 -68.64 4.84 36.39
CA LYS B 323 -69.75 4.25 37.11
C LYS B 323 -70.06 2.83 36.67
N ARG B 324 -69.24 2.26 35.78
CA ARG B 324 -69.45 0.91 35.27
C ARG B 324 -68.68 -0.10 36.11
N ALA B 325 -69.23 -1.31 36.21
CA ALA B 325 -68.57 -2.37 36.96
C ALA B 325 -67.27 -2.78 36.28
N PRO B 326 -66.26 -3.17 37.05
CA PRO B 326 -64.97 -3.55 36.45
C PRO B 326 -65.05 -4.90 35.77
N SER B 327 -64.13 -5.10 34.83
CA SER B 327 -64.08 -6.31 34.02
C SER B 327 -62.79 -7.08 34.29
N THR B 328 -62.89 -8.40 34.25
CA THR B 328 -61.70 -9.25 34.32
C THR B 328 -60.93 -9.27 33.01
N TRP B 329 -61.65 -9.18 31.88
CA TRP B 329 -61.00 -9.18 30.57
C TRP B 329 -60.40 -7.81 30.26
N LEU B 330 -61.15 -6.74 30.50
CA LEU B 330 -60.67 -5.41 30.16
C LEU B 330 -59.50 -5.00 31.04
N THR B 331 -59.54 -5.35 32.33
CA THR B 331 -58.40 -5.09 33.20
C THR B 331 -57.18 -5.89 32.75
N ALA B 332 -57.37 -7.15 32.37
CA ALA B 332 -56.26 -7.97 31.88
C ALA B 332 -55.75 -7.50 30.52
N TYR B 333 -56.58 -6.83 29.72
CA TYR B 333 -56.10 -6.36 28.43
C TYR B 333 -55.37 -5.03 28.54
N VAL B 334 -55.73 -4.19 29.52
CA VAL B 334 -54.93 -2.99 29.78
C VAL B 334 -53.55 -3.39 30.30
N VAL B 335 -53.48 -4.44 31.11
CA VAL B 335 -52.19 -4.98 31.53
C VAL B 335 -51.43 -5.52 30.33
N LYS B 336 -52.13 -6.09 29.35
CA LYS B 336 -51.46 -6.64 28.18
C LYS B 336 -50.93 -5.55 27.27
N VAL B 337 -51.63 -4.41 27.17
CA VAL B 337 -51.18 -3.33 26.28
C VAL B 337 -50.17 -2.44 26.98
N PHE B 338 -50.40 -2.14 28.27
CA PHE B 338 -49.48 -1.27 28.99
C PHE B 338 -48.12 -1.94 29.19
N SER B 339 -48.10 -3.26 29.35
CA SER B 339 -46.82 -3.97 29.51
C SER B 339 -45.98 -3.87 28.25
N LEU B 340 -46.59 -4.10 27.08
CA LEU B 340 -45.88 -3.98 25.82
C LEU B 340 -45.58 -2.53 25.47
N ALA B 341 -46.21 -1.57 26.14
CA ALA B 341 -45.94 -0.16 25.90
C ALA B 341 -44.77 0.37 26.72
N VAL B 342 -44.40 -0.30 27.81
CA VAL B 342 -43.33 0.18 28.68
C VAL B 342 -42.02 0.29 27.91
N ASN B 343 -41.78 -0.62 26.97
CA ASN B 343 -40.52 -0.62 26.23
C ASN B 343 -40.32 0.63 25.38
N LEU B 344 -41.40 1.32 25.01
CA LEU B 344 -41.28 2.53 24.20
C LEU B 344 -41.57 3.81 24.98
N ILE B 345 -42.59 3.80 25.84
CA ILE B 345 -42.92 4.95 26.69
C ILE B 345 -43.31 4.42 28.06
N ALA B 346 -43.01 5.19 29.10
CA ALA B 346 -43.41 4.83 30.44
C ALA B 346 -43.71 6.10 31.23
N ILE B 347 -44.64 5.99 32.17
CA ILE B 347 -44.97 7.08 33.08
C ILE B 347 -45.10 6.54 34.50
N ASP B 348 -46.04 5.64 34.72
CA ASP B 348 -46.33 5.12 36.05
C ASP B 348 -46.41 3.60 36.00
N SER B 349 -45.70 2.95 36.93
CA SER B 349 -45.71 1.49 37.02
C SER B 349 -46.72 0.96 38.02
N GLN B 350 -47.08 1.75 39.04
CA GLN B 350 -48.07 1.32 40.01
C GLN B 350 -49.47 1.21 39.41
N VAL B 351 -49.69 1.78 38.22
CA VAL B 351 -50.95 1.57 37.52
C VAL B 351 -51.00 0.16 36.93
N LEU B 352 -49.87 -0.31 36.38
CA LEU B 352 -49.82 -1.66 35.83
C LEU B 352 -49.87 -2.70 36.93
N CYS B 353 -49.07 -2.51 37.99
CA CYS B 353 -49.07 -3.47 39.09
C CYS B 353 -50.33 -3.35 39.94
N GLY B 354 -50.96 -2.18 39.96
CA GLY B 354 -52.22 -2.02 40.67
C GLY B 354 -53.35 -2.80 40.05
N ALA B 355 -53.36 -2.92 38.72
CA ALA B 355 -54.34 -3.75 38.04
C ALA B 355 -54.07 -5.24 38.22
N VAL B 356 -52.79 -5.64 38.28
CA VAL B 356 -52.46 -7.03 38.56
C VAL B 356 -52.76 -7.36 40.02
N LYS B 357 -52.60 -6.39 40.93
CA LYS B 357 -52.94 -6.62 42.33
C LYS B 357 -54.44 -6.84 42.51
N TRP B 358 -55.26 -6.14 41.72
CA TRP B 358 -56.71 -6.33 41.77
C TRP B 358 -57.14 -7.58 41.03
N LEU B 359 -56.37 -8.00 40.01
CA LEU B 359 -56.72 -9.14 39.15
C LEU B 359 -56.59 -10.48 39.87
N ILE B 360 -55.83 -10.51 40.97
CA ILE B 360 -55.69 -11.70 41.79
C ILE B 360 -56.56 -11.67 43.05
N LEU B 361 -56.77 -10.51 43.67
CA LEU B 361 -57.57 -10.49 44.90
C LEU B 361 -59.03 -10.78 44.63
N GLU B 362 -59.59 -10.22 43.55
CA GLU B 362 -61.02 -10.27 43.29
C GLU B 362 -61.42 -11.33 42.27
N LYS B 363 -60.58 -11.63 41.28
CA LYS B 363 -60.97 -12.49 40.18
C LYS B 363 -60.13 -13.77 40.09
N GLN B 364 -59.65 -14.26 41.23
CA GLN B 364 -58.86 -15.50 41.29
C GLN B 364 -59.48 -16.43 42.32
N LYS B 365 -60.24 -17.40 41.85
CA LYS B 365 -60.65 -18.50 42.70
C LYS B 365 -59.46 -19.44 42.90
N PRO B 366 -59.34 -20.06 44.09
CA PRO B 366 -58.22 -20.98 44.32
C PRO B 366 -58.20 -22.18 43.39
N ASP B 367 -59.26 -22.38 42.59
CA ASP B 367 -59.21 -23.35 41.50
C ASP B 367 -58.26 -22.89 40.39
N GLY B 368 -57.90 -21.61 40.36
CA GLY B 368 -57.07 -21.06 39.31
C GLY B 368 -57.85 -20.51 38.13
N VAL B 369 -59.17 -20.46 38.20
CA VAL B 369 -60.01 -20.04 37.10
C VAL B 369 -60.21 -18.53 37.15
N PHE B 370 -60.11 -17.89 35.99
CA PHE B 370 -60.51 -16.49 35.83
C PHE B 370 -61.90 -16.46 35.20
N GLN B 371 -62.88 -15.96 35.95
CA GLN B 371 -64.25 -15.87 35.49
C GLN B 371 -64.61 -14.42 35.21
N GLU B 372 -65.34 -14.21 34.11
CA GLU B 372 -65.68 -12.87 33.62
C GLU B 372 -67.09 -12.52 34.07
N ASP B 373 -67.23 -11.39 34.78
CA ASP B 373 -68.54 -10.84 35.08
C ASP B 373 -69.15 -10.13 33.89
N ALA B 374 -68.38 -9.90 32.83
CA ALA B 374 -68.80 -9.39 31.53
C ALA B 374 -69.45 -8.01 31.59
N PRO B 375 -68.72 -6.95 31.98
CA PRO B 375 -69.23 -5.60 31.71
C PRO B 375 -68.60 -5.01 30.45
N VAL B 376 -68.02 -5.87 29.62
CA VAL B 376 -67.36 -5.43 28.40
C VAL B 376 -68.43 -5.03 27.39
N ILE B 377 -68.61 -3.72 27.20
CA ILE B 377 -69.65 -3.23 26.30
C ILE B 377 -69.30 -3.56 24.85
N HIS B 378 -68.03 -3.45 24.48
CA HIS B 378 -67.57 -3.76 23.14
C HIS B 378 -67.19 -5.24 23.08
N GLN B 379 -68.04 -6.06 22.46
CA GLN B 379 -67.67 -7.43 22.16
C GLN B 379 -66.71 -7.55 20.99
N GLU B 380 -66.37 -6.42 20.37
CA GLU B 380 -65.40 -6.42 19.26
C GLU B 380 -64.02 -6.78 19.76
N MET B 381 -63.59 -6.15 20.84
CA MET B 381 -62.22 -6.32 21.35
C MET B 381 -61.98 -7.70 21.93
N ILE B 382 -63.05 -8.43 22.29
CA ILE B 382 -62.88 -9.72 22.97
C ILE B 382 -62.10 -10.69 22.09
N GLY B 383 -62.43 -10.75 20.80
CA GLY B 383 -61.75 -11.63 19.89
C GLY B 383 -62.27 -13.05 19.93
N GLY B 384 -61.35 -14.02 19.94
CA GLY B 384 -61.73 -15.42 19.96
C GLY B 384 -62.38 -15.87 21.25
N LEU B 385 -62.17 -15.13 22.35
CA LEU B 385 -62.81 -15.49 23.61
C LEU B 385 -64.33 -15.38 23.52
N ARG B 386 -64.83 -14.51 22.65
CA ARG B 386 -66.25 -14.43 22.37
C ARG B 386 -66.67 -15.57 21.45
N ASN B 387 -67.85 -16.15 21.72
CA ASN B 387 -68.38 -17.28 20.96
C ASN B 387 -67.42 -18.46 21.01
N ASN B 388 -67.04 -18.84 22.23
CA ASN B 388 -66.12 -19.94 22.47
C ASN B 388 -66.83 -21.00 23.31
N ASN B 389 -66.78 -22.26 22.86
CA ASN B 389 -67.44 -23.33 23.60
C ASN B 389 -66.85 -23.48 24.98
N GLU B 390 -65.52 -23.59 25.07
CA GLU B 390 -64.82 -23.63 26.35
C GLU B 390 -64.34 -22.22 26.71
N LYS B 391 -65.32 -21.35 26.93
CA LYS B 391 -65.03 -19.96 27.27
C LYS B 391 -64.41 -19.84 28.66
N ASP B 392 -64.48 -20.89 29.47
CA ASP B 392 -63.92 -20.84 30.82
C ASP B 392 -62.43 -21.12 30.81
N MET B 393 -61.97 -22.06 29.98
CA MET B 393 -60.54 -22.36 29.90
C MET B 393 -59.80 -21.38 29.01
N ALA B 394 -60.48 -20.81 28.00
CA ALA B 394 -59.84 -19.83 27.14
C ALA B 394 -59.59 -18.52 27.86
N LEU B 395 -60.42 -18.17 28.84
CA LEU B 395 -60.23 -16.94 29.60
C LEU B 395 -59.16 -17.09 30.68
N THR B 396 -59.06 -18.27 31.28
CA THR B 396 -57.98 -18.52 32.24
C THR B 396 -56.62 -18.38 31.57
N ALA B 397 -56.54 -18.78 30.29
CA ALA B 397 -55.29 -18.65 29.55
C ALA B 397 -55.04 -17.22 29.10
N PHE B 398 -56.10 -16.44 28.86
CA PHE B 398 -55.92 -15.05 28.44
C PHE B 398 -55.37 -14.20 29.56
N VAL B 399 -55.96 -14.30 30.75
CA VAL B 399 -55.49 -13.50 31.88
C VAL B 399 -54.10 -13.96 32.33
N LEU B 400 -53.82 -15.27 32.23
CA LEU B 400 -52.51 -15.77 32.63
C LEU B 400 -51.39 -15.19 31.76
N ILE B 401 -51.67 -14.97 30.47
CA ILE B 401 -50.69 -14.35 29.59
C ILE B 401 -50.50 -12.89 29.95
N SER B 402 -51.56 -12.21 30.40
CA SER B 402 -51.43 -10.81 30.79
C SER B 402 -50.56 -10.66 32.03
N LEU B 403 -50.67 -11.60 32.97
CA LEU B 403 -49.84 -11.55 34.17
C LEU B 403 -48.36 -11.75 33.83
N GLN B 404 -48.06 -12.49 32.77
CA GLN B 404 -46.66 -12.77 32.45
C GLN B 404 -45.97 -11.58 31.79
N GLU B 405 -46.69 -10.88 30.91
CA GLU B 405 -46.13 -9.68 30.31
C GLU B 405 -45.84 -8.60 31.36
N ALA B 406 -46.48 -8.69 32.52
CA ALA B 406 -46.25 -7.76 33.62
C ALA B 406 -45.58 -8.44 34.81
N LYS B 407 -45.10 -9.67 34.66
CA LYS B 407 -44.47 -10.36 35.78
C LYS B 407 -43.05 -9.83 36.02
N ASP B 408 -42.29 -9.59 34.96
CA ASP B 408 -40.95 -9.04 35.08
C ASP B 408 -40.95 -7.59 35.54
N ILE B 409 -42.10 -6.92 35.53
CA ILE B 409 -42.20 -5.53 35.93
C ILE B 409 -42.86 -5.37 37.30
N CYS B 410 -43.64 -6.35 37.75
CA CYS B 410 -44.33 -6.29 39.03
C CYS B 410 -43.98 -7.47 39.92
N GLU B 411 -42.71 -7.88 39.90
CA GLU B 411 -42.29 -8.99 40.75
C GLU B 411 -42.18 -8.58 42.21
N GLU B 412 -41.67 -7.37 42.46
CA GLU B 412 -41.54 -6.91 43.84
C GLU B 412 -42.82 -6.24 44.32
N GLN B 413 -43.57 -5.62 43.41
CA GLN B 413 -44.82 -4.95 43.79
C GLN B 413 -45.87 -5.97 44.21
N VAL B 414 -46.12 -6.97 43.36
CA VAL B 414 -47.11 -8.01 43.62
C VAL B 414 -46.35 -9.28 43.93
N ASN B 415 -46.21 -9.59 45.22
CA ASN B 415 -45.49 -10.78 45.65
C ASN B 415 -46.36 -12.04 45.61
N SER B 416 -47.67 -11.90 45.48
CA SER B 416 -48.57 -13.03 45.35
C SER B 416 -48.82 -13.42 43.90
N LEU B 417 -48.10 -12.82 42.96
CA LEU B 417 -48.30 -13.13 41.55
C LEU B 417 -47.85 -14.54 41.19
N PRO B 418 -46.68 -15.03 41.62
CA PRO B 418 -46.31 -16.41 41.28
C PRO B 418 -47.26 -17.46 41.83
N GLY B 419 -48.05 -17.13 42.86
CA GLY B 419 -49.01 -18.08 43.38
C GLY B 419 -50.21 -18.27 42.47
N SER B 420 -50.78 -17.16 42.00
CA SER B 420 -51.90 -17.23 41.07
C SER B 420 -51.48 -17.81 39.73
N ILE B 421 -50.24 -17.56 39.30
CA ILE B 421 -49.74 -18.13 38.06
C ILE B 421 -49.66 -19.65 38.16
N THR B 422 -49.12 -20.15 39.27
CA THR B 422 -49.05 -21.60 39.47
C THR B 422 -50.45 -22.21 39.57
N LYS B 423 -51.38 -21.52 40.24
CA LYS B 423 -52.75 -22.01 40.32
C LYS B 423 -53.43 -22.00 38.97
N ALA B 424 -53.21 -20.93 38.18
CA ALA B 424 -53.79 -20.88 36.84
C ALA B 424 -53.18 -21.95 35.94
N GLY B 425 -51.89 -22.24 36.11
CA GLY B 425 -51.27 -23.30 35.33
C GLY B 425 -51.75 -24.68 35.72
N ASP B 426 -52.11 -24.87 37.00
CA ASP B 426 -52.63 -26.16 37.44
C ASP B 426 -53.98 -26.46 36.81
N PHE B 427 -54.83 -25.43 36.67
CA PHE B 427 -56.15 -25.64 36.08
C PHE B 427 -56.07 -25.97 34.60
N LEU B 428 -55.05 -25.45 33.91
CA LEU B 428 -54.96 -25.65 32.47
C LEU B 428 -54.54 -27.08 32.12
N GLU B 429 -53.58 -27.63 32.86
CA GLU B 429 -53.06 -28.96 32.53
C GLU B 429 -54.16 -30.02 32.64
N ALA B 430 -55.04 -29.88 33.63
CA ALA B 430 -56.03 -30.92 33.89
C ALA B 430 -57.00 -31.07 32.73
N ASN B 431 -57.55 -29.95 32.25
CA ASN B 431 -58.53 -29.97 31.18
C ASN B 431 -57.95 -29.59 29.83
N TYR B 432 -56.63 -29.75 29.66
CA TYR B 432 -56.02 -29.47 28.36
C TYR B 432 -56.25 -30.61 27.38
N MET B 433 -56.21 -31.86 27.86
CA MET B 433 -56.44 -33.03 27.04
C MET B 433 -57.92 -33.31 26.79
N ASN B 434 -58.81 -32.40 27.21
CA ASN B 434 -60.24 -32.56 27.00
C ASN B 434 -60.83 -31.48 26.10
N LEU B 435 -60.03 -30.53 25.62
CA LEU B 435 -60.52 -29.47 24.77
C LEU B 435 -60.70 -29.96 23.34
N GLN B 436 -61.70 -29.40 22.66
CA GLN B 436 -61.99 -29.76 21.28
C GLN B 436 -61.95 -28.56 20.33
N ARG B 437 -61.66 -27.36 20.82
CA ARG B 437 -61.58 -26.17 20.00
C ARG B 437 -60.12 -25.80 19.77
N SER B 438 -59.79 -25.47 18.51
CA SER B 438 -58.41 -25.11 18.17
C SER B 438 -57.99 -23.78 18.77
N TYR B 439 -58.94 -22.89 19.05
CA TYR B 439 -58.57 -21.62 19.67
C TYR B 439 -58.14 -21.81 21.13
N THR B 440 -58.84 -22.66 21.87
CA THR B 440 -58.51 -22.86 23.28
C THR B 440 -57.14 -23.52 23.43
N VAL B 441 -56.86 -24.54 22.61
CA VAL B 441 -55.56 -25.22 22.67
C VAL B 441 -54.44 -24.30 22.22
N ALA B 442 -54.75 -23.28 21.40
CA ALA B 442 -53.71 -22.38 20.91
C ALA B 442 -53.37 -21.30 21.95
N ILE B 443 -54.38 -20.64 22.51
CA ILE B 443 -54.11 -19.61 23.51
C ILE B 443 -53.63 -20.23 24.82
N ALA B 444 -54.19 -21.39 25.19
CA ALA B 444 -53.68 -22.16 26.32
C ALA B 444 -52.49 -23.04 25.94
N GLY B 445 -52.02 -22.94 24.70
CA GLY B 445 -50.79 -23.58 24.28
C GLY B 445 -49.64 -22.60 24.42
N TYR B 446 -49.92 -21.31 24.24
CA TYR B 446 -48.96 -20.27 24.59
C TYR B 446 -49.00 -19.93 26.06
N ALA B 447 -50.10 -20.24 26.77
CA ALA B 447 -50.21 -19.95 28.19
C ALA B 447 -49.47 -20.95 29.06
N LEU B 448 -49.20 -22.16 28.56
CA LEU B 448 -48.44 -23.15 29.30
C LEU B 448 -47.00 -23.30 28.80
N ALA B 449 -46.70 -22.81 27.60
CA ALA B 449 -45.32 -22.76 27.14
C ALA B 449 -44.58 -21.56 27.72
N GLN B 450 -45.29 -20.46 27.98
CA GLN B 450 -44.69 -19.29 28.63
C GLN B 450 -44.27 -19.64 30.06
N MET B 451 -42.98 -19.78 30.26
CA MET B 451 -42.45 -19.92 31.59
C MET B 451 -43.22 -20.98 32.33
N GLY B 452 -43.66 -21.99 31.61
CA GLY B 452 -44.40 -23.08 32.19
C GLY B 452 -44.08 -24.39 31.50
N ARG B 453 -44.80 -25.42 31.92
CA ARG B 453 -44.58 -26.77 31.44
C ARG B 453 -45.83 -27.29 30.75
N LEU B 454 -45.67 -27.72 29.51
CA LEU B 454 -46.68 -28.53 28.85
C LEU B 454 -46.14 -29.94 28.75
N LYS B 455 -46.91 -30.90 29.24
CA LYS B 455 -46.44 -32.28 29.24
C LYS B 455 -46.27 -32.77 27.81
N GLY B 456 -45.47 -33.83 27.66
CA GLY B 456 -45.27 -34.49 26.40
C GLY B 456 -46.55 -34.70 25.62
N PRO B 457 -47.56 -35.31 26.24
CA PRO B 457 -48.87 -35.41 25.57
C PRO B 457 -49.51 -34.07 25.29
N LEU B 458 -49.33 -33.08 26.19
CA LEU B 458 -49.90 -31.77 25.95
C LEU B 458 -49.23 -31.07 24.76
N LEU B 459 -47.92 -31.26 24.62
CA LEU B 459 -47.22 -30.75 23.45
C LEU B 459 -47.65 -31.49 22.18
N ASN B 460 -47.91 -32.79 22.30
CA ASN B 460 -48.37 -33.55 21.14
C ASN B 460 -49.76 -33.10 20.70
N LYS B 461 -50.65 -32.85 21.67
CA LYS B 461 -51.98 -32.34 21.31
C LYS B 461 -51.91 -30.94 20.76
N PHE B 462 -50.91 -30.15 21.19
CA PHE B 462 -50.76 -28.80 20.66
C PHE B 462 -50.23 -28.82 19.23
N LEU B 463 -49.40 -29.81 18.89
CA LEU B 463 -48.85 -29.86 17.54
C LEU B 463 -49.75 -30.62 16.59
N THR B 464 -50.51 -31.58 17.09
CA THR B 464 -51.38 -32.37 16.21
C THR B 464 -52.70 -31.66 15.92
N THR B 465 -53.07 -30.65 16.70
CA THR B 465 -54.27 -29.88 16.41
C THR B 465 -54.05 -28.84 15.32
N ALA B 466 -52.83 -28.73 14.80
CA ALA B 466 -52.53 -27.84 13.68
C ALA B 466 -52.90 -28.55 12.40
N LYS B 467 -54.02 -28.17 11.80
CA LYS B 467 -54.46 -28.78 10.55
C LYS B 467 -53.54 -28.36 9.42
N ASP B 468 -53.07 -29.36 8.65
CA ASP B 468 -52.03 -29.20 7.62
C ASP B 468 -50.69 -28.78 8.23
N LYS B 469 -50.56 -28.93 9.55
CA LYS B 469 -49.30 -28.70 10.27
C LYS B 469 -48.77 -27.28 10.05
N ASN B 470 -49.65 -26.30 9.94
CA ASN B 470 -49.21 -24.94 9.65
C ASN B 470 -50.12 -23.89 10.27
N ARG B 471 -51.37 -24.26 10.56
CA ARG B 471 -52.34 -23.29 11.03
C ARG B 471 -53.27 -23.92 12.05
N TRP B 472 -53.86 -23.06 12.88
CA TRP B 472 -54.88 -23.44 13.85
C TRP B 472 -56.21 -22.85 13.38
N GLU B 473 -57.21 -23.70 13.21
CA GLU B 473 -58.46 -23.29 12.57
C GLU B 473 -59.63 -23.98 13.25
N ASP B 474 -60.76 -23.28 13.29
CA ASP B 474 -61.97 -23.78 13.92
C ASP B 474 -63.16 -23.05 13.30
N PRO B 475 -64.32 -23.70 13.21
CA PRO B 475 -65.51 -22.99 12.71
C PRO B 475 -65.77 -21.70 13.48
N GLY B 476 -65.94 -20.62 12.73
CA GLY B 476 -66.10 -19.30 13.32
C GLY B 476 -65.44 -18.24 12.47
N LYS B 477 -65.47 -16.99 12.92
CA LYS B 477 -64.88 -15.90 12.17
C LYS B 477 -63.36 -16.08 12.08
N GLN B 478 -62.81 -15.76 10.91
CA GLN B 478 -61.39 -16.00 10.66
C GLN B 478 -60.48 -15.17 11.55
N LEU B 479 -60.97 -14.05 12.10
CA LEU B 479 -60.18 -13.29 13.05
C LEU B 479 -59.91 -14.05 14.33
N TYR B 480 -60.74 -15.06 14.65
CA TYR B 480 -60.45 -15.93 15.78
C TYR B 480 -59.31 -16.88 15.44
N ASN B 481 -59.26 -17.36 14.19
CA ASN B 481 -58.23 -18.31 13.78
C ASN B 481 -56.89 -17.62 13.54
N VAL B 482 -56.91 -16.40 13.00
CA VAL B 482 -55.67 -15.64 12.87
C VAL B 482 -55.10 -15.30 14.24
N GLU B 483 -55.98 -14.96 15.19
CA GLU B 483 -55.53 -14.73 16.55
C GLU B 483 -54.99 -16.01 17.18
N ALA B 484 -55.62 -17.15 16.87
CA ALA B 484 -55.18 -18.42 17.43
C ALA B 484 -53.80 -18.81 16.92
N THR B 485 -53.60 -18.74 15.60
CA THR B 485 -52.29 -19.07 15.04
C THR B 485 -51.22 -18.11 15.55
N SER B 486 -51.58 -16.86 15.84
CA SER B 486 -50.62 -15.93 16.42
C SER B 486 -50.23 -16.35 17.83
N TYR B 487 -51.17 -16.91 18.59
CA TYR B 487 -50.82 -17.45 19.90
C TYR B 487 -49.96 -18.70 19.75
N ALA B 488 -50.21 -19.50 18.72
CA ALA B 488 -49.43 -20.71 18.50
C ALA B 488 -48.02 -20.42 18.00
N LEU B 489 -47.80 -19.25 17.40
CA LEU B 489 -46.45 -18.87 17.00
C LEU B 489 -45.64 -18.38 18.19
N LEU B 490 -46.25 -17.59 19.08
CA LEU B 490 -45.58 -17.17 20.30
C LEU B 490 -45.24 -18.34 21.20
N ALA B 491 -46.00 -19.43 21.11
CA ALA B 491 -45.67 -20.64 21.85
C ALA B 491 -44.49 -21.38 21.23
N LEU B 492 -44.48 -21.51 19.91
CA LEU B 492 -43.37 -22.17 19.24
C LEU B 492 -42.09 -21.36 19.36
N LEU B 493 -42.21 -20.05 19.56
CA LEU B 493 -41.06 -19.20 19.80
C LEU B 493 -40.69 -19.10 21.27
N GLN B 494 -41.61 -19.48 22.17
CA GLN B 494 -41.28 -19.55 23.58
C GLN B 494 -40.61 -20.88 23.93
N LEU B 495 -41.00 -21.96 23.25
CA LEU B 495 -40.37 -23.26 23.40
C LEU B 495 -39.07 -23.37 22.63
N LYS B 496 -38.68 -22.32 21.89
CA LYS B 496 -37.46 -22.30 21.08
C LYS B 496 -37.46 -23.42 20.03
N ASP B 497 -38.64 -23.86 19.63
CA ASP B 497 -38.77 -24.82 18.52
C ASP B 497 -38.79 -24.05 17.21
N PHE B 498 -38.06 -24.57 16.22
CA PHE B 498 -37.97 -23.89 14.93
C PHE B 498 -38.14 -24.84 13.74
N ASP B 499 -38.59 -26.07 13.98
CA ASP B 499 -38.92 -26.97 12.89
C ASP B 499 -40.39 -26.90 12.49
N PHE B 500 -41.26 -26.45 13.39
CA PHE B 500 -42.68 -26.27 13.11
C PHE B 500 -43.03 -24.83 12.78
N VAL B 501 -42.11 -23.89 12.99
CA VAL B 501 -42.36 -22.46 12.82
C VAL B 501 -42.45 -22.05 11.35
N PRO B 502 -41.53 -22.44 10.47
CA PRO B 502 -41.56 -21.92 9.09
C PRO B 502 -42.91 -22.09 8.41
N PRO B 503 -43.54 -23.28 8.45
CA PRO B 503 -44.86 -23.38 7.81
C PRO B 503 -45.96 -22.60 8.53
N VAL B 504 -45.78 -22.29 9.81
CA VAL B 504 -46.76 -21.49 10.53
C VAL B 504 -46.67 -20.03 10.14
N VAL B 505 -45.46 -19.48 10.06
CA VAL B 505 -45.29 -18.08 9.67
C VAL B 505 -45.68 -17.89 8.20
N ARG B 506 -45.34 -18.86 7.34
CA ARG B 506 -45.69 -18.74 5.94
C ARG B 506 -47.20 -18.61 5.75
N TRP B 507 -47.98 -19.34 6.56
CA TRP B 507 -49.43 -19.22 6.48
C TRP B 507 -49.90 -17.86 6.96
N LEU B 508 -49.29 -17.35 8.04
CA LEU B 508 -49.65 -16.02 8.52
C LEU B 508 -49.37 -14.95 7.48
N ASN B 509 -48.29 -15.09 6.72
CA ASN B 509 -47.97 -14.12 5.69
C ASN B 509 -48.89 -14.27 4.49
N GLU B 510 -49.26 -15.50 4.13
CA GLU B 510 -50.17 -15.69 3.02
C GLU B 510 -51.60 -15.31 3.38
N GLN B 511 -51.91 -15.15 4.67
CA GLN B 511 -53.21 -14.63 5.06
C GLN B 511 -53.38 -13.18 4.62
N ARG B 512 -52.27 -12.46 4.45
CA ARG B 512 -52.28 -11.06 4.04
C ARG B 512 -53.16 -10.21 4.96
N TYR B 513 -53.10 -10.50 6.26
CA TYR B 513 -53.83 -9.74 7.26
C TYR B 513 -52.94 -8.63 7.80
N TYR B 514 -53.32 -7.38 7.54
CA TYR B 514 -52.52 -6.22 7.90
C TYR B 514 -53.13 -5.44 9.06
N GLY B 515 -54.01 -6.07 9.83
CA GLY B 515 -54.60 -5.42 10.97
C GLY B 515 -55.63 -4.37 10.60
N GLY B 516 -56.10 -3.68 11.64
CA GLY B 516 -57.07 -2.61 11.47
C GLY B 516 -58.47 -3.10 11.13
N GLY B 517 -59.47 -2.24 11.33
CA GLY B 517 -60.83 -2.55 10.99
C GLY B 517 -61.69 -2.75 12.21
N TYR B 518 -62.90 -3.27 11.97
CA TYR B 518 -63.88 -3.50 13.02
C TYR B 518 -63.60 -4.83 13.71
N GLY B 519 -63.64 -4.83 15.03
CA GLY B 519 -63.42 -6.05 15.79
C GLY B 519 -62.05 -6.66 15.59
N SER B 520 -61.06 -5.85 15.26
CA SER B 520 -59.71 -6.32 14.96
C SER B 520 -58.74 -6.07 16.11
N THR B 521 -59.24 -5.77 17.30
CA THR B 521 -58.37 -5.44 18.43
C THR B 521 -57.40 -6.60 18.73
N GLN B 522 -57.94 -7.79 18.96
CA GLN B 522 -57.08 -8.93 19.27
C GLN B 522 -56.27 -9.36 18.05
N ALA B 523 -56.90 -9.38 16.87
CA ALA B 523 -56.20 -9.87 15.69
C ALA B 523 -55.04 -8.96 15.30
N THR B 524 -55.19 -7.65 15.49
CA THR B 524 -54.12 -6.73 15.14
C THR B 524 -53.01 -6.74 16.18
N PHE B 525 -53.36 -6.90 17.45
CA PHE B 525 -52.36 -6.84 18.51
C PHE B 525 -51.50 -8.11 18.53
N MET B 526 -52.13 -9.28 18.34
CA MET B 526 -51.39 -10.52 18.47
C MET B 526 -50.58 -10.84 17.22
N VAL B 527 -51.10 -10.51 16.03
CA VAL B 527 -50.42 -10.89 14.80
C VAL B 527 -49.13 -10.09 14.62
N PHE B 528 -49.01 -8.93 15.25
CA PHE B 528 -47.78 -8.15 15.17
C PHE B 528 -46.94 -8.22 16.43
N GLN B 529 -47.47 -8.76 17.52
CA GLN B 529 -46.62 -9.09 18.65
C GLN B 529 -45.89 -10.41 18.42
N ALA B 530 -46.56 -11.35 17.75
CA ALA B 530 -45.92 -12.62 17.42
C ALA B 530 -44.90 -12.45 16.31
N LEU B 531 -45.26 -11.73 15.24
CA LEU B 531 -44.33 -11.51 14.14
C LEU B 531 -43.16 -10.61 14.55
N ALA B 532 -43.32 -9.83 15.63
CA ALA B 532 -42.19 -9.07 16.15
C ALA B 532 -41.23 -9.97 16.94
N GLN B 533 -41.78 -10.91 17.71
CA GLN B 533 -40.93 -11.84 18.44
C GLN B 533 -40.21 -12.80 17.49
N TYR B 534 -40.80 -13.07 16.32
CA TYR B 534 -40.12 -13.88 15.32
C TYR B 534 -38.92 -13.14 14.74
N GLN B 535 -39.04 -11.82 14.60
CA GLN B 535 -37.90 -11.02 14.15
C GLN B 535 -36.94 -10.69 15.29
N LYS B 536 -37.40 -10.76 16.54
CA LYS B 536 -36.52 -10.53 17.68
C LYS B 536 -35.60 -11.71 17.91
N ASP B 537 -36.14 -12.93 17.88
CA ASP B 537 -35.38 -14.16 18.05
C ASP B 537 -35.58 -15.00 16.80
N ALA B 538 -34.51 -15.17 16.02
CA ALA B 538 -34.60 -15.93 14.77
C ALA B 538 -33.24 -16.50 14.43
N PRO B 539 -33.17 -17.74 13.94
CA PRO B 539 -31.88 -18.29 13.52
C PRO B 539 -31.49 -17.85 12.12
N ASP B 540 -30.65 -16.82 12.03
CA ASP B 540 -30.13 -16.42 10.73
C ASP B 540 -28.93 -17.28 10.34
N HIS B 541 -28.10 -17.62 11.31
CA HIS B 541 -26.94 -18.49 11.13
C HIS B 541 -27.06 -19.67 12.10
N GLN B 542 -25.99 -20.47 12.17
CA GLN B 542 -25.95 -21.64 13.05
C GLN B 542 -24.94 -21.47 14.18
N GLU B 543 -24.69 -20.23 14.58
CA GLU B 543 -23.85 -19.93 15.73
C GLU B 543 -22.45 -20.51 15.59
N LEU B 544 -21.61 -19.89 14.78
CA LEU B 544 -20.25 -20.37 14.60
C LEU B 544 -19.36 -19.84 15.72
N ASN B 545 -18.67 -20.74 16.42
CA ASN B 545 -17.76 -20.32 17.50
C ASN B 545 -16.74 -21.44 17.71
N LEU B 546 -15.66 -21.38 16.95
CA LEU B 546 -14.60 -22.39 16.98
C LEU B 546 -13.36 -21.81 17.64
N ASP B 547 -12.86 -22.51 18.66
CA ASP B 547 -11.61 -22.16 19.31
C ASP B 547 -10.56 -23.15 18.81
N VAL B 548 -9.85 -22.76 17.76
CA VAL B 548 -8.87 -23.61 17.08
C VAL B 548 -7.47 -23.11 17.42
N SER B 549 -6.71 -23.92 18.13
CA SER B 549 -5.32 -23.63 18.47
C SER B 549 -4.42 -24.69 17.87
N LEU B 550 -3.37 -24.25 17.18
CA LEU B 550 -2.41 -25.15 16.56
C LEU B 550 -1.14 -25.21 17.39
N GLN B 551 -0.75 -26.41 17.79
CA GLN B 551 0.52 -26.64 18.46
C GLN B 551 1.54 -27.11 17.43
N LEU B 552 2.57 -26.30 17.21
CA LEU B 552 3.64 -26.61 16.27
C LEU B 552 4.92 -26.88 17.03
N PRO B 553 5.56 -28.04 16.83
CA PRO B 553 6.91 -28.24 17.36
C PRO B 553 7.96 -27.36 16.69
N SER B 554 7.59 -26.59 15.66
CA SER B 554 8.51 -25.66 15.02
C SER B 554 8.78 -24.43 15.88
N ARG B 555 7.93 -24.17 16.88
CA ARG B 555 8.09 -23.02 17.77
C ARG B 555 7.71 -23.44 19.19
N SER B 556 7.90 -22.52 20.13
CA SER B 556 7.65 -22.78 21.54
C SER B 556 6.31 -22.21 22.03
N SER B 557 5.39 -21.91 21.10
CA SER B 557 4.12 -21.31 21.47
C SER B 557 3.02 -21.92 20.63
N LYS B 558 1.79 -21.85 21.15
CA LYS B 558 0.60 -22.33 20.49
C LYS B 558 -0.24 -21.14 20.06
N ILE B 559 -0.44 -20.98 18.75
CA ILE B 559 -1.22 -19.89 18.21
C ILE B 559 -2.68 -20.33 18.14
N THR B 560 -3.57 -19.55 18.75
CA THR B 560 -4.99 -19.86 18.77
C THR B 560 -5.77 -18.79 18.02
N HIS B 561 -7.00 -19.14 17.65
CA HIS B 561 -7.88 -18.22 16.94
C HIS B 561 -9.32 -18.53 17.30
N ARG B 562 -10.04 -17.55 17.82
CA ARG B 562 -11.46 -17.69 18.12
C ARG B 562 -12.24 -17.29 16.88
N ILE B 563 -12.75 -18.28 16.17
CA ILE B 563 -13.45 -18.04 14.89
C ILE B 563 -14.92 -17.85 15.24
N HIS B 564 -15.25 -16.65 15.69
CA HIS B 564 -16.64 -16.31 15.99
C HIS B 564 -17.43 -16.19 14.70
N TRP B 565 -18.74 -15.96 14.84
CA TRP B 565 -19.54 -15.43 13.74
C TRP B 565 -19.11 -14.02 13.36
N GLU B 566 -18.33 -13.36 14.22
CA GLU B 566 -17.75 -12.07 13.91
C GLU B 566 -16.89 -12.16 12.65
N SER B 567 -16.96 -11.12 11.82
CA SER B 567 -16.30 -11.10 10.52
C SER B 567 -14.89 -10.52 10.58
N ALA B 568 -14.33 -10.32 11.78
CA ALA B 568 -13.01 -9.72 11.88
C ALA B 568 -11.93 -10.67 11.39
N SER B 569 -12.00 -11.94 11.77
CA SER B 569 -11.01 -12.94 11.39
C SER B 569 -11.74 -14.20 10.91
N LEU B 570 -12.37 -14.10 9.74
CA LEU B 570 -12.99 -15.28 9.14
C LEU B 570 -11.92 -16.27 8.68
N LEU B 571 -10.84 -15.76 8.10
CA LEU B 571 -9.69 -16.58 7.74
C LEU B 571 -8.43 -15.91 8.28
N ARG B 572 -7.49 -16.74 8.73
CA ARG B 572 -6.22 -16.26 9.27
C ARG B 572 -5.12 -17.21 8.83
N SER B 573 -4.17 -16.71 8.04
CA SER B 573 -3.08 -17.52 7.52
C SER B 573 -1.90 -17.51 8.47
N GLU B 574 -1.25 -18.67 8.60
CA GLU B 574 -0.07 -18.82 9.46
C GLU B 574 1.03 -19.48 8.64
N GLU B 575 2.03 -18.69 8.25
CA GLU B 575 3.15 -19.22 7.50
C GLU B 575 4.19 -19.81 8.45
N THR B 576 4.76 -20.94 8.05
CA THR B 576 5.79 -21.61 8.84
C THR B 576 6.85 -22.14 7.88
N LYS B 577 8.00 -21.47 7.83
CA LYS B 577 9.08 -21.90 6.94
C LYS B 577 9.57 -23.29 7.28
N GLU B 578 9.50 -23.67 8.55
CA GLU B 578 9.90 -25.02 8.95
C GLU B 578 8.90 -26.04 8.44
N ASN B 579 9.41 -27.10 7.82
CA ASN B 579 8.57 -28.18 7.28
C ASN B 579 8.57 -29.32 8.30
N GLU B 580 7.60 -29.29 9.21
CA GLU B 580 7.48 -30.30 10.26
C GLU B 580 6.00 -30.60 10.49
N GLY B 581 5.73 -31.82 10.92
CA GLY B 581 4.37 -32.23 11.20
C GLY B 581 3.85 -31.57 12.45
N PHE B 582 2.72 -30.89 12.35
CA PHE B 582 2.14 -30.14 13.46
C PHE B 582 0.74 -30.65 13.76
N THR B 583 0.24 -30.25 14.93
CA THR B 583 -1.06 -30.68 15.44
C THR B 583 -2.04 -29.52 15.41
N VAL B 584 -3.27 -29.82 14.97
CA VAL B 584 -4.34 -28.84 14.89
C VAL B 584 -5.45 -29.30 15.82
N THR B 585 -5.64 -28.58 16.93
CA THR B 585 -6.71 -28.84 17.86
C THR B 585 -7.83 -27.84 17.64
N ALA B 586 -9.05 -28.33 17.41
CA ALA B 586 -10.19 -27.49 17.11
C ALA B 586 -11.37 -27.94 17.93
N GLU B 587 -11.96 -27.03 18.71
CA GLU B 587 -13.13 -27.33 19.50
C GLU B 587 -14.09 -26.15 19.42
N GLY B 588 -15.36 -26.43 19.66
CA GLY B 588 -16.42 -25.45 19.61
C GLY B 588 -17.54 -25.88 18.69
N LYS B 589 -18.42 -24.94 18.37
CA LYS B 589 -19.57 -25.20 17.52
C LYS B 589 -19.38 -24.53 16.16
N GLY B 590 -19.97 -25.14 15.14
CA GLY B 590 -19.86 -24.65 13.78
C GLY B 590 -18.93 -25.51 12.95
N GLN B 591 -18.78 -25.10 11.69
CA GLN B 591 -17.92 -25.78 10.73
C GLN B 591 -16.80 -24.87 10.27
N GLY B 592 -15.69 -25.48 9.87
CA GLY B 592 -14.56 -24.72 9.35
C GLY B 592 -13.75 -25.58 8.40
N THR B 593 -12.94 -24.90 7.58
CA THR B 593 -12.09 -25.56 6.60
C THR B 593 -10.63 -25.22 6.86
N LEU B 594 -9.77 -26.23 6.77
CA LEU B 594 -8.33 -26.08 6.95
C LEU B 594 -7.62 -26.41 5.65
N SER B 595 -6.78 -25.50 5.18
CA SER B 595 -6.04 -25.66 3.94
C SER B 595 -4.56 -25.49 4.23
N VAL B 596 -3.77 -26.49 3.85
CA VAL B 596 -2.32 -26.50 4.08
C VAL B 596 -1.65 -26.71 2.73
N VAL B 597 -0.96 -25.68 2.24
CA VAL B 597 -0.28 -25.72 0.95
C VAL B 597 1.18 -25.35 1.17
N THR B 598 2.08 -26.07 0.50
CA THR B 598 3.52 -25.86 0.62
C THR B 598 4.08 -25.48 -0.74
N MET B 599 4.70 -24.31 -0.83
CA MET B 599 5.44 -23.92 -2.02
C MET B 599 6.87 -24.46 -1.92
N TYR B 600 7.43 -24.83 -3.08
CA TYR B 600 8.74 -25.45 -3.10
C TYR B 600 9.33 -25.31 -4.50
N HIS B 601 10.62 -25.61 -4.61
CA HIS B 601 11.32 -25.63 -5.89
C HIS B 601 11.28 -27.04 -6.44
N ALA B 602 10.46 -27.26 -7.47
CA ALA B 602 10.36 -28.56 -8.11
C ALA B 602 11.40 -28.66 -9.22
N LYS B 603 12.18 -29.74 -9.20
CA LYS B 603 13.14 -29.97 -10.27
C LYS B 603 12.40 -30.39 -11.53
N ALA B 604 12.65 -29.67 -12.61
CA ALA B 604 12.06 -29.97 -13.91
C ALA B 604 13.07 -29.64 -14.99
N LYS B 605 12.60 -29.49 -16.22
CA LYS B 605 13.49 -29.07 -17.30
C LYS B 605 13.95 -27.64 -17.06
N ASP B 606 15.25 -27.43 -17.14
CA ASP B 606 15.87 -26.11 -17.00
C ASP B 606 15.63 -25.22 -18.20
N GLN B 607 14.75 -25.65 -19.11
CA GLN B 607 14.55 -24.98 -20.39
C GLN B 607 13.69 -23.73 -20.19
N LEU B 608 14.36 -22.66 -19.78
CA LEU B 608 13.79 -21.32 -19.84
C LEU B 608 14.65 -20.36 -20.64
N THR B 609 15.83 -20.78 -21.06
CA THR B 609 16.74 -19.93 -21.82
C THR B 609 16.47 -20.08 -23.32
N CYS B 610 16.47 -18.96 -24.02
CA CYS B 610 16.28 -18.93 -25.47
C CYS B 610 14.93 -19.54 -25.86
N ASN B 611 13.87 -19.05 -25.22
CA ASN B 611 12.52 -19.53 -25.50
C ASN B 611 11.83 -18.75 -26.60
N LYS B 612 12.46 -17.68 -27.11
CA LYS B 612 11.87 -16.87 -28.17
C LYS B 612 12.74 -16.71 -29.40
N PHE B 613 14.03 -17.08 -29.32
CA PHE B 613 14.93 -16.93 -30.46
C PHE B 613 15.82 -18.16 -30.58
N ASP B 614 16.24 -18.44 -31.81
CA ASP B 614 17.39 -19.29 -32.07
C ASP B 614 18.59 -18.40 -32.32
N LEU B 615 19.72 -18.76 -31.74
CA LEU B 615 20.93 -17.95 -31.86
C LEU B 615 22.13 -18.86 -32.09
N LYS B 616 22.80 -18.70 -33.23
CA LYS B 616 23.99 -19.45 -33.57
C LYS B 616 25.14 -18.47 -33.76
N VAL B 617 26.18 -18.60 -32.94
CA VAL B 617 27.33 -17.71 -32.99
C VAL B 617 28.57 -18.57 -33.24
N THR B 618 29.24 -18.33 -34.36
CA THR B 618 30.46 -19.04 -34.72
C THR B 618 31.59 -18.04 -34.90
N ILE B 619 32.76 -18.40 -34.40
CA ILE B 619 33.97 -17.60 -34.57
C ILE B 619 34.97 -18.45 -35.36
N LYS B 620 35.40 -17.93 -36.51
CA LYS B 620 36.26 -18.69 -37.40
C LYS B 620 37.53 -17.91 -37.71
N PRO B 621 38.69 -18.57 -37.68
CA PRO B 621 39.94 -17.87 -37.99
C PRO B 621 40.15 -17.66 -39.48
N ALA B 622 39.09 -17.30 -40.20
CA ALA B 622 39.18 -17.17 -41.64
C ALA B 622 40.00 -15.95 -42.01
N PRO B 623 41.00 -16.08 -42.88
CA PRO B 623 41.84 -14.98 -43.35
C PRO B 623 41.33 -14.35 -44.65
N ASN B 632 45.92 -6.55 -36.37
CA ASN B 632 46.42 -7.22 -37.57
C ASN B 632 47.08 -8.55 -37.22
N LYS B 633 47.46 -8.70 -35.95
CA LYS B 633 48.11 -9.92 -35.50
C LYS B 633 47.20 -11.13 -35.72
N ASN B 634 45.99 -11.08 -35.19
CA ASN B 634 44.98 -12.11 -35.42
C ASN B 634 43.73 -11.46 -35.99
N THR B 635 43.05 -12.19 -36.87
CA THR B 635 41.83 -11.70 -37.51
C THR B 635 40.88 -12.87 -37.72
N MET B 636 39.72 -12.80 -37.09
CA MET B 636 38.70 -13.83 -37.18
C MET B 636 37.39 -13.25 -37.68
N ILE B 637 36.51 -14.12 -38.14
CA ILE B 637 35.18 -13.73 -38.63
C ILE B 637 34.14 -14.16 -37.60
N LEU B 638 33.44 -13.18 -37.04
CA LEU B 638 32.35 -13.43 -36.10
C LEU B 638 31.05 -13.44 -36.89
N GLU B 639 30.40 -14.61 -36.93
CA GLU B 639 29.15 -14.78 -37.64
C GLU B 639 28.01 -15.01 -36.66
N ILE B 640 26.90 -14.28 -36.86
CA ILE B 640 25.75 -14.33 -35.97
C ILE B 640 24.51 -14.61 -36.82
N CYS B 641 23.83 -15.72 -36.52
CA CYS B 641 22.58 -16.09 -37.20
C CYS B 641 21.48 -16.23 -36.16
N THR B 642 20.35 -15.57 -36.41
CA THR B 642 19.26 -15.57 -35.45
C THR B 642 17.93 -15.78 -36.17
N ARG B 643 16.95 -16.32 -35.45
CA ARG B 643 15.64 -16.61 -36.02
C ARG B 643 14.59 -16.57 -34.93
N TYR B 644 13.52 -15.82 -35.17
CA TYR B 644 12.43 -15.68 -34.21
C TYR B 644 11.52 -16.90 -34.24
N ARG B 645 11.03 -17.29 -33.07
CA ARG B 645 10.28 -18.54 -32.91
C ARG B 645 8.77 -18.32 -32.94
N GLY B 646 8.31 -17.26 -33.60
CA GLY B 646 6.89 -16.95 -33.65
C GLY B 646 6.25 -17.34 -34.98
N ASP B 647 4.93 -17.22 -35.01
CA ASP B 647 4.18 -17.47 -36.24
C ASP B 647 4.43 -16.40 -37.29
N GLN B 648 4.84 -15.20 -36.87
CA GLN B 648 5.12 -14.09 -37.78
C GLN B 648 6.52 -13.57 -37.49
N ASP B 649 7.00 -12.69 -38.38
CA ASP B 649 8.29 -12.06 -38.16
C ASP B 649 8.26 -11.18 -36.91
N ALA B 650 9.38 -11.15 -36.20
CA ALA B 650 9.49 -10.32 -35.01
C ALA B 650 9.70 -8.86 -35.39
N THR B 651 9.36 -7.98 -34.45
CA THR B 651 9.52 -6.53 -34.65
C THR B 651 10.98 -6.12 -34.42
N MET B 652 11.21 -4.84 -34.14
CA MET B 652 12.56 -4.34 -33.95
C MET B 652 13.25 -5.09 -32.81
N SER B 653 14.45 -5.59 -33.08
CA SER B 653 15.19 -6.40 -32.12
C SER B 653 16.60 -5.85 -31.95
N ILE B 654 17.29 -6.34 -30.93
CA ILE B 654 18.60 -5.84 -30.53
C ILE B 654 19.59 -6.99 -30.54
N LEU B 655 20.78 -6.72 -31.08
CA LEU B 655 21.92 -7.63 -31.00
C LEU B 655 22.96 -6.95 -30.10
N ASP B 656 22.99 -7.34 -28.83
CA ASP B 656 23.97 -6.84 -27.87
C ASP B 656 25.22 -7.70 -27.99
N ILE B 657 26.21 -7.22 -28.75
CA ILE B 657 27.41 -7.98 -29.05
C ILE B 657 28.51 -7.53 -28.09
N SER B 658 29.22 -8.51 -27.52
CA SER B 658 30.33 -8.27 -26.63
C SER B 658 31.59 -8.88 -27.23
N MET B 659 32.68 -8.12 -27.23
CA MET B 659 33.93 -8.60 -27.83
C MET B 659 34.72 -9.43 -26.84
N MET B 660 35.38 -10.47 -27.35
CA MET B 660 36.32 -11.22 -26.54
C MET B 660 37.56 -10.36 -26.28
N THR B 661 38.10 -10.49 -25.06
CA THR B 661 39.11 -9.55 -24.58
C THR B 661 40.30 -9.49 -25.51
N GLY B 662 40.60 -8.28 -26.00
CA GLY B 662 41.68 -8.05 -26.93
C GLY B 662 41.26 -7.91 -28.37
N PHE B 663 39.96 -7.92 -28.66
CA PHE B 663 39.46 -7.86 -30.02
C PHE B 663 38.49 -6.70 -30.18
N ALA B 664 38.45 -6.14 -31.39
CA ALA B 664 37.59 -5.05 -31.77
C ALA B 664 37.11 -5.27 -33.19
N PRO B 665 35.88 -4.89 -33.50
CA PRO B 665 35.34 -5.14 -34.84
C PRO B 665 35.99 -4.26 -35.89
N ASP B 666 35.97 -4.75 -37.13
CA ASP B 666 36.45 -3.98 -38.25
C ASP B 666 35.48 -2.84 -38.56
N THR B 667 36.00 -1.62 -38.59
CA THR B 667 35.14 -0.45 -38.75
C THR B 667 34.47 -0.43 -40.12
N ASP B 668 35.19 -0.82 -41.17
CA ASP B 668 34.61 -0.81 -42.51
C ASP B 668 33.50 -1.83 -42.65
N ASP B 669 33.57 -2.95 -41.91
CA ASP B 669 32.51 -3.93 -41.96
C ASP B 669 31.24 -3.41 -41.29
N LEU B 670 31.38 -2.65 -40.21
CA LEU B 670 30.21 -2.11 -39.52
C LEU B 670 29.53 -1.04 -40.36
N LYS B 671 30.30 -0.22 -41.07
CA LYS B 671 29.71 0.79 -41.93
C LYS B 671 28.93 0.17 -43.08
N GLN B 672 29.39 -0.98 -43.58
CA GLN B 672 28.63 -1.69 -44.62
C GLN B 672 27.39 -2.35 -44.04
N LEU B 673 27.44 -2.81 -42.79
CA LEU B 673 26.26 -3.37 -42.16
C LEU B 673 25.24 -2.28 -41.84
N ALA B 674 25.72 -1.09 -41.44
CA ALA B 674 24.80 0.01 -41.15
C ALA B 674 24.06 0.48 -42.39
N ASN B 675 24.66 0.30 -43.57
CA ASN B 675 23.99 0.63 -44.82
C ASN B 675 22.92 -0.39 -45.21
N GLY B 676 22.72 -1.43 -44.41
CA GLY B 676 21.72 -2.43 -44.72
C GLY B 676 20.30 -1.87 -44.67
N VAL B 677 19.39 -2.61 -45.30
CA VAL B 677 18.00 -2.17 -45.38
C VAL B 677 17.28 -2.39 -44.05
N ASP B 678 17.51 -3.55 -43.41
CA ASP B 678 16.84 -3.90 -42.18
C ASP B 678 17.77 -3.84 -40.97
N ARG B 679 18.86 -3.10 -41.07
CA ARG B 679 19.83 -2.98 -40.00
C ARG B 679 20.11 -1.51 -39.71
N TYR B 680 20.56 -1.26 -38.49
CA TYR B 680 20.91 0.10 -38.06
C TYR B 680 22.00 0.02 -37.01
N ILE B 681 23.17 0.57 -37.33
CA ILE B 681 24.24 0.77 -36.37
C ILE B 681 24.35 2.27 -36.14
N SER B 682 24.18 2.69 -34.89
CA SER B 682 24.09 4.11 -34.59
C SER B 682 25.39 4.83 -34.97
N LYS B 683 25.25 6.09 -35.39
CA LYS B 683 26.40 6.91 -35.70
C LYS B 683 27.35 7.03 -34.52
N TYR B 684 26.82 6.93 -33.30
CA TYR B 684 27.67 6.97 -32.11
C TYR B 684 28.69 5.85 -32.12
N GLU B 685 28.27 4.64 -32.48
CA GLU B 685 29.18 3.50 -32.46
C GLU B 685 30.14 3.50 -33.64
N LEU B 686 29.74 4.07 -34.77
CA LEU B 686 30.63 4.09 -35.94
C LEU B 686 31.75 5.10 -35.77
N ASP B 687 31.50 6.19 -35.04
CA ASP B 687 32.52 7.21 -34.80
C ASP B 687 33.45 6.86 -33.65
N LYS B 688 33.17 5.76 -32.93
CA LYS B 688 34.04 5.36 -31.83
C LYS B 688 35.42 4.98 -32.35
N ALA B 689 36.42 5.13 -31.50
CA ALA B 689 37.77 4.73 -31.85
C ALA B 689 37.85 3.22 -32.01
N PHE B 690 38.90 2.77 -32.71
CA PHE B 690 39.08 1.33 -32.93
C PHE B 690 39.30 0.61 -31.60
N SER B 691 40.18 1.15 -30.76
CA SER B 691 40.39 0.61 -29.42
C SER B 691 39.26 1.05 -28.50
N ASP B 692 39.30 0.56 -27.27
CA ASP B 692 38.28 0.83 -26.23
C ASP B 692 36.86 0.77 -26.80
N ARG B 693 36.65 -0.26 -27.64
CA ARG B 693 35.35 -0.56 -28.25
C ARG B 693 35.15 -2.08 -28.13
N ASN B 694 34.70 -2.51 -26.95
CA ASN B 694 34.47 -3.93 -26.68
C ASN B 694 32.99 -4.31 -26.67
N THR B 695 32.08 -3.34 -26.81
CA THR B 695 30.66 -3.62 -26.91
C THR B 695 30.09 -2.92 -28.14
N LEU B 696 28.98 -3.44 -28.62
CA LEU B 696 28.38 -2.97 -29.86
C LEU B 696 26.94 -3.46 -29.91
N ILE B 697 26.06 -2.63 -30.46
CA ILE B 697 24.65 -3.01 -30.65
C ILE B 697 24.31 -2.82 -32.11
N ILE B 698 23.87 -3.90 -32.75
CA ILE B 698 23.34 -3.85 -34.11
C ILE B 698 21.82 -3.97 -34.00
N TYR B 699 21.12 -2.91 -34.39
CA TYR B 699 19.67 -2.90 -34.33
C TYR B 699 19.09 -3.51 -35.61
N LEU B 700 18.05 -4.33 -35.44
CA LEU B 700 17.41 -5.03 -36.54
C LEU B 700 15.99 -4.53 -36.68
N ASP B 701 15.63 -4.05 -37.88
CA ASP B 701 14.26 -3.62 -38.13
C ASP B 701 13.30 -4.80 -38.05
N LYS B 702 13.79 -6.00 -38.36
CA LYS B 702 12.99 -7.22 -38.28
C LYS B 702 13.94 -8.39 -38.25
N VAL B 703 13.47 -9.51 -37.70
CA VAL B 703 14.18 -10.78 -37.76
C VAL B 703 13.18 -11.85 -38.18
N SER B 704 13.49 -12.56 -39.25
CA SER B 704 12.54 -13.51 -39.82
C SER B 704 12.29 -14.68 -38.89
N HIS B 705 11.09 -15.26 -39.00
CA HIS B 705 10.75 -16.50 -38.30
C HIS B 705 10.90 -17.73 -39.20
N SER B 706 11.03 -17.54 -40.51
CA SER B 706 11.12 -18.64 -41.45
C SER B 706 12.55 -19.07 -41.73
N GLU B 707 13.46 -18.11 -41.87
CA GLU B 707 14.86 -18.41 -42.14
C GLU B 707 15.73 -17.73 -41.10
N ASP B 708 16.98 -18.15 -41.02
CA ASP B 708 17.96 -17.49 -40.16
C ASP B 708 18.49 -16.25 -40.88
N ASP B 709 18.36 -15.10 -40.24
CA ASP B 709 18.99 -13.88 -40.72
C ASP B 709 20.41 -13.84 -40.19
N CYS B 710 21.39 -13.84 -41.08
CA CYS B 710 22.79 -13.93 -40.73
C CYS B 710 23.53 -12.66 -41.11
N LEU B 711 24.35 -12.14 -40.19
CA LEU B 711 25.30 -11.09 -40.47
C LEU B 711 26.66 -11.53 -39.99
N ALA B 712 27.72 -10.98 -40.61
CA ALA B 712 29.07 -11.35 -40.23
C ALA B 712 29.99 -10.16 -40.43
N PHE B 713 30.95 -10.02 -39.53
CA PHE B 713 31.97 -8.99 -39.63
C PHE B 713 33.26 -9.50 -39.03
N LYS B 714 34.38 -8.96 -39.51
CA LYS B 714 35.69 -9.39 -39.02
C LYS B 714 36.05 -8.67 -37.73
N VAL B 715 36.83 -9.35 -36.90
CA VAL B 715 37.33 -8.78 -35.65
C VAL B 715 38.84 -8.96 -35.61
N HIS B 716 39.55 -7.89 -35.21
CA HIS B 716 41.00 -7.88 -35.19
C HIS B 716 41.51 -7.84 -33.76
N GLN B 717 42.64 -8.50 -33.52
CA GLN B 717 43.27 -8.53 -32.21
C GLN B 717 44.28 -7.38 -32.14
N TYR B 718 43.86 -6.27 -31.55
CA TYR B 718 44.74 -5.11 -31.40
C TYR B 718 45.60 -5.19 -30.14
N PHE B 719 45.35 -6.14 -29.25
CA PHE B 719 46.12 -6.29 -28.02
C PHE B 719 46.24 -7.77 -27.70
N ASN B 720 47.48 -8.26 -27.66
CA ASN B 720 47.71 -9.66 -27.30
C ASN B 720 47.52 -9.85 -25.81
N VAL B 721 46.76 -10.88 -25.45
CA VAL B 721 46.46 -11.19 -24.05
C VAL B 721 46.69 -12.67 -23.81
N GLU B 722 47.13 -13.01 -22.60
CA GLU B 722 47.43 -14.40 -22.28
C GLU B 722 46.16 -15.21 -22.13
N LEU B 723 45.13 -14.65 -21.52
CA LEU B 723 43.83 -15.30 -21.36
C LEU B 723 42.76 -14.49 -22.08
N ILE B 724 42.03 -15.14 -22.98
CA ILE B 724 40.97 -14.51 -23.74
C ILE B 724 39.64 -14.90 -23.11
N GLN B 725 38.90 -13.90 -22.63
CA GLN B 725 37.57 -14.19 -22.11
C GLN B 725 36.58 -14.34 -23.25
N PRO B 726 35.71 -15.33 -23.20
CA PRO B 726 34.74 -15.54 -24.29
C PRO B 726 33.83 -14.34 -24.46
N GLY B 727 33.62 -13.95 -25.72
CA GLY B 727 32.63 -12.95 -26.04
C GLY B 727 31.23 -13.51 -25.97
N ALA B 728 30.25 -12.61 -26.07
CA ALA B 728 28.85 -13.00 -25.96
C ALA B 728 28.02 -12.25 -26.99
N VAL B 729 26.90 -12.85 -27.37
CA VAL B 729 25.90 -12.23 -28.23
C VAL B 729 24.55 -12.44 -27.59
N LYS B 730 23.73 -11.38 -27.54
CA LYS B 730 22.44 -11.41 -26.85
C LYS B 730 21.37 -10.83 -27.77
N VAL B 731 20.29 -11.58 -27.96
CA VAL B 731 19.19 -11.18 -28.83
C VAL B 731 17.93 -11.01 -28.00
N TYR B 732 17.16 -9.97 -28.29
CA TYR B 732 15.87 -9.77 -27.64
C TYR B 732 15.11 -8.71 -28.42
N ALA B 733 13.78 -8.83 -28.41
CA ALA B 733 12.95 -7.78 -28.96
C ALA B 733 12.88 -6.60 -27.99
N TYR B 734 12.55 -5.42 -28.54
CA TYR B 734 12.66 -4.20 -27.74
C TYR B 734 11.66 -4.18 -26.59
N TYR B 735 10.52 -4.85 -26.74
CA TYR B 735 9.46 -4.78 -25.74
C TYR B 735 9.61 -5.81 -24.62
N ASN B 736 10.62 -6.67 -24.68
CA ASN B 736 10.78 -7.71 -23.65
C ASN B 736 12.26 -8.05 -23.54
N LEU B 737 12.91 -7.53 -22.48
CA LEU B 737 14.30 -7.91 -22.20
C LEU B 737 14.38 -9.27 -21.55
N GLU B 738 13.34 -9.68 -20.83
CA GLU B 738 13.38 -10.97 -20.14
C GLU B 738 13.45 -12.12 -21.14
N GLU B 739 12.74 -12.02 -22.25
CA GLU B 739 12.77 -13.04 -23.30
C GLU B 739 13.97 -12.77 -24.21
N SER B 740 15.14 -13.18 -23.73
CA SER B 740 16.39 -12.98 -24.44
C SER B 740 17.04 -14.33 -24.72
N CYS B 741 18.17 -14.28 -25.42
CA CYS B 741 18.95 -15.46 -25.73
C CYS B 741 20.40 -15.06 -25.87
N THR B 742 21.28 -15.68 -25.08
CA THR B 742 22.69 -15.35 -25.06
C THR B 742 23.51 -16.58 -25.44
N ARG B 743 24.37 -16.43 -26.45
CA ARG B 743 25.33 -17.45 -26.81
C ARG B 743 26.74 -16.88 -26.65
N PHE B 744 27.65 -17.70 -26.15
CA PHE B 744 29.04 -17.32 -25.99
C PHE B 744 29.89 -17.92 -27.10
N TYR B 745 30.90 -17.18 -27.51
CA TYR B 745 31.84 -17.64 -28.53
C TYR B 745 33.26 -17.41 -28.04
N HIS B 746 34.13 -18.39 -28.33
CA HIS B 746 35.53 -18.33 -27.94
C HIS B 746 36.31 -19.40 -28.68
N PRO B 747 37.38 -19.04 -29.36
CA PRO B 747 38.21 -20.06 -30.01
C PRO B 747 38.92 -20.92 -28.98
N GLU B 748 38.96 -22.23 -29.25
CA GLU B 748 39.62 -23.25 -28.43
C GLU B 748 38.84 -23.62 -27.17
N LYS B 749 37.56 -23.23 -27.07
CA LYS B 749 36.71 -23.66 -25.97
C LYS B 749 35.34 -24.04 -26.51
N GLU B 750 34.77 -25.10 -25.97
CA GLU B 750 33.54 -25.68 -26.51
C GLU B 750 32.39 -24.71 -26.32
N ASP B 751 31.87 -24.18 -27.43
CA ASP B 751 30.71 -23.30 -27.45
C ASP B 751 30.89 -22.05 -26.58
N GLY B 752 32.13 -21.62 -26.36
CA GLY B 752 32.38 -20.43 -25.57
C GLY B 752 32.20 -20.58 -24.08
N LYS B 753 32.06 -21.81 -23.57
CA LYS B 753 31.85 -22.02 -22.14
C LYS B 753 33.18 -22.15 -21.41
N LEU B 754 33.27 -21.52 -20.24
CA LEU B 754 34.44 -21.69 -19.40
C LEU B 754 34.55 -23.13 -18.91
N ASN B 755 35.76 -23.57 -18.65
CA ASN B 755 36.01 -24.95 -18.29
C ASN B 755 35.44 -25.24 -16.89
N LYS B 756 34.49 -26.18 -16.83
CA LYS B 756 33.91 -26.61 -15.57
C LYS B 756 33.58 -28.10 -15.66
N LEU B 757 33.56 -28.76 -14.51
CA LEU B 757 33.24 -30.17 -14.43
C LEU B 757 31.95 -30.34 -13.63
N CYS B 758 30.92 -30.86 -14.29
CA CYS B 758 29.59 -30.96 -13.69
C CYS B 758 29.16 -32.42 -13.59
N ARG B 759 28.35 -32.70 -12.58
CA ARG B 759 27.77 -34.03 -12.40
C ARG B 759 26.59 -33.89 -11.44
N ASP B 760 25.39 -34.19 -11.94
CA ASP B 760 24.16 -34.13 -11.16
C ASP B 760 23.91 -32.73 -10.60
N GLU B 761 24.00 -31.73 -11.48
CA GLU B 761 23.73 -30.34 -11.15
C GLU B 761 24.65 -29.82 -10.05
N LEU B 762 25.89 -30.30 -10.02
CA LEU B 762 26.90 -29.77 -9.11
C LEU B 762 28.19 -29.62 -9.92
N CYS B 763 28.62 -28.38 -10.12
CA CYS B 763 29.81 -28.11 -10.91
C CYS B 763 30.92 -27.55 -10.02
N ARG B 764 32.16 -27.80 -10.43
CA ARG B 764 33.31 -27.15 -9.85
C ARG B 764 34.16 -26.57 -10.97
N CYS B 765 34.76 -25.41 -10.69
CA CYS B 765 35.52 -24.71 -11.72
C CYS B 765 36.76 -25.50 -12.10
N ALA B 766 37.18 -25.34 -13.36
CA ALA B 766 38.35 -26.03 -13.88
C ALA B 766 39.29 -25.06 -14.60
N GLU B 767 39.27 -23.79 -14.21
CA GLU B 767 40.19 -22.80 -14.76
C GLU B 767 41.50 -22.72 -14.00
N GLU B 768 41.69 -23.56 -12.99
CA GLU B 768 42.93 -23.60 -12.23
C GLU B 768 44.05 -24.20 -13.07
N ASN B 769 45.21 -24.37 -12.46
CA ASN B 769 46.35 -24.96 -13.14
C ASN B 769 46.08 -26.44 -13.40
N CYS B 770 46.70 -26.96 -14.47
CA CYS B 770 46.44 -28.33 -14.88
C CYS B 770 46.97 -29.32 -13.86
N PHE B 771 48.17 -29.09 -13.35
CA PHE B 771 48.78 -29.96 -12.35
C PHE B 771 49.98 -29.21 -11.76
N ILE B 772 50.59 -29.81 -10.75
CA ILE B 772 51.76 -29.21 -10.12
C ILE B 772 52.89 -29.13 -11.13
N GLN B 773 53.38 -27.91 -11.37
CA GLN B 773 54.28 -27.63 -12.49
C GLN B 773 55.75 -27.88 -12.18
N LYS B 774 56.08 -28.36 -10.97
CA LYS B 774 57.48 -28.57 -10.61
C LYS B 774 58.15 -29.54 -11.59
N SER B 775 59.35 -29.18 -12.02
CA SER B 775 60.08 -29.98 -12.99
C SER B 775 60.60 -31.27 -12.35
N ASP B 776 60.82 -32.28 -13.19
CA ASP B 776 61.30 -33.57 -12.70
C ASP B 776 62.77 -33.54 -12.31
N ASP B 777 63.51 -32.52 -12.73
CA ASP B 777 64.92 -32.38 -12.37
C ASP B 777 65.13 -31.42 -11.20
N LYS B 778 64.22 -30.47 -11.00
CA LYS B 778 64.29 -29.57 -9.86
C LYS B 778 63.72 -30.19 -8.58
N VAL B 779 63.13 -31.37 -8.67
CA VAL B 779 62.58 -32.08 -7.52
C VAL B 779 63.56 -33.17 -7.10
N THR B 780 63.68 -33.38 -5.80
CA THR B 780 64.58 -34.37 -5.23
C THR B 780 63.77 -35.44 -4.50
N LEU B 781 64.48 -36.46 -4.02
CA LEU B 781 63.84 -37.51 -3.24
C LEU B 781 63.24 -36.96 -1.95
N GLU B 782 63.98 -36.08 -1.27
CA GLU B 782 63.47 -35.47 -0.04
C GLU B 782 62.27 -34.57 -0.32
N GLU B 783 62.27 -33.89 -1.47
CA GLU B 783 61.15 -33.03 -1.82
C GLU B 783 59.90 -33.84 -2.16
N ARG B 784 60.06 -35.02 -2.75
CA ARG B 784 58.91 -35.88 -3.00
C ARG B 784 58.32 -36.40 -1.69
N LEU B 785 59.18 -36.85 -0.77
CA LEU B 785 58.68 -37.37 0.49
C LEU B 785 58.00 -36.29 1.32
N ASP B 786 58.58 -35.08 1.35
CA ASP B 786 58.00 -34.01 2.14
C ASP B 786 56.64 -33.59 1.59
N LYS B 787 56.49 -33.58 0.26
CA LYS B 787 55.20 -33.22 -0.33
C LYS B 787 54.18 -34.33 -0.12
N ALA B 788 54.56 -35.58 -0.35
CA ALA B 788 53.61 -36.68 -0.29
C ALA B 788 53.22 -37.03 1.14
N CYS B 789 54.08 -36.76 2.11
CA CYS B 789 53.77 -37.09 3.50
C CYS B 789 52.91 -36.04 4.18
N GLU B 790 52.48 -35.00 3.47
CA GLU B 790 51.52 -34.06 4.03
C GLU B 790 50.18 -34.76 4.24
N PRO B 791 49.44 -34.38 5.29
CA PRO B 791 48.12 -34.99 5.50
C PRO B 791 47.14 -34.67 4.37
N GLY B 792 47.32 -33.53 3.70
CA GLY B 792 46.43 -33.19 2.60
C GLY B 792 46.52 -34.19 1.46
N VAL B 793 47.70 -34.73 1.22
CA VAL B 793 47.89 -35.75 0.19
C VAL B 793 47.22 -37.04 0.68
N ASP B 794 46.09 -37.38 0.08
CA ASP B 794 45.32 -38.54 0.52
C ASP B 794 45.80 -39.82 -0.13
N TYR B 795 45.96 -39.83 -1.46
CA TYR B 795 46.33 -41.02 -2.21
C TYR B 795 47.68 -40.80 -2.89
N VAL B 796 48.49 -41.85 -2.91
CA VAL B 796 49.73 -41.88 -3.69
C VAL B 796 49.76 -43.22 -4.42
N TYR B 797 49.64 -43.17 -5.75
CA TYR B 797 49.54 -44.37 -6.56
C TYR B 797 50.65 -44.41 -7.61
N LYS B 798 51.03 -45.64 -7.98
CA LYS B 798 51.73 -45.89 -9.23
C LYS B 798 50.71 -46.48 -10.20
N THR B 799 50.52 -45.82 -11.33
CA THR B 799 49.45 -46.19 -12.25
C THR B 799 50.01 -46.57 -13.61
N ARG B 800 49.13 -47.16 -14.42
CA ARG B 800 49.43 -47.50 -15.80
C ARG B 800 48.26 -47.06 -16.66
N LEU B 801 48.53 -46.16 -17.62
CA LEU B 801 47.48 -45.63 -18.46
C LEU B 801 47.00 -46.70 -19.45
N VAL B 802 45.73 -47.09 -19.33
CA VAL B 802 45.17 -48.15 -20.16
C VAL B 802 44.52 -47.55 -21.41
N LYS B 803 43.57 -46.65 -21.21
CA LYS B 803 42.81 -46.08 -22.31
C LYS B 803 42.63 -44.58 -22.09
N VAL B 804 42.54 -43.84 -23.19
CA VAL B 804 42.35 -42.39 -23.17
C VAL B 804 41.07 -42.10 -23.94
N GLN B 805 39.96 -41.95 -23.22
CA GLN B 805 38.67 -41.65 -23.84
C GLN B 805 38.57 -40.15 -24.05
N LEU B 806 38.86 -39.71 -25.27
CA LEU B 806 38.85 -38.29 -25.60
C LEU B 806 37.42 -37.80 -25.77
N SER B 807 37.11 -36.65 -25.17
CA SER B 807 35.82 -36.00 -25.32
C SER B 807 36.04 -34.50 -25.43
N ASN B 808 35.01 -33.80 -25.90
CA ASN B 808 35.13 -32.36 -26.10
C ASN B 808 34.98 -31.58 -24.80
N ASP B 809 34.25 -32.12 -23.84
CA ASP B 809 34.09 -31.44 -22.55
C ASP B 809 35.30 -31.66 -21.65
N PHE B 810 35.78 -32.90 -21.56
CA PHE B 810 36.96 -33.22 -20.77
C PHE B 810 37.50 -34.57 -21.21
N ASP B 811 38.81 -34.75 -21.01
CA ASP B 811 39.47 -36.00 -21.34
C ASP B 811 39.45 -36.92 -20.13
N GLU B 812 39.11 -38.19 -20.35
CA GLU B 812 39.08 -39.20 -19.30
C GLU B 812 40.27 -40.13 -19.48
N TYR B 813 41.09 -40.25 -18.44
CA TYR B 813 42.28 -41.09 -18.44
C TYR B 813 42.04 -42.26 -17.49
N ILE B 814 41.80 -43.44 -18.07
CA ILE B 814 41.55 -44.64 -17.28
C ILE B 814 42.89 -45.21 -16.81
N MET B 815 43.11 -45.21 -15.51
CA MET B 815 44.37 -45.65 -14.93
C MET B 815 44.17 -46.97 -14.21
N ALA B 816 45.08 -47.91 -14.44
CA ALA B 816 45.16 -49.12 -13.65
C ALA B 816 46.11 -48.87 -12.48
N ILE B 817 45.67 -49.17 -11.26
CA ILE B 817 46.45 -48.94 -10.07
C ILE B 817 47.52 -50.03 -9.99
N GLU B 818 48.73 -49.71 -10.45
CA GLU B 818 49.81 -50.69 -10.45
C GLU B 818 50.29 -50.99 -9.04
N GLN B 819 50.40 -49.97 -8.20
CA GLN B 819 50.83 -50.14 -6.82
C GLN B 819 50.16 -49.08 -5.96
N THR B 820 49.72 -49.50 -4.77
CA THR B 820 49.11 -48.57 -3.82
C THR B 820 50.19 -48.10 -2.86
N ILE B 821 50.87 -47.03 -3.25
CA ILE B 821 51.99 -46.53 -2.44
C ILE B 821 51.48 -45.98 -1.12
N LYS B 822 50.41 -45.19 -1.15
CA LYS B 822 49.74 -44.73 0.06
C LYS B 822 48.24 -44.75 -0.19
N SER B 823 47.55 -45.69 0.45
CA SER B 823 46.11 -45.81 0.29
C SER B 823 45.41 -44.64 0.98
N GLY B 824 44.44 -44.05 0.30
CA GLY B 824 43.69 -42.94 0.82
C GLY B 824 42.34 -43.35 1.34
N SER B 825 41.38 -42.42 1.26
CA SER B 825 40.01 -42.71 1.70
C SER B 825 39.26 -43.57 0.70
N ASP B 826 39.86 -43.92 -0.43
CA ASP B 826 39.25 -44.77 -1.44
C ASP B 826 39.93 -46.13 -1.43
N GLU B 827 39.17 -47.17 -1.07
CA GLU B 827 39.70 -48.53 -1.00
C GLU B 827 39.79 -49.08 -2.42
N VAL B 828 40.96 -48.93 -3.03
CA VAL B 828 41.23 -49.44 -4.36
C VAL B 828 42.32 -50.51 -4.26
N GLN B 829 42.14 -51.59 -5.00
CA GLN B 829 43.06 -52.72 -4.97
C GLN B 829 43.91 -52.75 -6.23
N VAL B 830 45.05 -53.42 -6.13
CA VAL B 830 45.95 -53.54 -7.28
C VAL B 830 45.22 -54.29 -8.39
N GLY B 831 45.28 -53.73 -9.59
CA GLY B 831 44.60 -54.28 -10.74
C GLY B 831 43.31 -53.59 -11.10
N GLN B 832 42.67 -52.90 -10.14
CA GLN B 832 41.45 -52.18 -10.43
C GLN B 832 41.76 -50.91 -11.21
N GLN B 833 40.71 -50.30 -11.75
CA GLN B 833 40.82 -49.10 -12.57
C GLN B 833 40.08 -47.95 -11.92
N ARG B 834 40.66 -46.75 -12.05
CA ARG B 834 40.02 -45.51 -11.63
C ARG B 834 40.18 -44.50 -12.76
N THR B 835 39.15 -43.69 -12.99
CA THR B 835 39.18 -42.69 -14.05
C THR B 835 39.71 -41.37 -13.50
N PHE B 836 40.70 -40.81 -14.20
CA PHE B 836 41.26 -39.50 -13.88
C PHE B 836 40.81 -38.50 -14.94
N ILE B 837 40.13 -37.45 -14.50
CA ILE B 837 39.51 -36.47 -15.40
C ILE B 837 40.35 -35.21 -15.42
N SER B 838 40.46 -34.59 -16.60
CA SER B 838 41.18 -33.34 -16.79
C SER B 838 40.54 -32.62 -17.98
N PRO B 839 40.40 -31.30 -17.92
CA PRO B 839 39.82 -30.57 -19.06
C PRO B 839 40.71 -30.66 -20.29
N ILE B 840 40.10 -30.44 -21.45
CA ILE B 840 40.78 -30.65 -22.72
C ILE B 840 41.94 -29.66 -22.91
N LYS B 841 41.93 -28.53 -22.21
CA LYS B 841 43.03 -27.59 -22.32
C LYS B 841 44.34 -28.16 -21.77
N CYS B 842 44.26 -29.19 -20.93
CA CYS B 842 45.43 -29.82 -20.34
C CYS B 842 45.90 -31.05 -21.11
N ARG B 843 45.25 -31.36 -22.25
CA ARG B 843 45.62 -32.54 -23.01
C ARG B 843 47.03 -32.43 -23.56
N GLU B 844 47.41 -31.24 -24.03
CA GLU B 844 48.77 -31.03 -24.52
C GLU B 844 49.75 -30.75 -23.40
N ALA B 845 49.27 -30.34 -22.23
CA ALA B 845 50.18 -30.05 -21.12
C ALA B 845 50.57 -31.31 -20.36
N LEU B 846 49.64 -32.27 -20.24
CA LEU B 846 49.92 -33.50 -19.51
C LEU B 846 50.78 -34.46 -20.33
N LYS B 847 50.51 -34.56 -21.63
CA LYS B 847 51.28 -35.43 -22.53
C LYS B 847 51.25 -36.88 -22.05
N LEU B 848 50.05 -37.36 -21.73
CA LEU B 848 49.90 -38.73 -21.24
C LEU B 848 49.86 -39.71 -22.41
N GLU B 849 50.59 -40.80 -22.28
CA GLU B 849 50.67 -41.84 -23.30
C GLU B 849 50.15 -43.15 -22.75
N GLU B 850 49.44 -43.90 -23.58
CA GLU B 850 48.88 -45.17 -23.16
C GLU B 850 49.99 -46.20 -22.92
N LYS B 851 49.75 -47.10 -21.97
CA LYS B 851 50.66 -48.15 -21.54
C LYS B 851 51.91 -47.62 -20.86
N LYS B 852 51.96 -46.32 -20.57
CA LYS B 852 53.04 -45.75 -19.77
C LYS B 852 52.64 -45.73 -18.29
N HIS B 853 53.64 -45.62 -17.43
CA HIS B 853 53.42 -45.61 -16.00
C HIS B 853 53.67 -44.21 -15.44
N TYR B 854 52.94 -43.89 -14.37
CA TYR B 854 53.02 -42.56 -13.78
C TYR B 854 52.96 -42.65 -12.27
N LEU B 855 53.66 -41.73 -11.60
CA LEU B 855 53.49 -41.51 -10.17
C LEU B 855 52.48 -40.40 -9.97
N MET B 856 51.43 -40.67 -9.20
CA MET B 856 50.32 -39.74 -9.04
C MET B 856 49.96 -39.61 -7.57
N TRP B 857 49.81 -38.37 -7.10
CA TRP B 857 49.21 -38.12 -5.81
C TRP B 857 48.36 -36.85 -5.90
N GLY B 858 47.42 -36.73 -4.97
CA GLY B 858 46.51 -35.60 -4.99
C GLY B 858 45.75 -35.49 -3.70
N LEU B 859 44.83 -34.53 -3.67
CA LEU B 859 44.03 -34.26 -2.49
C LEU B 859 42.73 -35.06 -2.51
N SER B 860 42.17 -35.27 -1.31
CA SER B 860 40.86 -35.89 -1.22
C SER B 860 39.77 -34.95 -1.72
N SER B 861 40.06 -33.67 -1.86
CA SER B 861 39.11 -32.73 -2.44
C SER B 861 38.98 -32.90 -3.95
N ASP B 862 39.79 -33.76 -4.56
CA ASP B 862 39.70 -34.03 -5.99
C ASP B 862 38.88 -35.26 -6.32
N PHE B 863 38.33 -35.93 -5.31
CA PHE B 863 37.34 -36.98 -5.57
C PHE B 863 36.11 -36.38 -6.22
N TRP B 864 35.38 -37.20 -6.98
CA TRP B 864 34.28 -36.67 -7.75
C TRP B 864 32.98 -37.42 -7.49
N GLY B 865 32.81 -38.60 -8.09
CA GLY B 865 31.55 -39.31 -8.00
C GLY B 865 31.27 -39.93 -6.65
N GLU B 866 30.38 -40.92 -6.62
CA GLU B 866 30.09 -41.67 -5.41
C GLU B 866 31.13 -42.76 -5.20
N LYS B 867 31.10 -43.38 -4.02
CA LYS B 867 32.11 -44.38 -3.70
C LYS B 867 32.12 -45.57 -4.66
N PRO B 868 30.98 -46.15 -5.06
CA PRO B 868 31.06 -47.26 -6.03
C PRO B 868 31.61 -46.85 -7.39
N ASN B 869 31.42 -45.59 -7.79
CA ASN B 869 31.91 -45.10 -9.08
C ASN B 869 32.71 -43.80 -8.85
N LEU B 870 33.79 -43.92 -8.10
CA LEU B 870 34.57 -42.75 -7.70
C LEU B 870 35.55 -42.37 -8.79
N SER B 871 35.50 -41.10 -9.21
CA SER B 871 36.40 -40.57 -10.21
C SER B 871 37.38 -39.60 -9.56
N TYR B 872 38.57 -39.51 -10.14
CA TYR B 872 39.60 -38.60 -9.70
C TYR B 872 39.70 -37.44 -10.68
N ILE B 873 39.92 -36.24 -10.15
CA ILE B 873 40.10 -35.03 -10.93
C ILE B 873 41.56 -34.63 -10.85
N ILE B 874 42.15 -34.28 -11.99
CA ILE B 874 43.53 -33.82 -12.07
C ILE B 874 43.52 -32.30 -11.96
N GLY B 875 43.69 -31.79 -10.75
CA GLY B 875 43.66 -30.37 -10.49
C GLY B 875 45.04 -29.78 -10.23
N LYS B 876 45.04 -28.53 -9.77
CA LYS B 876 46.29 -27.81 -9.51
C LYS B 876 47.12 -28.44 -8.40
N ASP B 877 46.53 -29.29 -7.57
CA ASP B 877 47.24 -29.95 -6.49
C ASP B 877 47.49 -31.43 -6.78
N THR B 878 47.31 -31.86 -8.02
CA THR B 878 47.55 -33.24 -8.42
C THR B 878 48.95 -33.37 -9.01
N TRP B 879 49.74 -34.30 -8.48
CA TRP B 879 51.09 -34.57 -8.97
C TRP B 879 51.01 -35.65 -10.04
N VAL B 880 51.54 -35.35 -11.23
CA VAL B 880 51.59 -36.32 -12.33
C VAL B 880 53.01 -36.33 -12.86
N GLU B 881 53.72 -37.43 -12.62
CA GLU B 881 55.11 -37.56 -13.03
C GLU B 881 55.30 -38.85 -13.82
N HIS B 882 56.06 -38.76 -14.91
CA HIS B 882 56.30 -39.93 -15.75
C HIS B 882 57.20 -40.93 -15.02
N TRP B 883 56.79 -42.20 -15.03
CA TRP B 883 57.56 -43.27 -14.40
C TRP B 883 58.20 -44.13 -15.48
N PRO B 884 59.49 -43.97 -15.76
CA PRO B 884 60.12 -44.76 -16.82
C PRO B 884 60.21 -46.23 -16.44
N GLU B 885 60.13 -47.08 -17.46
CA GLU B 885 60.14 -48.52 -17.25
C GLU B 885 61.50 -48.99 -16.72
N GLU B 886 61.52 -50.21 -16.21
CA GLU B 886 62.73 -50.75 -15.60
C GLU B 886 63.90 -50.76 -16.58
N ASP B 887 63.63 -51.13 -17.83
CA ASP B 887 64.69 -51.11 -18.83
C ASP B 887 65.09 -49.69 -19.21
N GLU B 888 64.15 -48.75 -19.16
CA GLU B 888 64.45 -47.36 -19.48
C GLU B 888 65.44 -46.75 -18.50
N CYS B 889 65.54 -47.30 -17.29
CA CYS B 889 66.44 -46.75 -16.28
C CYS B 889 67.90 -47.00 -16.60
N GLN B 890 68.20 -47.85 -17.58
CA GLN B 890 69.60 -48.10 -17.95
C GLN B 890 70.25 -46.91 -18.65
N ASP B 891 69.47 -45.89 -19.02
CA ASP B 891 70.03 -44.68 -19.59
C ASP B 891 70.54 -43.77 -18.48
N GLU B 892 71.55 -42.96 -18.82
CA GLU B 892 72.13 -42.06 -17.83
C GLU B 892 71.22 -40.88 -17.52
N GLU B 893 70.32 -40.53 -18.43
CA GLU B 893 69.40 -39.43 -18.18
C GLU B 893 68.34 -39.82 -17.16
N ASN B 894 67.82 -41.04 -17.25
CA ASN B 894 66.80 -41.50 -16.33
C ASN B 894 67.38 -42.05 -15.02
N GLN B 895 68.70 -42.09 -14.89
CA GLN B 895 69.30 -42.66 -13.68
C GLN B 895 68.89 -41.86 -12.44
N LYS B 896 68.89 -40.54 -12.55
CA LYS B 896 68.52 -39.71 -11.40
C LYS B 896 67.06 -39.94 -11.00
N GLN B 897 66.15 -39.98 -11.97
CA GLN B 897 64.74 -40.11 -11.65
C GLN B 897 64.42 -41.50 -11.10
N CYS B 898 65.00 -42.54 -11.70
CA CYS B 898 64.74 -43.90 -11.24
C CYS B 898 65.28 -44.13 -9.84
N GLN B 899 66.42 -43.51 -9.49
CA GLN B 899 66.92 -43.63 -8.13
C GLN B 899 66.00 -42.94 -7.13
N ASP B 900 65.30 -41.89 -7.56
CA ASP B 900 64.36 -41.21 -6.68
C ASP B 900 63.06 -42.00 -6.54
N LEU B 901 62.48 -42.42 -7.68
CA LEU B 901 61.20 -43.12 -7.65
C LEU B 901 61.32 -44.46 -6.92
N GLY B 902 62.37 -45.22 -7.24
CA GLY B 902 62.57 -46.48 -6.55
C GLY B 902 62.79 -46.31 -5.06
N ALA B 903 63.47 -45.24 -4.67
CA ALA B 903 63.66 -44.94 -3.25
C ALA B 903 62.40 -44.36 -2.64
N PHE B 904 61.68 -43.52 -3.40
CA PHE B 904 60.43 -42.95 -2.89
C PHE B 904 59.44 -44.05 -2.51
N THR B 905 59.37 -45.11 -3.30
CA THR B 905 58.42 -46.19 -3.03
C THR B 905 58.85 -46.99 -1.79
N GLU B 906 60.12 -47.36 -1.71
CA GLU B 906 60.59 -48.14 -0.55
C GLU B 906 60.49 -47.35 0.74
N SER B 907 60.59 -46.02 0.67
CA SER B 907 60.51 -45.21 1.88
C SER B 907 59.07 -45.03 2.36
N MET B 908 58.11 -45.02 1.44
CA MET B 908 56.71 -44.85 1.78
C MET B 908 56.04 -46.17 2.15
N VAL B 909 56.36 -47.24 1.43
CA VAL B 909 55.66 -48.52 1.63
C VAL B 909 56.16 -49.22 2.89
N VAL B 910 57.47 -49.24 3.11
CA VAL B 910 58.04 -50.02 4.21
C VAL B 910 58.06 -49.24 5.52
N PHE B 911 58.17 -47.91 5.47
CA PHE B 911 58.35 -47.12 6.68
C PHE B 911 57.28 -46.04 6.87
N GLY B 912 56.45 -45.77 5.88
CA GLY B 912 55.39 -44.81 6.04
C GLY B 912 55.90 -43.38 6.24
N CYS B 913 54.96 -42.52 6.64
CA CYS B 913 55.23 -41.11 6.84
C CYS B 913 55.24 -40.79 8.33
N PRO B 914 56.37 -40.39 8.89
CA PRO B 914 56.37 -39.93 10.28
C PRO B 914 55.71 -38.55 10.39
N ASN B 915 54.85 -38.42 11.40
CA ASN B 915 54.08 -37.19 11.63
C ASN B 915 53.28 -36.81 10.38
N GLN C 2 35.86 23.20 5.77
CA GLN C 2 37.12 23.13 5.02
C GLN C 2 38.25 22.62 5.90
N VAL C 3 39.48 22.82 5.46
CA VAL C 3 40.66 22.35 6.19
C VAL C 3 41.83 23.26 5.85
N GLN C 4 42.60 23.63 6.88
CA GLN C 4 43.84 24.36 6.70
C GLN C 4 44.99 23.56 7.31
N LEU C 5 46.21 23.98 7.00
CA LEU C 5 47.40 23.22 7.37
C LEU C 5 48.41 24.13 8.04
N VAL C 6 49.27 23.51 8.85
CA VAL C 6 50.36 24.21 9.55
C VAL C 6 51.63 23.40 9.36
N GLU C 7 52.66 24.04 8.81
CA GLU C 7 53.94 23.40 8.56
C GLU C 7 54.91 23.69 9.69
N THR C 8 55.59 22.64 10.18
CA THR C 8 56.64 22.78 11.18
C THR C 8 57.82 21.92 10.76
N GLY C 9 58.85 21.90 11.61
CA GLY C 9 60.02 21.07 11.37
C GLY C 9 61.13 21.75 10.58
N GLY C 10 60.88 22.94 10.03
CA GLY C 10 61.91 23.63 9.28
C GLY C 10 62.97 24.22 10.19
N GLY C 11 63.85 25.00 9.57
CA GLY C 11 64.91 25.67 10.29
C GLY C 11 66.14 25.81 9.42
N LEU C 12 67.28 26.02 10.08
CA LEU C 12 68.56 26.15 9.41
C LEU C 12 69.37 24.87 9.60
N VAL C 13 69.97 24.40 8.50
CA VAL C 13 70.78 23.18 8.51
C VAL C 13 71.99 23.39 7.62
N GLN C 14 72.93 22.44 7.71
CA GLN C 14 74.16 22.49 6.94
C GLN C 14 73.92 21.88 5.56
N ALA C 15 74.98 21.86 4.74
CA ALA C 15 74.84 21.46 3.34
C ALA C 15 74.58 19.97 3.21
N GLY C 16 75.28 19.15 4.00
CA GLY C 16 75.22 17.72 3.78
C GLY C 16 74.17 16.98 4.59
N GLY C 17 73.63 17.61 5.63
CA GLY C 17 72.82 16.91 6.60
C GLY C 17 71.42 16.55 6.18
N SER C 18 70.47 16.61 7.12
CA SER C 18 69.12 16.18 6.86
C SER C 18 68.18 16.81 7.88
N LEU C 19 66.89 16.79 7.55
CA LEU C 19 65.83 17.19 8.49
C LEU C 19 64.46 16.81 7.92
N ARG C 20 63.47 16.52 8.77
CA ARG C 20 62.15 16.15 8.29
C ARG C 20 61.13 17.22 8.67
N LEU C 21 60.20 17.50 7.76
CA LEU C 21 59.19 18.51 7.98
C LEU C 21 57.85 17.85 8.28
N SER C 22 57.19 18.29 9.34
CA SER C 22 55.93 17.73 9.77
C SER C 22 54.79 18.68 9.41
N CYS C 23 53.75 18.16 8.78
CA CYS C 23 52.59 18.94 8.36
C CYS C 23 51.39 18.51 9.20
N ALA C 24 50.81 19.46 9.93
CA ALA C 24 49.66 19.20 10.78
C ALA C 24 48.39 19.64 10.08
N ALA C 25 47.37 18.80 10.13
CA ALA C 25 46.11 19.06 9.47
C ALA C 25 45.05 19.51 10.48
N SER C 26 44.12 20.34 10.00
CA SER C 26 43.04 20.83 10.85
C SER C 26 42.00 19.74 11.12
N GLY C 27 41.41 19.19 10.04
CA GLY C 27 40.43 18.13 10.16
C GLY C 27 41.02 16.77 9.81
N SER C 28 40.14 15.77 9.82
CA SER C 28 40.56 14.40 9.53
C SER C 28 41.07 14.30 8.09
N ILE C 29 42.36 13.98 7.96
CA ILE C 29 43.00 13.86 6.65
C ILE C 29 42.54 12.62 5.90
N PHE C 30 41.86 11.70 6.58
CA PHE C 30 41.32 10.52 5.91
C PHE C 30 40.35 10.94 4.81
N SER C 31 40.23 10.10 3.79
CA SER C 31 39.42 10.30 2.60
C SER C 31 39.96 11.39 1.68
N LEU C 32 41.10 12.00 2.02
CA LEU C 32 41.76 12.96 1.14
C LEU C 32 42.79 12.21 0.30
N ASN C 33 42.56 12.18 -1.01
CA ASN C 33 43.32 11.28 -1.86
C ASN C 33 44.78 11.70 -2.00
N ALA C 34 45.03 12.99 -2.16
CA ALA C 34 46.37 13.49 -2.46
C ALA C 34 46.85 14.40 -1.34
N MET C 35 48.07 14.15 -0.88
CA MET C 35 48.77 15.03 0.06
C MET C 35 50.15 15.28 -0.52
N GLY C 36 50.40 16.53 -0.91
CA GLY C 36 51.62 16.87 -1.63
C GLY C 36 52.44 17.93 -0.92
N TRP C 37 53.74 17.91 -1.17
CA TRP C 37 54.66 18.93 -0.70
C TRP C 37 55.15 19.75 -1.89
N PHE C 38 55.16 21.06 -1.74
CA PHE C 38 55.64 21.98 -2.77
C PHE C 38 56.64 22.94 -2.16
N ARG C 39 57.56 23.42 -2.99
CA ARG C 39 58.58 24.36 -2.53
C ARG C 39 58.74 25.49 -3.54
N GLN C 40 59.21 26.64 -3.05
CA GLN C 40 59.44 27.81 -3.89
C GLN C 40 60.75 28.44 -3.45
N ALA C 41 61.78 28.31 -4.30
CA ALA C 41 63.08 28.89 -4.00
C ALA C 41 63.07 30.39 -4.28
N PRO C 42 63.91 31.15 -3.59
CA PRO C 42 63.99 32.60 -3.88
C PRO C 42 64.44 32.85 -5.31
N GLY C 43 63.66 33.64 -6.03
CA GLY C 43 63.93 33.93 -7.42
C GLY C 43 63.40 32.91 -8.41
N LYS C 44 62.81 31.82 -7.93
CA LYS C 44 62.28 30.75 -8.76
C LYS C 44 60.78 30.63 -8.56
N GLU C 45 60.16 29.73 -9.32
CA GLU C 45 58.73 29.48 -9.21
C GLU C 45 58.47 28.29 -8.29
N ARG C 46 57.23 28.21 -7.82
CA ARG C 46 56.81 27.10 -6.97
C ARG C 46 56.81 25.81 -7.80
N GLU C 47 57.55 24.81 -7.33
CA GLU C 47 57.72 23.58 -8.07
C GLU C 47 57.22 22.40 -7.25
N PHE C 48 56.99 21.28 -7.94
CA PHE C 48 56.49 20.07 -7.31
C PHE C 48 57.62 19.30 -6.65
N VAL C 49 57.32 18.72 -5.48
CA VAL C 49 58.30 17.93 -4.72
C VAL C 49 57.85 16.48 -4.66
N ALA C 50 56.78 16.20 -3.91
CA ALA C 50 56.36 14.83 -3.68
C ALA C 50 54.88 14.78 -3.35
N THR C 51 54.20 13.74 -3.82
CA THR C 51 52.83 13.43 -3.45
C THR C 51 52.78 12.02 -2.86
N ILE C 52 51.77 11.78 -2.03
CA ILE C 52 51.56 10.47 -1.45
C ILE C 52 50.10 10.06 -1.63
N ASN C 53 49.87 8.76 -1.77
CA ASN C 53 48.54 8.21 -1.93
C ASN C 53 47.71 8.47 -0.67
N ARG C 54 46.41 8.18 -0.77
CA ARG C 54 45.54 8.29 0.40
C ARG C 54 45.94 7.29 1.48
N SER C 55 46.19 6.04 1.08
CA SER C 55 46.66 5.01 2.00
C SER C 55 48.17 4.98 2.13
N GLY C 56 48.90 5.73 1.31
CA GLY C 56 50.34 5.77 1.36
C GLY C 56 51.04 4.75 0.49
N GLY C 57 50.30 3.96 -0.29
CA GLY C 57 50.91 2.92 -1.10
C GLY C 57 51.48 3.40 -2.42
N ARG C 58 51.16 4.62 -2.83
CA ARG C 58 51.67 5.20 -4.07
C ARG C 58 52.25 6.57 -3.80
N THR C 59 53.39 6.86 -4.42
CA THR C 59 54.03 8.16 -4.29
C THR C 59 54.54 8.61 -5.66
N TYR C 60 54.84 9.91 -5.75
CA TYR C 60 55.49 10.48 -6.92
C TYR C 60 56.48 11.53 -6.45
N TYR C 61 57.66 11.55 -7.05
CA TYR C 61 58.70 12.50 -6.69
C TYR C 61 59.19 13.23 -7.93
N ALA C 62 59.71 14.43 -7.71
CA ALA C 62 60.34 15.18 -8.79
C ALA C 62 61.74 14.65 -9.06
N ASP C 63 62.18 14.78 -10.32
CA ASP C 63 63.46 14.21 -10.72
C ASP C 63 64.63 14.81 -9.95
N SER C 64 64.51 16.08 -9.53
CA SER C 64 65.61 16.72 -8.82
C SER C 64 65.81 16.15 -7.43
N VAL C 65 64.75 15.63 -6.82
CA VAL C 65 64.83 15.09 -5.45
C VAL C 65 64.36 13.64 -5.47
N LYS C 66 64.58 12.96 -6.58
CA LYS C 66 63.94 11.67 -6.82
C LYS C 66 64.37 10.63 -5.78
N GLY C 67 65.67 10.46 -5.60
CA GLY C 67 66.15 9.44 -4.68
C GLY C 67 66.68 9.98 -3.37
N ARG C 68 66.30 11.21 -3.03
CA ARG C 68 66.81 11.85 -1.82
C ARG C 68 65.73 12.20 -0.81
N PHE C 69 64.48 12.35 -1.21
CA PHE C 69 63.38 12.66 -0.30
C PHE C 69 62.44 11.47 -0.20
N THR C 70 61.74 11.38 0.93
CA THR C 70 60.79 10.29 1.19
C THR C 70 59.57 10.86 1.89
N ILE C 71 58.42 10.80 1.21
CA ILE C 71 57.18 11.33 1.76
C ILE C 71 56.40 10.21 2.45
N SER C 72 55.80 10.54 3.59
CA SER C 72 55.02 9.59 4.37
C SER C 72 53.88 10.33 5.04
N ARG C 73 52.85 9.58 5.40
CA ARG C 73 51.67 10.16 6.05
C ARG C 73 51.14 9.20 7.09
N ASP C 74 50.48 9.76 8.10
CA ASP C 74 49.81 8.99 9.15
C ASP C 74 48.36 9.46 9.19
N ASN C 75 47.46 8.67 8.60
CA ASN C 75 46.06 9.08 8.51
C ASN C 75 45.40 9.08 9.88
N GLY C 76 45.90 8.26 10.82
CA GLY C 76 45.34 8.26 12.16
C GLY C 76 45.72 9.46 12.99
N LYS C 77 46.86 10.08 12.69
CA LYS C 77 47.32 11.26 13.42
C LYS C 77 47.07 12.56 12.67
N ASN C 78 46.50 12.50 11.47
CA ASN C 78 46.28 13.66 10.62
C ASN C 78 47.60 14.41 10.38
N MET C 79 48.62 13.67 9.94
CA MET C 79 49.96 14.20 9.77
C MET C 79 50.53 13.78 8.44
N VAL C 80 51.33 14.66 7.85
CA VAL C 80 52.12 14.38 6.65
C VAL C 80 53.56 14.76 6.95
N TYR C 81 54.50 13.97 6.43
CA TYR C 81 55.91 14.20 6.68
C TYR C 81 56.68 14.20 5.36
N LEU C 82 57.88 14.79 5.40
CA LEU C 82 58.76 14.82 4.23
C LEU C 82 60.20 14.73 4.75
N GLN C 83 60.72 13.51 4.80
CA GLN C 83 62.08 13.28 5.26
C GLN C 83 63.06 13.67 4.15
N MET C 84 63.90 14.67 4.44
CA MET C 84 64.84 15.22 3.46
C MET C 84 66.24 14.73 3.83
N HIS C 85 66.82 13.90 2.97
CA HIS C 85 68.17 13.39 3.16
C HIS C 85 69.08 13.87 2.05
N SER C 86 70.39 13.90 2.34
CA SER C 86 71.43 14.28 1.39
C SER C 86 71.11 15.62 0.74
N LEU C 87 71.04 16.65 1.57
CA LEU C 87 70.61 17.96 1.11
C LEU C 87 71.63 18.57 0.15
N LYS C 88 71.14 19.49 -0.67
CA LYS C 88 71.93 20.25 -1.63
C LYS C 88 71.61 21.73 -1.47
N PRO C 89 72.59 22.61 -1.74
CA PRO C 89 72.32 24.06 -1.60
C PRO C 89 71.24 24.57 -2.54
N GLU C 90 70.86 23.80 -3.55
CA GLU C 90 69.78 24.18 -4.46
C GLU C 90 68.40 23.83 -3.92
N ASP C 91 68.32 23.28 -2.70
CA ASP C 91 67.05 22.92 -2.09
C ASP C 91 66.53 23.98 -1.13
N THR C 92 67.23 25.11 -1.00
CA THR C 92 66.78 26.19 -0.13
C THR C 92 65.51 26.82 -0.70
N ALA C 93 64.41 26.71 0.04
CA ALA C 93 63.12 27.15 -0.44
C ALA C 93 62.14 27.18 0.73
N ILE C 94 61.00 27.82 0.50
CA ILE C 94 59.87 27.75 1.41
C ILE C 94 59.06 26.52 1.04
N TYR C 95 58.87 25.62 2.00
CA TYR C 95 58.19 24.36 1.75
C TYR C 95 56.73 24.45 2.18
N TYR C 96 55.82 24.18 1.23
CA TYR C 96 54.39 24.29 1.46
C TYR C 96 53.74 22.91 1.49
N CYS C 97 52.83 22.71 2.42
CA CYS C 97 52.02 21.52 2.53
C CYS C 97 50.64 21.81 1.99
N ALA C 98 50.12 20.93 1.13
CA ALA C 98 48.87 21.20 0.44
C ALA C 98 47.99 19.95 0.40
N ALA C 99 46.68 20.17 0.51
CA ALA C 99 45.69 19.12 0.37
C ALA C 99 45.17 19.10 -1.06
N GLY C 100 44.96 17.89 -1.60
CA GLY C 100 44.58 17.73 -2.97
C GLY C 100 43.34 16.86 -3.11
N THR C 101 42.94 16.66 -4.37
CA THR C 101 41.78 15.85 -4.72
C THR C 101 42.16 14.47 -5.23
N GLY C 102 43.44 14.23 -5.53
CA GLY C 102 43.89 13.01 -6.13
C GLY C 102 44.14 13.11 -7.62
N TRP C 103 43.39 13.96 -8.31
CA TRP C 103 43.60 14.14 -9.75
C TRP C 103 44.88 14.92 -10.01
N SER C 104 45.63 14.47 -11.01
CA SER C 104 46.91 15.05 -11.42
C SER C 104 47.73 15.46 -10.20
N PRO C 105 48.17 14.51 -9.37
CA PRO C 105 48.80 14.88 -8.10
C PRO C 105 50.16 15.56 -8.25
N GLN C 106 50.73 15.60 -9.45
CA GLN C 106 52.04 16.22 -9.66
C GLN C 106 51.93 17.68 -10.10
N THR C 107 50.73 18.24 -10.16
CA THR C 107 50.53 19.65 -10.47
C THR C 107 49.77 20.33 -9.34
N ASP C 108 49.97 21.64 -9.21
CA ASP C 108 49.35 22.42 -8.15
C ASP C 108 47.92 22.84 -8.46
N ASN C 109 47.43 22.56 -9.67
CA ASN C 109 46.11 23.01 -10.08
C ASN C 109 44.98 22.20 -9.47
N GLU C 110 45.28 21.09 -8.80
CA GLU C 110 44.28 20.27 -8.15
C GLU C 110 44.42 20.28 -6.63
N TYR C 111 45.01 21.34 -6.09
CA TYR C 111 45.16 21.52 -4.65
C TYR C 111 44.45 22.82 -4.25
N ASN C 112 43.41 22.70 -3.44
CA ASN C 112 42.59 23.84 -3.07
C ASN C 112 42.84 24.33 -1.65
N TYR C 113 43.58 23.58 -0.84
CA TYR C 113 43.85 23.95 0.54
C TYR C 113 45.35 23.90 0.78
N TRP C 114 45.95 25.07 0.98
CA TRP C 114 47.39 25.21 1.17
C TRP C 114 47.69 25.66 2.59
N GLY C 115 48.98 25.59 2.94
CA GLY C 115 49.44 25.93 4.27
C GLY C 115 50.27 27.21 4.29
N GLN C 116 50.69 27.56 5.51
CA GLN C 116 51.49 28.77 5.69
C GLN C 116 52.86 28.65 5.03
N GLY C 117 53.45 27.46 5.09
CA GLY C 117 54.80 27.25 4.59
C GLY C 117 55.84 27.41 5.68
N THR C 118 57.00 26.80 5.45
CA THR C 118 58.12 26.86 6.39
C THR C 118 59.42 27.01 5.62
N GLN C 119 60.35 27.74 6.21
CA GLN C 119 61.64 28.02 5.58
C GLN C 119 62.65 26.94 5.92
N VAL C 120 63.28 26.38 4.91
CA VAL C 120 64.32 25.37 5.06
C VAL C 120 65.54 25.91 4.33
N THR C 121 66.51 26.43 5.08
CA THR C 121 67.71 27.03 4.51
C THR C 121 68.86 26.04 4.64
N VAL C 122 69.37 25.56 3.50
CA VAL C 122 70.51 24.68 3.45
C VAL C 122 71.69 25.51 2.94
N SER C 123 72.56 25.92 3.84
CA SER C 123 73.67 26.79 3.48
C SER C 123 74.84 25.99 2.95
N SER C 124 75.57 26.58 2.01
CA SER C 124 76.77 25.96 1.47
C SER C 124 77.91 25.94 2.48
N HIS C 125 77.78 26.65 3.60
CA HIS C 125 78.79 26.66 4.64
C HIS C 125 78.57 25.52 5.63
#